data_5O87
#
_entry.id   5O87
#
_cell.length_a   210.781
_cell.length_b   131.999
_cell.length_c   130.655
_cell.angle_alpha   90.00
_cell.angle_beta   103.15
_cell.angle_gamma   90.00
#
_symmetry.space_group_name_H-M   'C 1 2 1'
#
loop_
_entity.id
_entity.type
_entity.pdbx_description
1 polymer 'Soluble acetylcholine receptor'
2 non-polymer (S)-3-(1-METHYLPYRROLIDIN-2-YL)PYRIDINE
3 non-polymer 2-acetamido-2-deoxy-beta-D-glucopyranose
4 non-polymer 1,2-ETHANEDIOL
5 non-polymer 'PHOSPHATE ION'
6 non-polymer 'ISOPROPYL ALCOHOL'
7 water water
#
_entity_poly.entity_id   1
_entity_poly.type   'polypeptide(L)'
_entity_poly.pdbx_seq_one_letter_code
;MLVSVYLALLVACVGQAHSQANLMRLKSDLFNRSPMYPGPTKDDPLTVTLGFTLQDIVKVDSSTNEVDLVYYEQQRWKLN
SLMWDPNEYGNITDFRTSAADIWTPDITAYSSTRPVQVLSPQIAVVTHDGSVMFIPAQRLSFMCDPTGVDSEEGVTCAVK
FGSWVYSGFEIDLKTDTDQVDLSSYYASSKYEILSATQTRQVQHYSCCPEPYIDVNLVVKFRERRAGNGFFRNLFDENLY
FQGHHHHHH
;
_entity_poly.pdbx_strand_id   A,B,C,D,E,F,G,H,I,J
#
# COMPACT_ATOMS: atom_id res chain seq x y z
N GLN A 20 -4.25 -27.28 6.36
CA GLN A 20 -4.05 -25.82 6.55
C GLN A 20 -4.22 -25.11 5.20
N ALA A 21 -3.59 -25.67 4.16
CA ALA A 21 -3.55 -25.07 2.82
C ALA A 21 -4.92 -24.78 2.22
N ASN A 22 -5.80 -25.76 2.26
CA ASN A 22 -7.14 -25.60 1.71
C ASN A 22 -7.96 -24.59 2.51
N LEU A 23 -7.84 -24.61 3.85
CA LEU A 23 -8.57 -23.65 4.68
C LEU A 23 -8.08 -22.22 4.43
N MET A 24 -6.76 -22.04 4.35
CA MET A 24 -6.18 -20.73 4.05
C MET A 24 -6.71 -20.18 2.75
N ARG A 25 -6.82 -21.07 1.76
CA ARG A 25 -7.33 -20.71 0.46
C ARG A 25 -8.81 -20.32 0.54
N LEU A 26 -9.59 -21.13 1.27
CA LEU A 26 -11.01 -20.84 1.46
C LEU A 26 -11.23 -19.49 2.15
N LYS A 27 -10.47 -19.22 3.21
CA LYS A 27 -10.64 -17.98 3.95
C LYS A 27 -10.26 -16.77 3.10
N SER A 28 -9.16 -16.89 2.36
CA SER A 28 -8.75 -15.85 1.42
C SER A 28 -9.83 -15.56 0.36
N ASP A 29 -10.42 -16.61 -0.20
CA ASP A 29 -11.50 -16.44 -1.17
C ASP A 29 -12.77 -15.82 -0.57
N LEU A 30 -13.16 -16.22 0.64
CA LEU A 30 -14.36 -15.67 1.28
C LEU A 30 -14.18 -14.22 1.73
N PHE A 31 -13.00 -13.87 2.25
CA PHE A 31 -12.82 -12.61 2.97
C PHE A 31 -11.96 -11.54 2.31
N ASN A 32 -11.00 -11.93 1.46
CA ASN A 32 -10.05 -10.95 0.88
C ASN A 32 -10.37 -10.46 -0.52
N ARG A 33 -11.45 -10.95 -1.14
CA ARG A 33 -11.80 -10.57 -2.52
C ARG A 33 -12.88 -9.48 -2.63
N SER A 34 -13.99 -9.66 -1.91
CA SER A 34 -15.10 -8.70 -1.93
C SER A 34 -14.96 -7.72 -0.76
N PRO A 35 -15.70 -6.59 -0.80
CA PRO A 35 -15.86 -5.83 0.44
C PRO A 35 -16.65 -6.63 1.47
N MET A 36 -16.55 -6.26 2.74
CA MET A 36 -17.26 -7.00 3.78
C MET A 36 -18.77 -6.85 3.55
N TYR A 37 -19.51 -7.89 3.94
CA TYR A 37 -20.94 -7.88 3.90
C TYR A 37 -21.41 -6.64 4.67
N PRO A 38 -22.23 -5.78 4.04
CA PRO A 38 -22.65 -4.51 4.66
C PRO A 38 -23.87 -4.62 5.58
N GLY A 39 -24.30 -5.84 5.88
CA GLY A 39 -25.44 -6.07 6.76
C GLY A 39 -26.69 -6.22 5.93
N PRO A 40 -27.79 -6.64 6.58
CA PRO A 40 -29.03 -6.85 5.84
C PRO A 40 -29.72 -5.57 5.42
N THR A 41 -30.60 -5.73 4.44
CA THR A 41 -31.38 -4.63 3.86
C THR A 41 -32.80 -5.12 3.66
N LYS A 42 -33.70 -4.19 3.35
CA LYS A 42 -35.10 -4.50 3.05
C LYS A 42 -35.18 -5.48 1.85
N ASP A 43 -34.26 -5.36 0.89
CA ASP A 43 -34.15 -6.25 -0.29
C ASP A 43 -33.50 -7.60 -0.01
N ASP A 44 -32.61 -7.65 0.98
CA ASP A 44 -31.90 -8.87 1.39
C ASP A 44 -32.00 -9.07 2.92
N PRO A 45 -33.21 -9.37 3.41
CA PRO A 45 -33.37 -9.48 4.86
C PRO A 45 -32.77 -10.76 5.41
N LEU A 46 -32.65 -10.81 6.72
CA LEU A 46 -32.00 -11.90 7.41
C LEU A 46 -32.85 -12.32 8.61
N THR A 47 -32.92 -13.61 8.86
CA THR A 47 -33.55 -14.12 10.08
C THR A 47 -32.47 -14.69 11.01
N VAL A 48 -32.42 -14.18 12.23
CA VAL A 48 -31.51 -14.64 13.27
C VAL A 48 -32.29 -15.50 14.26
N THR A 49 -31.80 -16.70 14.49
CA THR A 49 -32.37 -17.60 15.48
C THR A 49 -31.60 -17.39 16.78
N LEU A 50 -32.32 -17.12 17.87
CA LEU A 50 -31.74 -16.93 19.20
C LEU A 50 -32.21 -18.00 20.16
N GLY A 51 -31.33 -18.38 21.07
CA GLY A 51 -31.66 -19.28 22.17
C GLY A 51 -30.74 -19.04 23.35
N PHE A 52 -31.29 -19.09 24.56
CA PHE A 52 -30.53 -18.80 25.77
C PHE A 52 -30.27 -20.05 26.58
N THR A 53 -29.07 -20.12 27.13
CA THR A 53 -28.71 -21.14 28.10
C THR A 53 -28.32 -20.41 29.37
N LEU A 54 -29.17 -20.49 30.39
CA LEU A 54 -28.98 -19.76 31.63
C LEU A 54 -28.09 -20.57 32.58
N GLN A 55 -26.97 -19.96 32.98
CA GLN A 55 -26.00 -20.61 33.85
C GLN A 55 -26.14 -20.22 35.32
N ASP A 56 -26.45 -18.95 35.60
CA ASP A 56 -26.49 -18.51 36.99
C ASP A 56 -27.17 -17.17 37.12
N ILE A 57 -28.01 -17.04 38.16
CA ILE A 57 -28.41 -15.74 38.67
C ILE A 57 -27.40 -15.50 39.77
N VAL A 58 -26.46 -14.60 39.50
CA VAL A 58 -25.28 -14.44 40.32
C VAL A 58 -25.57 -13.55 41.49
N LYS A 59 -26.25 -12.43 41.22
CA LYS A 59 -26.68 -11.58 42.31
C LYS A 59 -27.89 -10.72 42.03
N VAL A 60 -28.50 -10.30 43.14
CA VAL A 60 -29.62 -9.37 43.11
C VAL A 60 -29.21 -8.21 43.99
N ASP A 61 -29.59 -7.01 43.58
CA ASP A 61 -29.30 -5.81 44.36
C ASP A 61 -30.65 -5.16 44.63
N SER A 62 -31.17 -5.41 45.82
CA SER A 62 -32.45 -4.90 46.24
C SER A 62 -32.41 -3.41 46.53
N SER A 63 -31.24 -2.79 46.66
CA SER A 63 -31.19 -1.35 46.83
C SER A 63 -31.30 -0.55 45.51
N THR A 64 -30.99 -1.20 44.37
CA THR A 64 -31.06 -0.55 43.04
C THR A 64 -32.00 -1.21 42.04
N ASN A 65 -32.61 -2.32 42.43
CA ASN A 65 -33.41 -3.16 41.53
C ASN A 65 -32.67 -3.52 40.24
N GLU A 66 -31.49 -4.09 40.43
CA GLU A 66 -30.67 -4.65 39.36
C GLU A 66 -30.42 -6.10 39.70
N VAL A 67 -30.49 -6.97 38.68
CA VAL A 67 -30.12 -8.39 38.83
C VAL A 67 -29.09 -8.73 37.77
N ASP A 68 -28.17 -9.62 38.15
CA ASP A 68 -27.08 -10.07 37.29
C ASP A 68 -27.23 -11.54 36.88
N LEU A 69 -27.26 -11.76 35.56
CA LEU A 69 -27.33 -13.12 34.99
C LEU A 69 -26.05 -13.44 34.25
N VAL A 70 -25.67 -14.72 34.30
CA VAL A 70 -24.64 -15.27 33.44
C VAL A 70 -25.33 -16.30 32.56
N TYR A 71 -25.16 -16.15 31.26
CA TYR A 71 -25.78 -17.03 30.28
C TYR A 71 -24.93 -17.07 29.03
N TYR A 72 -25.25 -18.00 28.15
CA TYR A 72 -24.81 -17.89 26.78
C TYR A 72 -25.95 -17.92 25.80
N GLU A 73 -25.75 -17.14 24.75
CA GLU A 73 -26.75 -16.79 23.76
C GLU A 73 -26.32 -17.37 22.42
N GLN A 74 -27.02 -18.42 21.98
CA GLN A 74 -26.77 -19.02 20.69
C GLN A 74 -27.44 -18.18 19.62
N GLN A 75 -26.63 -17.71 18.67
CA GLN A 75 -27.11 -16.92 17.54
C GLN A 75 -26.82 -17.70 16.26
N ARG A 76 -27.78 -17.78 15.35
CA ARG A 76 -27.62 -18.44 14.07
C ARG A 76 -28.25 -17.61 12.97
N TRP A 77 -27.52 -17.45 11.87
CA TRP A 77 -28.01 -16.85 10.65
C TRP A 77 -27.29 -17.43 9.44
N LYS A 78 -27.71 -17.02 8.24
CA LYS A 78 -27.25 -17.62 6.98
C LYS A 78 -27.05 -16.54 5.95
N LEU A 79 -25.88 -16.53 5.31
CA LEU A 79 -25.56 -15.58 4.22
C LEU A 79 -25.12 -16.34 2.97
N ASN A 80 -25.63 -15.95 1.82
CA ASN A 80 -25.19 -16.52 0.53
C ASN A 80 -23.71 -16.24 0.28
N SER A 81 -23.23 -15.06 0.68
CA SER A 81 -21.82 -14.71 0.53
C SER A 81 -20.81 -15.53 1.35
N LEU A 82 -21.29 -16.42 2.23
CA LEU A 82 -20.42 -17.33 2.98
C LEU A 82 -20.53 -18.78 2.51
N MET A 83 -21.19 -19.00 1.38
CA MET A 83 -21.32 -20.34 0.81
C MET A 83 -20.05 -20.75 0.05
N TRP A 84 -19.73 -22.03 0.11
CA TRP A 84 -18.71 -22.61 -0.76
C TRP A 84 -19.05 -24.05 -1.03
N ASP A 85 -18.40 -24.56 -2.08
CA ASP A 85 -18.48 -25.97 -2.48
C ASP A 85 -17.33 -26.71 -1.80
N PRO A 86 -17.62 -27.64 -0.87
CA PRO A 86 -16.53 -28.37 -0.21
C PRO A 86 -15.54 -29.11 -1.14
N ASN A 87 -16.03 -29.57 -2.30
CA ASN A 87 -15.19 -30.27 -3.31
C ASN A 87 -14.01 -29.42 -3.75
N GLU A 88 -14.24 -28.13 -3.94
CA GLU A 88 -13.20 -27.18 -4.32
C GLU A 88 -12.20 -26.76 -3.22
N TYR A 89 -12.43 -27.23 -1.99
CA TYR A 89 -11.62 -26.83 -0.84
C TYR A 89 -11.32 -27.98 0.10
N GLY A 90 -10.89 -29.09 -0.52
CA GLY A 90 -10.45 -30.28 0.19
C GLY A 90 -11.43 -30.86 1.16
N ASN A 91 -12.71 -30.86 0.77
CA ASN A 91 -13.82 -31.37 1.59
C ASN A 91 -14.06 -30.66 2.93
N ILE A 92 -13.60 -29.41 3.06
CA ILE A 92 -13.90 -28.60 4.25
C ILE A 92 -15.39 -28.28 4.24
N THR A 93 -16.09 -28.71 5.29
CA THR A 93 -17.52 -28.41 5.47
C THR A 93 -17.80 -27.25 6.46
N ASP A 94 -16.83 -26.93 7.32
CA ASP A 94 -16.95 -25.78 8.24
C ASP A 94 -15.60 -25.30 8.73
N PHE A 95 -15.59 -24.12 9.34
CA PHE A 95 -14.39 -23.60 9.96
C PHE A 95 -14.70 -22.58 11.06
N ARG A 96 -13.72 -22.39 11.93
CA ARG A 96 -13.79 -21.41 13.01
C ARG A 96 -13.09 -20.17 12.53
N THR A 97 -13.65 -19.01 12.83
CA THR A 97 -13.01 -17.77 12.49
C THR A 97 -13.39 -16.68 13.49
N SER A 98 -12.48 -15.74 13.67
CA SER A 98 -12.71 -14.57 14.50
C SER A 98 -14.00 -13.86 14.04
N ALA A 99 -14.82 -13.48 15.01
CA ALA A 99 -16.06 -12.74 14.74
C ALA A 99 -15.83 -11.38 14.08
N ALA A 100 -14.62 -10.83 14.23
CA ALA A 100 -14.24 -9.61 13.49
C ALA A 100 -14.10 -9.82 11.98
N ASP A 101 -13.92 -11.06 11.51
CA ASP A 101 -13.86 -11.35 10.06
C ASP A 101 -15.22 -11.30 9.37
N ILE A 102 -16.31 -11.36 10.13
CA ILE A 102 -17.64 -11.46 9.57
C ILE A 102 -18.57 -10.41 10.17
N TRP A 103 -19.65 -10.15 9.49
CA TRP A 103 -20.71 -9.36 10.08
C TRP A 103 -21.37 -10.22 11.15
N THR A 104 -21.75 -9.59 12.27
CA THR A 104 -22.55 -10.22 13.30
C THR A 104 -23.73 -9.30 13.68
N PRO A 105 -24.86 -9.90 14.10
CA PRO A 105 -26.02 -9.10 14.43
C PRO A 105 -25.84 -8.33 15.73
N ASP A 106 -26.42 -7.13 15.80
CA ASP A 106 -26.29 -6.22 16.94
C ASP A 106 -27.32 -6.48 18.04
N ILE A 107 -27.37 -7.72 18.54
CA ILE A 107 -28.40 -8.13 19.48
C ILE A 107 -28.10 -7.50 20.83
N THR A 108 -29.08 -6.77 21.36
CA THR A 108 -28.89 -5.89 22.50
C THR A 108 -29.98 -6.14 23.52
N ALA A 109 -29.63 -6.16 24.79
CA ALA A 109 -30.60 -6.18 25.88
C ALA A 109 -31.21 -4.79 26.02
N TYR A 110 -32.53 -4.71 26.12
CA TYR A 110 -33.25 -3.41 26.10
C TYR A 110 -33.38 -2.75 27.49
N SER A 111 -33.04 -3.47 28.57
CA SER A 111 -33.14 -2.92 29.90
C SER A 111 -31.89 -3.20 30.73
N SER A 112 -30.74 -3.24 30.06
CA SER A 112 -29.46 -3.34 30.75
C SER A 112 -29.18 -2.07 31.56
N THR A 113 -28.44 -2.22 32.65
CA THR A 113 -27.99 -1.06 33.44
C THR A 113 -26.46 -0.86 33.44
N ARG A 114 -25.73 -1.77 32.78
CA ARG A 114 -24.27 -1.73 32.63
C ARG A 114 -23.93 -2.34 31.30
N PRO A 115 -22.75 -2.01 30.75
CA PRO A 115 -22.33 -2.75 29.57
C PRO A 115 -22.23 -4.25 29.87
N VAL A 116 -22.64 -5.04 28.90
CA VAL A 116 -22.52 -6.48 28.98
C VAL A 116 -21.04 -6.86 29.07
N GLN A 117 -20.72 -7.83 29.92
CA GLN A 117 -19.36 -8.34 30.01
C GLN A 117 -19.24 -9.64 29.23
N VAL A 118 -18.21 -9.72 28.39
CA VAL A 118 -18.02 -10.84 27.49
C VAL A 118 -17.19 -11.89 28.22
N LEU A 119 -17.68 -13.13 28.24
CA LEU A 119 -17.03 -14.20 29.00
C LEU A 119 -16.45 -15.34 28.15
N SER A 120 -16.59 -15.24 26.83
CA SER A 120 -16.10 -16.28 25.94
C SER A 120 -15.39 -15.64 24.73
N PRO A 121 -14.51 -16.41 24.06
CA PRO A 121 -13.79 -15.91 22.89
C PRO A 121 -14.74 -15.54 21.74
N GLN A 122 -14.40 -14.48 21.02
CA GLN A 122 -15.22 -13.92 19.96
C GLN A 122 -14.89 -14.67 18.66
N ILE A 123 -15.33 -15.91 18.59
CA ILE A 123 -15.04 -16.81 17.49
C ILE A 123 -16.34 -17.47 17.10
N ALA A 124 -16.63 -17.49 15.81
CA ALA A 124 -17.81 -18.15 15.25
C ALA A 124 -17.44 -19.37 14.41
N VAL A 125 -18.44 -20.20 14.15
CA VAL A 125 -18.30 -21.37 13.27
C VAL A 125 -19.11 -21.08 12.02
N VAL A 126 -18.46 -21.16 10.87
CA VAL A 126 -19.10 -20.95 9.57
C VAL A 126 -19.17 -22.29 8.86
N THR A 127 -20.33 -22.59 8.27
CA THR A 127 -20.58 -23.87 7.60
C THR A 127 -20.81 -23.61 6.10
N HIS A 128 -20.52 -24.62 5.28
CA HIS A 128 -20.48 -24.49 3.80
C HIS A 128 -21.76 -24.00 3.13
N ASP A 129 -22.91 -24.24 3.78
CA ASP A 129 -24.19 -23.67 3.32
C ASP A 129 -24.35 -22.16 3.58
N GLY A 130 -23.34 -21.54 4.18
CA GLY A 130 -23.38 -20.11 4.47
C GLY A 130 -23.95 -19.79 5.85
N SER A 131 -24.21 -20.82 6.65
CA SER A 131 -24.75 -20.61 7.98
C SER A 131 -23.63 -20.32 8.98
N VAL A 132 -23.94 -19.46 9.94
CA VAL A 132 -23.02 -19.07 10.99
C VAL A 132 -23.64 -19.42 12.35
N MET A 133 -22.82 -19.94 13.24
CA MET A 133 -23.18 -20.14 14.63
C MET A 133 -22.20 -19.36 15.53
N PHE A 134 -22.74 -18.48 16.36
CA PHE A 134 -21.93 -17.64 17.26
C PHE A 134 -22.62 -17.68 18.64
N ILE A 135 -21.86 -18.05 19.67
CA ILE A 135 -22.43 -18.32 20.98
C ILE A 135 -21.68 -17.56 22.09
N PRO A 136 -21.90 -16.24 22.17
CA PRO A 136 -21.28 -15.43 23.22
C PRO A 136 -21.81 -15.70 24.62
N ALA A 137 -20.90 -15.96 25.55
CA ALA A 137 -21.23 -16.01 26.97
C ALA A 137 -21.13 -14.61 27.52
N GLN A 138 -22.12 -14.23 28.34
CA GLN A 138 -22.26 -12.86 28.80
C GLN A 138 -22.67 -12.79 30.26
N ARG A 139 -22.23 -11.74 30.93
CA ARG A 139 -22.82 -11.35 32.21
C ARG A 139 -23.55 -10.03 32.00
N LEU A 140 -24.83 -10.02 32.36
CA LEU A 140 -25.72 -8.88 32.16
C LEU A 140 -26.31 -8.42 33.49
N SER A 141 -26.23 -7.11 33.76
CA SER A 141 -27.04 -6.45 34.81
C SER A 141 -28.22 -5.79 34.15
N PHE A 142 -29.42 -6.10 34.62
CA PHE A 142 -30.64 -5.53 34.06
C PHE A 142 -31.66 -5.16 35.15
N MET A 143 -32.68 -4.42 34.74
CA MET A 143 -33.65 -3.84 35.65
C MET A 143 -34.63 -4.94 36.11
N CYS A 144 -34.67 -5.14 37.43
CA CYS A 144 -35.46 -6.21 38.00
C CYS A 144 -35.61 -5.98 39.51
N ASP A 145 -36.85 -5.99 39.99
CA ASP A 145 -37.16 -5.81 41.40
C ASP A 145 -37.20 -7.21 42.04
N PRO A 146 -36.23 -7.52 42.92
CA PRO A 146 -36.19 -8.83 43.56
C PRO A 146 -36.98 -8.96 44.87
N THR A 147 -37.79 -7.97 45.23
CA THR A 147 -38.63 -8.05 46.43
C THR A 147 -39.54 -9.28 46.36
N GLY A 148 -39.42 -10.16 47.36
CA GLY A 148 -40.18 -11.40 47.42
C GLY A 148 -39.45 -12.63 46.93
N VAL A 149 -38.18 -12.46 46.55
CA VAL A 149 -37.37 -13.57 46.06
C VAL A 149 -37.18 -14.62 47.17
N ASP A 150 -37.17 -14.18 48.43
CA ASP A 150 -37.05 -15.08 49.59
C ASP A 150 -38.37 -15.77 50.01
N SER A 151 -39.39 -15.71 49.18
CA SER A 151 -40.64 -16.39 49.42
C SER A 151 -40.75 -17.62 48.54
N GLU A 152 -41.78 -18.40 48.83
CA GLU A 152 -42.07 -19.62 48.09
C GLU A 152 -42.48 -19.34 46.65
N GLU A 153 -43.19 -18.23 46.43
CA GLU A 153 -43.69 -17.84 45.12
C GLU A 153 -42.58 -17.24 44.24
N GLY A 154 -41.55 -16.70 44.87
CA GLY A 154 -40.45 -16.07 44.16
C GLY A 154 -40.84 -14.79 43.44
N VAL A 155 -40.03 -14.41 42.46
CA VAL A 155 -40.25 -13.21 41.66
C VAL A 155 -40.06 -13.53 40.19
N THR A 156 -40.63 -12.68 39.36
CA THR A 156 -40.54 -12.82 37.93
C THR A 156 -39.82 -11.59 37.43
N CYS A 157 -38.87 -11.82 36.52
CA CYS A 157 -38.23 -10.73 35.79
C CYS A 157 -38.13 -11.02 34.31
N ALA A 158 -37.90 -9.97 33.55
CA ALA A 158 -37.96 -10.01 32.10
C ALA A 158 -37.00 -9.02 31.46
N VAL A 159 -36.40 -9.43 30.36
CA VAL A 159 -35.54 -8.57 29.57
C VAL A 159 -35.69 -8.93 28.09
N LYS A 160 -35.85 -7.91 27.25
CA LYS A 160 -35.98 -8.09 25.81
C LYS A 160 -34.63 -8.00 25.12
N PHE A 161 -34.37 -8.91 24.21
CA PHE A 161 -33.17 -8.92 23.38
C PHE A 161 -33.57 -8.72 21.93
N GLY A 162 -32.94 -7.78 21.25
CA GLY A 162 -33.22 -7.55 19.83
C GLY A 162 -32.19 -6.65 19.21
N SER A 163 -32.27 -6.52 17.88
CA SER A 163 -31.45 -5.56 17.19
C SER A 163 -31.79 -4.19 17.74
N TRP A 164 -30.75 -3.38 17.96
CA TRP A 164 -30.95 -1.99 18.35
C TRP A 164 -31.36 -1.11 17.15
N VAL A 165 -30.81 -1.40 15.98
CA VAL A 165 -30.92 -0.48 14.83
C VAL A 165 -31.64 -1.01 13.61
N TYR A 166 -31.88 -2.32 13.52
CA TYR A 166 -32.54 -2.91 12.34
C TYR A 166 -33.98 -3.26 12.67
N SER A 167 -34.91 -2.78 11.85
CA SER A 167 -36.32 -3.12 11.99
C SER A 167 -36.58 -4.55 11.54
N GLY A 168 -37.82 -4.98 11.72
CA GLY A 168 -38.29 -6.27 11.22
C GLY A 168 -38.20 -6.46 9.70
N PHE A 169 -38.09 -5.38 8.94
CA PHE A 169 -37.86 -5.49 7.49
C PHE A 169 -36.43 -5.90 7.11
N GLU A 170 -35.48 -5.78 8.02
CA GLU A 170 -34.10 -6.20 7.77
C GLU A 170 -33.68 -7.38 8.60
N ILE A 171 -34.06 -7.39 9.88
CA ILE A 171 -33.77 -8.52 10.77
C ILE A 171 -35.05 -9.02 11.42
N ASP A 172 -35.38 -10.27 11.15
CA ASP A 172 -36.39 -11.00 11.88
C ASP A 172 -35.67 -11.91 12.88
N LEU A 173 -36.36 -12.22 13.97
CA LEU A 173 -35.84 -13.15 14.96
C LEU A 173 -36.79 -14.29 15.14
N LYS A 174 -36.24 -15.44 15.48
CA LYS A 174 -37.05 -16.58 15.91
C LYS A 174 -36.31 -17.34 16.99
N THR A 175 -37.06 -18.19 17.67
CA THR A 175 -36.51 -19.18 18.58
C THR A 175 -36.86 -20.56 18.02
N ASP A 176 -36.05 -21.57 18.35
CA ASP A 176 -36.36 -22.95 18.01
C ASP A 176 -37.30 -23.55 19.07
N THR A 177 -37.20 -23.07 20.29
CA THR A 177 -38.07 -23.47 21.39
C THR A 177 -38.32 -22.25 22.26
N ASP A 178 -39.46 -22.21 22.92
CA ASP A 178 -39.74 -21.16 23.90
C ASP A 178 -39.19 -21.48 25.31
N GLN A 179 -38.61 -22.66 25.50
CA GLN A 179 -38.03 -23.06 26.76
C GLN A 179 -36.55 -22.71 26.78
N VAL A 180 -36.15 -21.89 27.74
CA VAL A 180 -34.74 -21.57 27.98
C VAL A 180 -34.06 -22.86 28.44
N ASP A 181 -32.82 -23.06 27.97
CA ASP A 181 -32.06 -24.26 28.34
C ASP A 181 -31.51 -24.06 29.75
N LEU A 182 -31.95 -24.91 30.67
CA LEU A 182 -31.53 -24.89 32.07
C LEU A 182 -30.64 -26.06 32.47
N SER A 183 -30.17 -26.83 31.49
CA SER A 183 -29.43 -28.07 31.78
C SER A 183 -28.00 -27.84 32.28
N SER A 184 -27.48 -26.63 32.11
CA SER A 184 -26.21 -26.21 32.69
C SER A 184 -26.37 -25.20 33.82
N TYR A 185 -27.56 -25.05 34.38
CA TYR A 185 -27.77 -24.07 35.45
C TYR A 185 -27.01 -24.51 36.69
N TYR A 186 -26.25 -23.59 37.28
CA TYR A 186 -25.43 -23.88 38.45
C TYR A 186 -26.24 -24.44 39.63
N ALA A 187 -25.95 -25.67 40.02
CA ALA A 187 -26.74 -26.39 41.02
C ALA A 187 -26.63 -25.78 42.41
N SER A 188 -25.54 -25.09 42.72
CA SER A 188 -25.39 -24.43 44.02
C SER A 188 -25.58 -22.92 43.99
N SER A 189 -26.27 -22.41 42.97
CA SER A 189 -26.64 -21.01 42.92
C SER A 189 -27.44 -20.62 44.16
N LYS A 190 -27.34 -19.36 44.56
CA LYS A 190 -28.25 -18.85 45.60
C LYS A 190 -29.71 -18.87 45.18
N TYR A 191 -29.98 -18.87 43.87
CA TYR A 191 -31.35 -18.83 43.36
C TYR A 191 -31.66 -20.06 42.56
N GLU A 192 -32.88 -20.56 42.72
CA GLU A 192 -33.36 -21.64 41.90
C GLU A 192 -34.38 -21.09 40.91
N ILE A 193 -34.39 -21.69 39.73
CA ILE A 193 -35.24 -21.26 38.63
C ILE A 193 -36.53 -22.05 38.66
N LEU A 194 -37.64 -21.34 38.70
CA LEU A 194 -38.95 -21.95 38.66
C LEU A 194 -39.44 -22.09 37.24
N SER A 195 -39.20 -21.08 36.41
CA SER A 195 -39.44 -21.19 34.97
C SER A 195 -38.60 -20.18 34.23
N ALA A 196 -38.35 -20.47 32.95
CA ALA A 196 -37.56 -19.59 32.09
C ALA A 196 -37.98 -19.79 30.65
N THR A 197 -38.54 -18.74 30.05
CA THR A 197 -39.03 -18.79 28.69
C THR A 197 -38.41 -17.69 27.84
N GLN A 198 -38.44 -17.92 26.53
CA GLN A 198 -37.87 -17.02 25.54
C GLN A 198 -38.87 -16.93 24.39
N THR A 199 -39.45 -15.74 24.17
CA THR A 199 -40.59 -15.62 23.27
C THR A 199 -40.46 -14.41 22.35
N ARG A 200 -40.64 -14.65 21.06
CA ARG A 200 -40.62 -13.60 20.05
C ARG A 200 -41.73 -12.59 20.30
N GLN A 201 -41.43 -11.30 20.17
CA GLN A 201 -42.39 -10.20 20.27
C GLN A 201 -42.13 -9.14 19.21
N VAL A 202 -43.16 -8.43 18.83
CA VAL A 202 -43.09 -7.32 17.89
C VAL A 202 -43.41 -6.02 18.67
N GLN A 203 -42.69 -4.94 18.38
CA GLN A 203 -42.92 -3.68 19.01
C GLN A 203 -42.72 -2.53 18.05
N HIS A 204 -43.25 -1.35 18.45
CA HIS A 204 -42.94 -0.07 17.88
C HIS A 204 -42.26 0.82 18.94
N TYR A 205 -41.47 1.75 18.40
CA TYR A 205 -40.78 2.76 19.19
C TYR A 205 -41.05 4.11 18.54
N SER A 206 -41.04 5.17 19.38
CA SER A 206 -41.39 6.52 18.93
C SER A 206 -40.52 7.06 17.80
N CYS A 207 -39.24 6.68 17.80
CA CYS A 207 -38.26 7.16 16.81
C CYS A 207 -38.55 6.82 15.35
N CYS A 208 -39.33 5.76 15.12
CA CYS A 208 -39.20 4.92 13.93
C CYS A 208 -40.63 4.36 13.59
N PRO A 209 -41.03 4.37 12.30
CA PRO A 209 -42.35 3.85 11.96
C PRO A 209 -42.50 2.33 11.85
N GLU A 210 -41.38 1.62 11.72
CA GLU A 210 -41.39 0.18 11.35
C GLU A 210 -41.51 -0.69 12.63
N PRO A 211 -42.05 -1.90 12.52
CA PRO A 211 -41.96 -2.86 13.61
C PRO A 211 -40.53 -3.34 13.87
N TYR A 212 -40.17 -3.52 15.14
CA TYR A 212 -38.91 -4.06 15.58
C TYR A 212 -39.22 -5.33 16.35
N ILE A 213 -38.33 -6.33 16.22
CA ILE A 213 -38.56 -7.64 16.77
C ILE A 213 -37.63 -7.83 17.95
N ASP A 214 -38.11 -8.50 18.99
CA ASP A 214 -37.26 -8.92 20.10
C ASP A 214 -37.65 -10.32 20.57
N VAL A 215 -36.76 -10.92 21.33
CA VAL A 215 -37.04 -12.13 22.10
C VAL A 215 -37.03 -11.73 23.58
N ASN A 216 -38.16 -11.99 24.23
CA ASN A 216 -38.39 -11.63 25.62
C ASN A 216 -38.02 -12.82 26.51
N LEU A 217 -37.00 -12.63 27.34
CA LEU A 217 -36.52 -13.64 28.27
C LEU A 217 -37.19 -13.38 29.59
N VAL A 218 -38.02 -14.34 30.02
CA VAL A 218 -38.82 -14.20 31.25
C VAL A 218 -38.38 -15.29 32.22
N VAL A 219 -37.87 -14.88 33.38
CA VAL A 219 -37.34 -15.82 34.34
C VAL A 219 -38.04 -15.63 35.68
N LYS A 220 -38.55 -16.74 36.22
CA LYS A 220 -39.14 -16.78 37.53
C LYS A 220 -38.20 -17.56 38.44
N PHE A 221 -37.84 -16.97 39.57
CA PHE A 221 -36.85 -17.54 40.47
C PHE A 221 -37.10 -17.20 41.92
N ARG A 222 -36.44 -17.94 42.80
CA ARG A 222 -36.50 -17.66 44.23
C ARG A 222 -35.25 -18.16 44.90
N GLU A 223 -35.03 -17.73 46.13
CA GLU A 223 -33.88 -18.18 46.91
C GLU A 223 -33.98 -19.69 47.11
N ARG A 224 -32.87 -20.39 46.95
CA ARG A 224 -32.85 -21.84 47.05
C ARG A 224 -33.11 -22.27 48.51
N ARG A 225 -33.94 -23.31 48.67
CA ARG A 225 -34.28 -23.88 49.98
C ARG A 225 -33.09 -24.52 50.68
N GLN B 20 -27.16 -6.73 -1.47
CA GLN B 20 -25.81 -6.46 -0.90
C GLN B 20 -24.99 -5.60 -1.88
N ALA B 21 -25.03 -5.97 -3.15
CA ALA B 21 -24.23 -5.33 -4.21
C ALA B 21 -24.42 -3.82 -4.32
N ASN B 22 -25.67 -3.39 -4.35
CA ASN B 22 -25.96 -1.97 -4.47
C ASN B 22 -25.53 -1.20 -3.22
N LEU B 23 -25.77 -1.77 -2.04
CA LEU B 23 -25.38 -1.13 -0.79
C LEU B 23 -23.85 -1.00 -0.69
N MET B 24 -23.13 -2.07 -1.05
CA MET B 24 -21.66 -2.05 -1.04
C MET B 24 -21.15 -0.95 -1.94
N ARG B 25 -21.79 -0.79 -3.09
CA ARG B 25 -21.43 0.24 -4.03
C ARG B 25 -21.71 1.64 -3.46
N LEU B 26 -22.89 1.80 -2.85
CA LEU B 26 -23.26 3.07 -2.21
C LEU B 26 -22.28 3.45 -1.11
N LYS B 27 -21.93 2.49 -0.25
CA LYS B 27 -21.03 2.78 0.86
C LYS B 27 -19.64 3.15 0.37
N SER B 28 -19.15 2.41 -0.62
CA SER B 28 -17.87 2.74 -1.26
C SER B 28 -17.86 4.16 -1.85
N ASP B 29 -18.92 4.52 -2.55
CA ASP B 29 -19.04 5.87 -3.11
C ASP B 29 -19.12 6.98 -2.04
N LEU B 30 -19.89 6.74 -0.97
CA LEU B 30 -20.00 7.76 0.09
C LEU B 30 -18.73 7.91 0.92
N PHE B 31 -18.03 6.81 1.21
CA PHE B 31 -16.98 6.80 2.23
C PHE B 31 -15.54 6.63 1.74
N ASN B 32 -15.33 5.98 0.59
CA ASN B 32 -13.95 5.67 0.13
C ASN B 32 -13.39 6.62 -0.92
N ARG B 33 -14.15 7.62 -1.36
CA ARG B 33 -13.68 8.54 -2.42
C ARG B 33 -13.14 9.88 -1.92
N SER B 34 -13.91 10.55 -1.06
CA SER B 34 -13.51 11.83 -0.48
C SER B 34 -12.84 11.62 0.87
N PRO B 35 -12.16 12.65 1.41
CA PRO B 35 -11.80 12.58 2.82
C PRO B 35 -13.07 12.65 3.69
N MET B 36 -12.96 12.21 4.94
CA MET B 36 -14.14 12.24 5.83
C MET B 36 -14.57 13.69 6.04
N TYR B 37 -15.86 13.87 6.26
CA TYR B 37 -16.42 15.15 6.62
C TYR B 37 -15.64 15.65 7.84
N PRO B 38 -15.07 16.87 7.77
CA PRO B 38 -14.22 17.41 8.85
C PRO B 38 -15.00 18.11 9.98
N GLY B 39 -16.31 17.98 9.99
CA GLY B 39 -17.14 18.58 11.02
C GLY B 39 -17.62 19.94 10.58
N PRO B 40 -18.56 20.52 11.34
CA PRO B 40 -19.11 21.82 10.95
C PRO B 40 -18.15 22.97 11.16
N THR B 41 -18.47 24.06 10.47
CA THR B 41 -17.68 25.30 10.52
C THR B 41 -18.64 26.47 10.59
N LYS B 42 -18.09 27.65 10.86
CA LYS B 42 -18.85 28.89 10.87
C LYS B 42 -19.56 29.13 9.52
N ASP B 43 -18.92 28.72 8.42
CA ASP B 43 -19.49 28.81 7.04
C ASP B 43 -20.51 27.72 6.71
N ASP B 44 -20.38 26.55 7.33
CA ASP B 44 -21.28 25.41 7.12
C ASP B 44 -21.77 24.86 8.49
N PRO B 45 -22.59 25.65 9.20
CA PRO B 45 -23.03 25.21 10.52
C PRO B 45 -24.05 24.09 10.44
N LEU B 46 -24.30 23.46 11.57
CA LEU B 46 -25.12 22.27 11.65
C LEU B 46 -26.06 22.38 12.84
N THR B 47 -27.30 21.95 12.68
CA THR B 47 -28.23 21.88 13.79
C THR B 47 -28.50 20.42 14.14
N VAL B 48 -28.25 20.08 15.42
CA VAL B 48 -28.52 18.74 15.94
C VAL B 48 -29.79 18.77 16.79
N THR B 49 -30.71 17.89 16.47
CA THR B 49 -31.92 17.72 17.25
C THR B 49 -31.68 16.63 18.29
N LEU B 50 -31.94 16.94 19.57
CA LEU B 50 -31.80 16.00 20.67
C LEU B 50 -33.13 15.72 21.33
N GLY B 51 -33.28 14.48 21.81
CA GLY B 51 -34.45 14.09 22.60
C GLY B 51 -34.11 12.92 23.51
N PHE B 52 -34.60 12.95 24.75
CA PHE B 52 -34.24 11.93 25.73
C PHE B 52 -35.41 11.02 26.04
N THR B 53 -35.10 9.74 26.20
CA THR B 53 -36.05 8.76 26.68
C THR B 53 -35.47 8.18 27.96
N LEU B 54 -36.07 8.54 29.10
CA LEU B 54 -35.54 8.14 30.39
C LEU B 54 -36.08 6.77 30.79
N GLN B 55 -35.18 5.83 31.04
CA GLN B 55 -35.54 4.46 31.36
C GLN B 55 -35.47 4.15 32.85
N ASP B 56 -34.50 4.69 33.56
CA ASP B 56 -34.35 4.33 34.98
C ASP B 56 -33.43 5.31 35.71
N ILE B 57 -33.83 5.70 36.91
CA ILE B 57 -32.92 6.28 37.90
C ILE B 57 -32.52 5.08 38.71
N VAL B 58 -31.28 4.62 38.48
CA VAL B 58 -30.83 3.34 38.99
C VAL B 58 -30.36 3.51 40.43
N LYS B 59 -29.60 4.58 40.70
CA LYS B 59 -29.25 4.85 42.09
C LYS B 59 -28.90 6.28 42.41
N VAL B 60 -28.95 6.58 43.70
CA VAL B 60 -28.58 7.86 44.25
C VAL B 60 -27.51 7.55 45.31
N ASP B 61 -26.52 8.42 45.41
CA ASP B 61 -25.51 8.32 46.42
C ASP B 61 -25.54 9.61 47.22
N SER B 62 -26.21 9.55 48.38
CA SER B 62 -26.35 10.71 49.24
C SER B 62 -25.06 11.11 49.92
N SER B 63 -24.05 10.23 49.95
CA SER B 63 -22.76 10.63 50.55
C SER B 63 -21.88 11.44 49.60
N THR B 64 -22.11 11.34 48.28
CA THR B 64 -21.31 12.06 47.27
C THR B 64 -22.09 13.02 46.39
N ASN B 65 -23.42 13.06 46.55
CA ASN B 65 -24.33 13.81 45.69
C ASN B 65 -24.11 13.48 44.20
N GLU B 66 -24.17 12.18 43.91
CA GLU B 66 -24.14 11.65 42.56
C GLU B 66 -25.40 10.82 42.34
N VAL B 67 -26.00 10.96 41.17
CA VAL B 67 -27.15 10.14 40.77
C VAL B 67 -26.84 9.49 39.42
N ASP B 68 -27.34 8.27 39.24
CA ASP B 68 -27.13 7.47 38.04
C ASP B 68 -28.41 7.26 37.24
N LEU B 69 -28.40 7.70 35.99
CA LEU B 69 -29.52 7.54 35.04
C LEU B 69 -29.19 6.61 33.91
N VAL B 70 -30.17 5.85 33.46
CA VAL B 70 -30.11 5.08 32.24
C VAL B 70 -31.15 5.67 31.30
N TYR B 71 -30.72 6.05 30.11
CA TYR B 71 -31.59 6.67 29.11
C TYR B 71 -31.05 6.37 27.73
N TYR B 72 -31.87 6.68 26.73
CA TYR B 72 -31.33 6.82 25.39
C TYR B 72 -31.63 8.18 24.80
N GLU B 73 -30.65 8.64 24.02
CA GLU B 73 -30.56 9.99 23.53
C GLU B 73 -30.64 9.94 21.99
N GLN B 74 -31.77 10.37 21.46
CA GLN B 74 -31.94 10.44 20.03
C GLN B 74 -31.25 11.69 19.49
N GLN B 75 -30.32 11.49 18.56
CA GLN B 75 -29.61 12.57 17.90
C GLN B 75 -29.93 12.55 16.41
N ARG B 76 -30.21 13.72 15.84
CA ARG B 76 -30.51 13.82 14.40
C ARG B 76 -29.82 15.05 13.82
N TRP B 77 -29.17 14.85 12.67
CA TRP B 77 -28.60 15.95 11.90
C TRP B 77 -28.60 15.56 10.41
N LYS B 78 -28.19 16.50 9.55
CA LYS B 78 -28.26 16.33 8.09
C LYS B 78 -27.00 16.89 7.46
N LEU B 79 -26.38 16.10 6.57
CA LEU B 79 -25.20 16.54 5.80
C LEU B 79 -25.45 16.36 4.30
N ASN B 80 -25.09 17.35 3.50
CA ASN B 80 -25.14 17.25 2.04
C ASN B 80 -24.21 16.14 1.53
N SER B 81 -23.05 15.98 2.16
CA SER B 81 -22.11 14.91 1.76
C SER B 81 -22.59 13.47 1.97
N LEU B 82 -23.74 13.26 2.61
CA LEU B 82 -24.33 11.93 2.75
C LEU B 82 -25.57 11.72 1.89
N MET B 83 -25.81 12.64 0.96
CA MET B 83 -26.95 12.51 0.03
C MET B 83 -26.62 11.53 -1.11
N TRP B 84 -27.63 10.81 -1.56
CA TRP B 84 -27.56 10.05 -2.80
C TRP B 84 -28.93 9.96 -3.44
N ASP B 85 -28.90 9.61 -4.72
CA ASP B 85 -30.10 9.38 -5.52
C ASP B 85 -30.43 7.87 -5.43
N PRO B 86 -31.56 7.50 -4.81
CA PRO B 86 -31.89 6.07 -4.72
C PRO B 86 -31.97 5.30 -6.04
N ASN B 87 -32.35 5.99 -7.13
CA ASN B 87 -32.44 5.39 -8.48
C ASN B 87 -31.11 4.78 -8.92
N GLU B 88 -30.01 5.46 -8.62
CA GLU B 88 -28.67 4.98 -8.94
C GLU B 88 -28.12 3.86 -8.06
N TYR B 89 -28.86 3.46 -7.02
CA TYR B 89 -28.40 2.47 -6.05
C TYR B 89 -29.50 1.49 -5.65
N GLY B 90 -30.19 0.99 -6.65
CA GLY B 90 -31.21 -0.05 -6.48
C GLY B 90 -32.35 0.30 -5.57
N ASN B 91 -32.77 1.58 -5.58
CA ASN B 91 -33.84 2.09 -4.71
C ASN B 91 -33.56 2.03 -3.20
N ILE B 92 -32.28 1.97 -2.81
CA ILE B 92 -31.91 2.06 -1.39
C ILE B 92 -32.23 3.50 -0.92
N THR B 93 -33.11 3.59 0.07
CA THR B 93 -33.46 4.88 0.70
C THR B 93 -32.74 5.14 2.04
N ASP B 94 -32.24 4.09 2.68
CA ASP B 94 -31.45 4.24 3.91
C ASP B 94 -30.55 3.03 4.18
N PHE B 95 -29.62 3.20 5.10
CA PHE B 95 -28.77 2.08 5.52
C PHE B 95 -28.22 2.29 6.93
N ARG B 96 -27.83 1.18 7.53
CA ARG B 96 -27.19 1.16 8.84
C ARG B 96 -25.71 1.10 8.62
N THR B 97 -24.97 1.87 9.42
CA THR B 97 -23.53 1.81 9.35
C THR B 97 -22.92 2.15 10.69
N SER B 98 -21.73 1.61 10.93
CA SER B 98 -20.96 1.90 12.12
C SER B 98 -20.78 3.41 12.25
N ALA B 99 -20.97 3.92 13.47
CA ALA B 99 -20.79 5.34 13.76
C ALA B 99 -19.36 5.83 13.54
N ALA B 100 -18.39 4.92 13.55
CA ALA B 100 -17.01 5.25 13.17
C ALA B 100 -16.83 5.60 11.69
N ASP B 101 -17.75 5.18 10.82
CA ASP B 101 -17.71 5.54 9.39
C ASP B 101 -18.11 6.99 9.09
N ILE B 102 -18.77 7.64 10.05
CA ILE B 102 -19.30 8.97 9.84
C ILE B 102 -18.87 9.92 10.95
N TRP B 103 -18.97 11.21 10.68
CA TRP B 103 -18.83 12.18 11.72
C TRP B 103 -20.08 12.08 12.61
N THR B 104 -19.87 12.21 13.92
CA THR B 104 -20.95 12.33 14.89
C THR B 104 -20.68 13.49 15.83
N PRO B 105 -21.75 14.15 16.33
CA PRO B 105 -21.55 15.29 17.22
C PRO B 105 -21.04 14.84 18.59
N ASP B 106 -20.20 15.69 19.19
CA ASP B 106 -19.55 15.41 20.48
C ASP B 106 -20.42 15.85 21.67
N ILE B 107 -21.63 15.30 21.74
CA ILE B 107 -22.60 15.73 22.77
C ILE B 107 -22.15 15.17 24.11
N THR B 108 -22.00 16.05 25.08
CA THR B 108 -21.33 15.75 26.35
C THR B 108 -22.20 16.27 27.49
N ALA B 109 -22.33 15.47 28.54
CA ALA B 109 -22.96 15.92 29.79
C ALA B 109 -21.98 16.83 30.52
N TYR B 110 -22.46 17.99 30.98
CA TYR B 110 -21.60 19.01 31.58
C TYR B 110 -21.31 18.85 33.06
N SER B 111 -22.00 17.94 33.73
CA SER B 111 -21.79 17.73 35.16
C SER B 111 -21.69 16.24 35.49
N SER B 112 -21.12 15.47 34.57
CA SER B 112 -20.84 14.07 34.79
C SER B 112 -19.74 13.92 35.85
N THR B 113 -19.78 12.82 36.60
CA THR B 113 -18.71 12.50 37.57
C THR B 113 -17.93 11.22 37.22
N ARG B 114 -18.33 10.53 36.15
CA ARG B 114 -17.69 9.32 35.65
C ARG B 114 -17.84 9.32 34.14
N PRO B 115 -16.98 8.60 33.43
CA PRO B 115 -17.26 8.43 32.00
C PRO B 115 -18.62 7.78 31.77
N VAL B 116 -19.32 8.25 30.76
CA VAL B 116 -20.58 7.67 30.35
C VAL B 116 -20.34 6.22 29.91
N GLN B 117 -21.24 5.32 30.30
CA GLN B 117 -21.15 3.94 29.85
C GLN B 117 -22.12 3.71 28.70
N VAL B 118 -21.63 3.09 27.64
CA VAL B 118 -22.39 2.89 26.42
C VAL B 118 -23.13 1.56 26.53
N LEU B 119 -24.43 1.58 26.30
CA LEU B 119 -25.28 0.38 26.49
C LEU B 119 -25.89 -0.16 25.21
N SER B 120 -25.61 0.46 24.07
CA SER B 120 -26.15 0.03 22.79
C SER B 120 -25.05 0.06 21.72
N PRO B 121 -25.24 -0.68 20.62
CA PRO B 121 -24.24 -0.72 19.54
C PRO B 121 -24.09 0.66 18.88
N GLN B 122 -22.86 0.98 18.49
CA GLN B 122 -22.50 2.28 17.93
C GLN B 122 -22.78 2.24 16.42
N ILE B 123 -24.05 2.24 16.06
CA ILE B 123 -24.50 2.09 14.70
C ILE B 123 -25.57 3.16 14.49
N ALA B 124 -25.44 3.88 13.37
CA ALA B 124 -26.40 4.91 12.98
C ALA B 124 -27.16 4.51 11.71
N VAL B 125 -28.26 5.21 11.46
CA VAL B 125 -29.07 5.02 10.26
C VAL B 125 -28.91 6.28 9.43
N VAL B 126 -28.48 6.10 8.18
CA VAL B 126 -28.31 7.21 7.24
C VAL B 126 -29.38 7.08 6.17
N THR B 127 -30.01 8.20 5.84
CA THR B 127 -31.12 8.26 4.87
C THR B 127 -30.68 9.09 3.66
N HIS B 128 -31.29 8.80 2.51
CA HIS B 128 -30.87 9.34 1.19
C HIS B 128 -30.83 10.86 1.07
N ASP B 129 -31.64 11.55 1.87
CA ASP B 129 -31.58 13.02 1.97
C ASP B 129 -30.37 13.55 2.75
N GLY B 130 -29.51 12.66 3.24
CA GLY B 130 -28.33 13.06 3.98
C GLY B 130 -28.56 13.16 5.49
N SER B 131 -29.73 12.75 5.96
CA SER B 131 -30.05 12.81 7.37
C SER B 131 -29.54 11.57 8.09
N VAL B 132 -29.10 11.78 9.32
CA VAL B 132 -28.58 10.71 10.16
C VAL B 132 -29.40 10.64 11.44
N MET B 133 -29.69 9.42 11.88
CA MET B 133 -30.27 9.16 13.19
C MET B 133 -29.35 8.25 13.99
N PHE B 134 -28.96 8.70 15.18
CA PHE B 134 -28.07 7.95 16.07
C PHE B 134 -28.65 8.01 17.47
N ILE B 135 -28.88 6.86 18.09
CA ILE B 135 -29.61 6.77 19.35
C ILE B 135 -28.84 5.94 20.39
N PRO B 136 -27.77 6.53 20.95
CA PRO B 136 -26.98 5.84 21.99
C PRO B 136 -27.73 5.70 23.32
N ALA B 137 -27.78 4.47 23.84
CA ALA B 137 -28.23 4.23 25.19
C ALA B 137 -27.02 4.38 26.11
N GLN B 138 -27.23 5.06 27.23
CA GLN B 138 -26.16 5.47 28.12
C GLN B 138 -26.54 5.31 29.59
N ARG B 139 -25.54 5.02 30.40
CA ARG B 139 -25.65 5.20 31.85
C ARG B 139 -24.72 6.34 32.26
N LEU B 140 -25.29 7.32 32.94
CA LEU B 140 -24.60 8.54 33.36
C LEU B 140 -24.64 8.72 34.86
N SER B 141 -23.49 8.97 35.50
CA SER B 141 -23.43 9.50 36.87
C SER B 141 -23.20 11.00 36.79
N PHE B 142 -24.05 11.76 37.44
CA PHE B 142 -23.93 13.23 37.42
C PHE B 142 -24.22 13.85 38.80
N MET B 143 -23.88 15.12 38.93
CA MET B 143 -23.95 15.86 40.17
C MET B 143 -25.40 16.19 40.50
N CYS B 144 -25.86 15.69 41.65
CA CYS B 144 -27.24 15.85 42.06
C CYS B 144 -27.36 15.52 43.55
N ASP B 145 -27.96 16.45 44.29
CA ASP B 145 -28.18 16.30 45.72
C ASP B 145 -29.55 15.65 45.92
N PRO B 146 -29.58 14.38 46.39
CA PRO B 146 -30.84 13.68 46.59
C PRO B 146 -31.51 13.89 47.96
N THR B 147 -31.02 14.81 48.78
CA THR B 147 -31.67 15.13 50.07
C THR B 147 -33.14 15.51 49.87
N GLY B 148 -34.04 14.75 50.50
CA GLY B 148 -35.49 14.95 50.36
C GLY B 148 -36.16 14.05 49.34
N VAL B 149 -35.41 13.13 48.73
CA VAL B 149 -35.95 12.23 47.75
C VAL B 149 -36.99 11.30 48.37
N ASP B 150 -36.80 11.00 49.66
CA ASP B 150 -37.75 10.16 50.43
C ASP B 150 -39.00 10.90 50.95
N SER B 151 -39.25 12.11 50.46
CA SER B 151 -40.41 12.86 50.82
C SER B 151 -41.41 12.85 49.67
N GLU B 152 -42.60 13.36 49.97
CA GLU B 152 -43.67 13.43 49.01
C GLU B 152 -43.36 14.39 47.84
N GLU B 153 -42.65 15.48 48.16
CA GLU B 153 -42.31 16.51 47.18
C GLU B 153 -41.15 16.06 46.28
N GLY B 154 -40.32 15.15 46.76
CA GLY B 154 -39.15 14.69 46.02
C GLY B 154 -38.08 15.75 45.84
N VAL B 155 -37.22 15.54 44.85
CA VAL B 155 -36.11 16.44 44.55
C VAL B 155 -36.05 16.71 43.05
N THR B 156 -35.38 17.79 42.71
CA THR B 156 -35.19 18.17 41.33
C THR B 156 -33.71 18.14 41.06
N CYS B 157 -33.36 17.58 39.91
CA CYS B 157 -32.00 17.61 39.41
C CYS B 157 -31.92 17.98 37.95
N ALA B 158 -30.74 18.39 37.52
CA ALA B 158 -30.52 18.94 36.20
C ALA B 158 -29.12 18.63 35.68
N VAL B 159 -29.05 18.36 34.39
CA VAL B 159 -27.78 18.17 33.71
C VAL B 159 -27.89 18.73 32.29
N LYS B 160 -26.88 19.49 31.88
CA LYS B 160 -26.80 20.09 30.56
C LYS B 160 -26.05 19.17 29.59
N PHE B 161 -26.58 18.99 28.40
CA PHE B 161 -25.95 18.23 27.33
C PHE B 161 -25.65 19.17 26.16
N GLY B 162 -24.42 19.16 25.68
CA GLY B 162 -24.05 20.00 24.55
C GLY B 162 -22.70 19.62 23.99
N SER B 163 -22.36 20.21 22.86
CA SER B 163 -21.03 20.04 22.31
C SER B 163 -20.04 20.56 23.33
N TRP B 164 -18.95 19.81 23.50
CA TRP B 164 -17.85 20.27 24.35
C TRP B 164 -16.98 21.33 23.65
N VAL B 165 -16.80 21.19 22.35
CA VAL B 165 -15.79 22.00 21.63
C VAL B 165 -16.32 22.94 20.55
N TYR B 166 -17.58 22.78 20.13
CA TYR B 166 -18.13 23.62 19.07
C TYR B 166 -19.09 24.64 19.67
N SER B 167 -18.87 25.91 19.35
CA SER B 167 -19.75 26.99 19.78
C SER B 167 -21.05 26.95 18.98
N GLY B 168 -21.97 27.84 19.36
CA GLY B 168 -23.20 28.06 18.63
C GLY B 168 -23.05 28.49 17.17
N PHE B 169 -21.89 29.02 16.80
CA PHE B 169 -21.61 29.33 15.40
C PHE B 169 -21.36 28.10 14.52
N GLU B 170 -21.05 26.96 15.11
CA GLU B 170 -20.85 25.71 14.35
C GLU B 170 -21.92 24.67 14.60
N ILE B 171 -22.32 24.51 15.88
CA ILE B 171 -23.39 23.59 16.24
C ILE B 171 -24.47 24.29 17.03
N ASP B 172 -25.68 24.28 16.48
CA ASP B 172 -26.87 24.67 17.20
C ASP B 172 -27.60 23.39 17.59
N LEU B 173 -28.41 23.48 18.63
CA LEU B 173 -29.23 22.36 19.09
C LEU B 173 -30.68 22.78 19.14
N LYS B 174 -31.55 21.80 18.97
CA LYS B 174 -32.96 22.00 19.23
C LYS B 174 -33.55 20.71 19.77
N THR B 175 -34.75 20.83 20.33
CA THR B 175 -35.59 19.69 20.68
C THR B 175 -36.87 19.81 19.85
N ASP B 176 -37.52 18.67 19.61
CA ASP B 176 -38.83 18.65 18.95
C ASP B 176 -39.94 18.90 19.98
N THR B 177 -39.70 18.52 21.21
CA THR B 177 -40.62 18.80 22.31
C THR B 177 -39.77 19.03 23.55
N ASP B 178 -40.30 19.81 24.49
CA ASP B 178 -39.67 20.02 25.79
C ASP B 178 -40.01 18.92 26.82
N GLN B 179 -40.90 18.00 26.46
CA GLN B 179 -41.27 16.89 27.33
C GLN B 179 -40.39 15.67 27.06
N VAL B 180 -39.68 15.22 28.08
CA VAL B 180 -38.89 13.99 28.00
C VAL B 180 -39.83 12.82 27.82
N ASP B 181 -39.45 11.84 27.03
CA ASP B 181 -40.26 10.64 26.85
C ASP B 181 -40.10 9.73 28.09
N LEU B 182 -41.19 9.55 28.81
CA LEU B 182 -41.26 8.74 30.01
C LEU B 182 -42.06 7.49 29.87
N SER B 183 -42.48 7.19 28.65
CA SER B 183 -43.41 6.05 28.41
C SER B 183 -42.74 4.70 28.50
N SER B 184 -41.43 4.64 28.51
CA SER B 184 -40.62 3.43 28.73
C SER B 184 -39.91 3.45 30.09
N TYR B 185 -40.31 4.33 31.02
CA TYR B 185 -39.64 4.38 32.31
C TYR B 185 -39.94 3.09 33.08
N TYR B 186 -38.92 2.49 33.65
CA TYR B 186 -39.04 1.23 34.41
C TYR B 186 -40.04 1.34 35.58
N ALA B 187 -41.12 0.58 35.51
CA ALA B 187 -42.24 0.68 36.44
C ALA B 187 -41.88 0.26 37.85
N SER B 188 -40.89 -0.62 38.01
CA SER B 188 -40.45 -1.05 39.35
C SER B 188 -39.14 -0.43 39.80
N SER B 189 -38.76 0.72 39.22
CA SER B 189 -37.63 1.49 39.70
C SER B 189 -37.80 1.83 41.19
N LYS B 190 -36.69 1.99 41.88
CA LYS B 190 -36.71 2.58 43.23
C LYS B 190 -37.24 4.01 43.26
N TYR B 191 -37.15 4.72 42.13
CA TYR B 191 -37.58 6.11 42.06
C TYR B 191 -38.71 6.26 41.07
N GLU B 192 -39.67 7.10 41.38
CA GLU B 192 -40.71 7.46 40.44
C GLU B 192 -40.45 8.88 39.94
N ILE B 193 -40.77 9.12 38.68
CA ILE B 193 -40.58 10.41 38.04
C ILE B 193 -41.83 11.22 38.19
N LEU B 194 -41.69 12.43 38.72
CA LEU B 194 -42.80 13.34 38.78
C LEU B 194 -42.87 14.18 37.48
N SER B 195 -41.72 14.67 37.02
CA SER B 195 -41.67 15.35 35.75
C SER B 195 -40.28 15.34 35.17
N ALA B 196 -40.18 15.57 33.86
CA ALA B 196 -38.94 15.56 33.13
C ALA B 196 -39.05 16.42 31.87
N THR B 197 -38.21 17.44 31.80
CA THR B 197 -38.17 18.36 30.69
C THR B 197 -36.77 18.46 30.07
N GLN B 198 -36.75 18.88 28.81
CA GLN B 198 -35.53 19.02 28.02
C GLN B 198 -35.61 20.34 27.27
N THR B 199 -34.75 21.29 27.58
CA THR B 199 -34.91 22.66 27.10
C THR B 199 -33.60 23.25 26.60
N ARG B 200 -33.63 23.79 25.37
CA ARG B 200 -32.49 24.49 24.80
C ARG B 200 -32.10 25.69 25.66
N GLN B 201 -30.80 25.88 25.86
CA GLN B 201 -30.23 27.02 26.56
C GLN B 201 -28.96 27.49 25.86
N VAL B 202 -28.62 28.75 26.12
CA VAL B 202 -27.35 29.35 25.72
C VAL B 202 -26.50 29.59 26.96
N GLN B 203 -25.20 29.29 26.86
CA GLN B 203 -24.26 29.47 27.97
C GLN B 203 -22.95 30.05 27.45
N HIS B 204 -22.21 30.66 28.36
CA HIS B 204 -20.88 31.23 28.09
C HIS B 204 -19.91 30.61 29.08
N TYR B 205 -18.65 30.48 28.67
CA TYR B 205 -17.59 29.83 29.46
C TYR B 205 -16.38 30.74 29.46
N SER B 206 -15.57 30.63 30.52
CA SER B 206 -14.39 31.50 30.72
C SER B 206 -13.38 31.45 29.58
N CYS B 207 -13.22 30.28 28.96
CA CYS B 207 -12.24 30.06 27.89
C CYS B 207 -12.43 30.89 26.61
N CYS B 208 -13.67 31.33 26.36
CA CYS B 208 -14.19 31.54 25.02
C CYS B 208 -15.22 32.68 25.04
N PRO B 209 -15.18 33.62 24.08
CA PRO B 209 -16.24 34.65 24.06
C PRO B 209 -17.57 34.23 23.42
N GLU B 210 -17.59 33.12 22.69
CA GLU B 210 -18.76 32.74 21.86
C GLU B 210 -19.79 31.96 22.70
N PRO B 211 -21.09 32.11 22.36
CA PRO B 211 -22.13 31.32 23.04
C PRO B 211 -22.01 29.84 22.66
N TYR B 212 -22.27 28.97 23.64
CA TYR B 212 -22.34 27.53 23.45
C TYR B 212 -23.78 27.14 23.77
N ILE B 213 -24.30 26.14 23.05
CA ILE B 213 -25.68 25.74 23.18
C ILE B 213 -25.74 24.42 23.92
N ASP B 214 -26.73 24.28 24.79
CA ASP B 214 -26.99 23.00 25.44
C ASP B 214 -28.47 22.73 25.52
N VAL B 215 -28.80 21.47 25.80
CA VAL B 215 -30.13 21.06 26.19
C VAL B 215 -30.07 20.66 27.67
N ASN B 216 -30.89 21.33 28.48
CA ASN B 216 -30.91 21.14 29.91
C ASN B 216 -32.00 20.12 30.25
N LEU B 217 -31.57 18.98 30.79
CA LEU B 217 -32.46 17.89 31.19
C LEU B 217 -32.76 18.10 32.67
N VAL B 218 -34.02 18.36 32.98
CA VAL B 218 -34.46 18.65 34.35
C VAL B 218 -35.44 17.57 34.80
N VAL B 219 -35.10 16.84 35.84
CA VAL B 219 -35.89 15.71 36.29
C VAL B 219 -36.27 15.89 37.76
N LYS B 220 -37.56 15.76 38.04
CA LYS B 220 -38.08 15.75 39.40
C LYS B 220 -38.54 14.34 39.72
N PHE B 221 -38.04 13.82 40.85
CA PHE B 221 -38.30 12.44 41.24
C PHE B 221 -38.34 12.23 42.73
N ARG B 222 -38.86 11.09 43.16
CA ARG B 222 -38.86 10.70 44.57
C ARG B 222 -38.86 9.21 44.70
N GLU B 223 -38.59 8.73 45.91
CA GLU B 223 -38.63 7.28 46.17
C GLU B 223 -40.02 6.78 45.94
N ARG B 224 -40.16 5.64 45.31
CA ARG B 224 -41.44 4.88 45.24
C ARG B 224 -41.74 4.38 46.66
N ARG B 225 -42.85 4.69 47.32
CA ARG B 225 -42.79 4.52 48.81
C ARG B 225 -43.76 3.52 49.46
N ALA B 226 -45.02 3.90 49.62
CA ALA B 226 -46.09 2.99 49.95
C ALA B 226 -46.79 2.84 48.60
N GLY B 227 -48.11 2.81 48.57
CA GLY B 227 -48.86 3.20 47.38
C GLY B 227 -49.13 4.68 47.52
N ASN B 228 -48.06 5.49 47.49
CA ASN B 228 -48.11 6.90 47.94
C ASN B 228 -48.63 7.88 46.90
N GLY B 229 -49.60 8.70 47.31
CA GLY B 229 -50.15 9.75 46.46
C GLY B 229 -49.18 10.87 46.20
N PHE B 230 -49.49 11.68 45.19
CA PHE B 230 -48.62 12.80 44.72
C PHE B 230 -48.85 14.13 45.48
N PHE B 231 -49.62 14.04 46.56
CA PHE B 231 -49.92 15.14 47.47
C PHE B 231 -49.97 14.58 48.91
N GLN C 20 -16.62 22.92 3.71
CA GLN C 20 -16.05 21.56 3.97
C GLN C 20 -14.78 21.39 3.13
N ALA C 21 -14.86 21.77 1.85
CA ALA C 21 -13.77 21.59 0.87
C ALA C 21 -12.46 22.24 1.29
N ASN C 22 -12.52 23.49 1.70
CA ASN C 22 -11.33 24.22 2.13
C ASN C 22 -10.74 23.63 3.41
N LEU C 23 -11.58 23.25 4.37
CA LEU C 23 -11.10 22.65 5.61
C LEU C 23 -10.43 21.29 5.34
N MET C 24 -11.04 20.46 4.49
CA MET C 24 -10.47 19.17 4.11
C MET C 24 -9.10 19.35 3.51
N ARG C 25 -8.97 20.37 2.69
CA ARG C 25 -7.71 20.70 2.03
C ARG C 25 -6.68 21.16 3.07
N LEU C 26 -7.10 22.03 3.99
CA LEU C 26 -6.23 22.51 5.06
C LEU C 26 -5.73 21.36 5.94
N LYS C 27 -6.62 20.47 6.33
CA LYS C 27 -6.24 19.35 7.21
C LYS C 27 -5.28 18.41 6.50
N SER C 28 -5.56 18.11 5.23
CA SER C 28 -4.66 17.30 4.42
C SER C 28 -3.24 17.92 4.31
N ASP C 29 -3.19 19.22 4.07
CA ASP C 29 -1.91 19.92 4.01
C ASP C 29 -1.16 19.95 5.35
N LEU C 30 -1.86 20.17 6.45
CA LEU C 30 -1.21 20.20 7.77
C LEU C 30 -0.74 18.81 8.25
N PHE C 31 -1.52 17.77 7.97
CA PHE C 31 -1.32 16.46 8.61
C PHE C 31 -0.83 15.32 7.74
N ASN C 32 -1.12 15.35 6.43
CA ASN C 32 -0.77 14.21 5.55
C ASN C 32 0.52 14.37 4.74
N ARG C 33 1.20 15.51 4.85
CA ARG C 33 2.42 15.75 4.05
C ARG C 33 3.73 15.53 4.81
N SER C 34 3.85 16.11 6.01
CA SER C 34 5.05 15.97 6.83
C SER C 34 4.88 14.81 7.82
N PRO C 35 6.00 14.35 8.42
CA PRO C 35 5.82 13.49 9.60
C PRO C 35 5.22 14.30 10.76
N MET C 36 4.63 13.62 11.74
CA MET C 36 4.04 14.33 12.87
C MET C 36 5.13 15.07 13.63
N TYR C 37 4.74 16.20 14.23
CA TYR C 37 5.62 16.95 15.09
C TYR C 37 6.15 15.98 16.16
N PRO C 38 7.48 15.88 16.32
CA PRO C 38 8.09 14.92 17.24
C PRO C 38 8.19 15.40 18.70
N GLY C 39 7.56 16.53 19.01
CA GLY C 39 7.57 17.06 20.36
C GLY C 39 8.69 18.06 20.51
N PRO C 40 8.70 18.80 21.62
CA PRO C 40 9.72 19.83 21.83
C PRO C 40 11.09 19.26 22.14
N THR C 41 12.09 20.11 21.95
CA THR C 41 13.49 19.79 22.16
C THR C 41 14.15 20.96 22.86
N LYS C 42 15.37 20.74 23.33
CA LYS C 42 16.19 21.80 23.92
C LYS C 42 16.40 22.98 22.96
N ASP C 43 16.49 22.68 21.66
CA ASP C 43 16.63 23.70 20.58
C ASP C 43 15.32 24.38 20.20
N ASP C 44 14.19 23.69 20.37
CA ASP C 44 12.86 24.21 20.05
C ASP C 44 11.90 23.99 21.24
N PRO C 45 12.14 24.69 22.36
CA PRO C 45 11.32 24.47 23.54
C PRO C 45 9.93 25.07 23.39
N LEU C 46 9.05 24.68 24.29
CA LEU C 46 7.64 25.00 24.20
C LEU C 46 7.14 25.44 25.57
N THR C 47 6.30 26.46 25.62
CA THR C 47 5.64 26.86 26.85
C THR C 47 4.16 26.50 26.79
N VAL C 48 3.70 25.73 27.78
CA VAL C 48 2.29 25.36 27.90
C VAL C 48 1.66 26.19 29.02
N THR C 49 0.55 26.86 28.68
CA THR C 49 -0.21 27.60 29.66
C THR C 49 -1.31 26.68 30.21
N LEU C 50 -1.38 26.54 31.53
CA LEU C 50 -2.39 25.73 32.22
C LEU C 50 -3.30 26.59 33.07
N GLY C 51 -4.56 26.16 33.16
CA GLY C 51 -5.51 26.75 34.10
C GLY C 51 -6.58 25.74 34.46
N PHE C 52 -7.00 25.73 35.73
CA PHE C 52 -7.97 24.76 36.21
C PHE C 52 -9.31 25.41 36.49
N THR C 53 -10.37 24.70 36.16
CA THR C 53 -11.71 25.05 36.54
C THR C 53 -12.25 23.89 37.37
N LEU C 54 -12.39 24.13 38.67
CA LEU C 54 -12.79 23.10 39.61
C LEU C 54 -14.32 23.02 39.69
N GLN C 55 -14.85 21.84 39.38
CA GLN C 55 -16.29 21.61 39.37
C GLN C 55 -16.84 20.96 40.63
N ASP C 56 -16.10 20.02 41.20
CA ASP C 56 -16.62 19.31 42.39
C ASP C 56 -15.54 18.54 43.10
N ILE C 57 -15.57 18.59 44.43
CA ILE C 57 -14.89 17.61 45.25
C ILE C 57 -15.97 16.57 45.51
N VAL C 58 -15.86 15.44 44.83
CA VAL C 58 -16.93 14.47 44.74
C VAL C 58 -16.92 13.58 45.95
N LYS C 59 -15.74 13.10 46.33
CA LYS C 59 -15.62 12.34 47.57
C LYS C 59 -14.27 12.35 48.22
N VAL C 60 -14.31 12.04 49.50
CA VAL C 60 -13.10 11.88 50.32
C VAL C 60 -13.18 10.49 50.92
N ASP C 61 -12.03 9.84 51.00
CA ASP C 61 -11.96 8.51 51.60
C ASP C 61 -10.97 8.62 52.74
N SER C 62 -11.50 8.77 53.94
CA SER C 62 -10.69 8.91 55.13
C SER C 62 -10.01 7.62 55.54
N SER C 63 -10.41 6.47 55.00
CA SER C 63 -9.69 5.23 55.32
C SER C 63 -8.43 5.03 54.47
N THR C 64 -8.33 5.68 53.31
CA THR C 64 -7.17 5.55 52.41
C THR C 64 -6.42 6.85 52.12
N ASN C 65 -6.92 7.97 52.65
CA ASN C 65 -6.41 9.31 52.34
C ASN C 65 -6.31 9.56 50.83
N GLU C 66 -7.43 9.34 50.17
CA GLU C 66 -7.63 9.66 48.76
C GLU C 66 -8.81 10.60 48.66
N VAL C 67 -8.67 11.62 47.80
CA VAL C 67 -9.78 12.53 47.48
C VAL C 67 -9.98 12.56 45.97
N ASP C 68 -11.23 12.70 45.56
CA ASP C 68 -11.64 12.71 44.15
C ASP C 68 -12.16 14.08 43.72
N LEU C 69 -11.50 14.66 42.71
CA LEU C 69 -11.89 15.93 42.12
C LEU C 69 -12.39 15.75 40.71
N VAL C 70 -13.37 16.57 40.33
CA VAL C 70 -13.79 16.71 38.94
C VAL C 70 -13.48 18.14 38.54
N TYR C 71 -12.75 18.29 37.45
CA TYR C 71 -12.33 19.60 36.97
C TYR C 71 -12.11 19.53 35.47
N TYR C 72 -11.94 20.68 34.86
CA TYR C 72 -11.34 20.73 33.55
C TYR C 72 -10.12 21.63 33.51
N GLU C 73 -9.18 21.19 32.68
CA GLU C 73 -7.84 21.71 32.62
C GLU C 73 -7.61 22.32 31.23
N GLN C 74 -7.57 23.64 31.18
CA GLN C 74 -7.30 24.35 29.94
C GLN C 74 -5.82 24.33 29.65
N GLN C 75 -5.45 23.79 28.50
CA GLN C 75 -4.07 23.74 28.04
C GLN C 75 -3.92 24.54 26.75
N ARG C 76 -2.88 25.36 26.67
CA ARG C 76 -2.61 26.16 25.48
C ARG C 76 -1.11 26.13 25.15
N TRP C 77 -0.81 25.92 23.88
CA TRP C 77 0.54 26.02 23.35
C TRP C 77 0.49 26.44 21.86
N LYS C 78 1.66 26.66 21.27
CA LYS C 78 1.76 27.21 19.91
C LYS C 78 2.89 26.51 19.17
N LEU C 79 2.61 26.03 17.96
CA LEU C 79 3.61 25.40 17.08
C LEU C 79 3.63 26.08 15.72
N ASN C 80 4.83 26.35 15.19
CA ASN C 80 4.99 26.88 13.85
C ASN C 80 4.45 25.91 12.78
N SER C 81 4.61 24.61 13.01
CA SER C 81 4.10 23.60 12.08
C SER C 81 2.56 23.52 11.94
N LEU C 82 1.81 24.25 12.76
CA LEU C 82 0.36 24.32 12.65
C LEU C 82 -0.14 25.65 12.12
N MET C 83 0.77 26.48 11.62
CA MET C 83 0.40 27.77 11.03
C MET C 83 -0.12 27.61 9.60
N TRP C 84 -1.07 28.45 9.24
CA TRP C 84 -1.47 28.60 7.85
C TRP C 84 -1.95 30.01 7.60
N ASP C 85 -2.01 30.35 6.32
CA ASP C 85 -2.52 31.63 5.83
C ASP C 85 -4.01 31.44 5.53
N PRO C 86 -4.92 32.11 6.28
CA PRO C 86 -6.35 31.93 5.99
C PRO C 86 -6.80 32.26 4.55
N ASN C 87 -6.10 33.19 3.88
CA ASN C 87 -6.39 33.56 2.48
C ASN C 87 -6.35 32.37 1.54
N GLU C 88 -5.36 31.49 1.75
CA GLU C 88 -5.22 30.28 0.95
C GLU C 88 -6.19 29.13 1.25
N TYR C 89 -7.05 29.31 2.27
CA TYR C 89 -7.96 28.26 2.72
C TYR C 89 -9.34 28.80 3.07
N GLY C 90 -9.86 29.63 2.17
CA GLY C 90 -11.22 30.14 2.28
C GLY C 90 -11.54 30.93 3.53
N ASN C 91 -10.56 31.68 4.01
CA ASN C 91 -10.66 32.48 5.25
C ASN C 91 -10.92 31.66 6.54
N ILE C 92 -10.55 30.38 6.54
CA ILE C 92 -10.62 29.58 7.76
C ILE C 92 -9.56 30.11 8.74
N THR C 93 -10.02 30.55 9.91
CA THR C 93 -9.12 31.02 10.99
C THR C 93 -8.87 29.98 12.09
N ASP C 94 -9.75 28.99 12.22
CA ASP C 94 -9.55 27.89 13.18
C ASP C 94 -10.34 26.65 12.79
N PHE C 95 -10.03 25.53 13.46
CA PHE C 95 -10.79 24.31 13.27
C PHE C 95 -10.65 23.37 14.46
N ARG C 96 -11.61 22.46 14.56
CA ARG C 96 -11.63 21.42 15.57
C ARG C 96 -11.05 20.18 14.97
N THR C 97 -10.24 19.47 15.74
CA THR C 97 -9.71 18.22 15.28
C THR C 97 -9.42 17.29 16.45
N SER C 98 -9.50 15.99 16.16
CA SER C 98 -9.16 14.96 17.13
C SER C 98 -7.76 15.21 17.68
N ALA C 99 -7.62 15.08 19.00
CA ALA C 99 -6.33 15.24 19.67
C ALA C 99 -5.29 14.21 19.22
N ALA C 100 -5.74 13.08 18.69
CA ALA C 100 -4.83 12.10 18.07
C ALA C 100 -4.15 12.59 16.78
N ASP C 101 -4.72 13.59 16.12
CA ASP C 101 -4.10 14.19 14.92
C ASP C 101 -2.88 15.06 15.21
N ILE C 102 -2.74 15.51 16.45
CA ILE C 102 -1.71 16.46 16.82
C ILE C 102 -0.91 15.96 18.02
N TRP C 103 0.27 16.53 18.19
CA TRP C 103 1.00 16.34 19.43
C TRP C 103 0.25 17.08 20.54
N THR C 104 0.19 16.47 21.71
CA THR C 104 -0.31 17.10 22.92
C THR C 104 0.66 16.89 24.06
N PRO C 105 0.72 17.85 25.01
CA PRO C 105 1.65 17.71 26.12
C PRO C 105 1.18 16.63 27.10
N ASP C 106 2.15 15.94 27.69
CA ASP C 106 1.90 14.81 28.60
C ASP C 106 1.73 15.29 30.07
N ILE C 107 0.77 16.18 30.28
CA ILE C 107 0.56 16.79 31.58
C ILE C 107 -0.05 15.75 32.52
N THR C 108 0.60 15.52 33.65
CA THR C 108 0.33 14.39 34.53
C THR C 108 0.23 14.89 35.95
N ALA C 109 -0.74 14.36 36.70
CA ALA C 109 -0.81 14.59 38.15
C ALA C 109 0.26 13.75 38.83
N TYR C 110 1.01 14.35 39.75
CA TYR C 110 2.15 13.67 40.37
C TYR C 110 1.83 12.81 41.60
N SER C 111 0.60 12.91 42.11
CA SER C 111 0.22 12.14 43.28
C SER C 111 -1.15 11.48 43.09
N SER C 112 -1.44 11.09 41.85
CA SER C 112 -2.63 10.31 41.56
C SER C 112 -2.53 8.92 42.18
N THR C 113 -3.68 8.35 42.53
CA THR C 113 -3.73 6.95 43.02
C THR C 113 -4.51 6.00 42.10
N ARG C 114 -5.08 6.53 41.03
CA ARG C 114 -5.81 5.77 40.01
C ARG C 114 -5.60 6.44 38.67
N PRO C 115 -5.77 5.71 37.57
CA PRO C 115 -5.75 6.42 36.29
C PRO C 115 -6.83 7.50 36.23
N VAL C 116 -6.48 8.62 35.64
CA VAL C 116 -7.42 9.71 35.45
C VAL C 116 -8.54 9.24 34.54
N GLN C 117 -9.77 9.61 34.85
CA GLN C 117 -10.91 9.28 34.00
C GLN C 117 -11.27 10.49 33.14
N VAL C 118 -11.46 10.22 31.85
CA VAL C 118 -11.68 11.29 30.87
C VAL C 118 -13.17 11.52 30.76
N LEU C 119 -13.60 12.76 30.91
CA LEU C 119 -15.04 13.10 30.93
C LEU C 119 -15.51 13.94 29.76
N SER C 120 -14.61 14.28 28.84
CA SER C 120 -14.95 15.09 27.68
C SER C 120 -14.28 14.53 26.42
N PRO C 121 -14.81 14.86 25.23
CA PRO C 121 -14.22 14.37 23.97
C PRO C 121 -12.79 14.87 23.78
N GLN C 122 -11.94 14.03 23.21
CA GLN C 122 -10.54 14.33 22.98
C GLN C 122 -10.40 15.09 21.65
N ILE C 123 -10.84 16.34 21.68
CA ILE C 123 -10.87 17.19 20.50
C ILE C 123 -10.29 18.54 20.92
N ALA C 124 -9.38 19.05 20.10
CA ALA C 124 -8.75 20.35 20.32
C ALA C 124 -9.17 21.37 19.25
N VAL C 125 -8.91 22.64 19.54
CA VAL C 125 -9.17 23.72 18.59
C VAL C 125 -7.82 24.29 18.18
N VAL C 126 -7.57 24.29 16.88
CA VAL C 126 -6.31 24.81 16.31
C VAL C 126 -6.63 26.11 15.59
N THR C 127 -5.80 27.12 15.80
CA THR C 127 -5.99 28.46 15.23
C THR C 127 -4.84 28.77 14.26
N HIS C 128 -5.11 29.63 13.29
CA HIS C 128 -4.19 29.88 12.14
C HIS C 128 -2.78 30.35 12.49
N ASP C 129 -2.64 30.99 13.66
CA ASP C 129 -1.30 31.33 14.18
C ASP C 129 -0.51 30.15 14.74
N GLY C 130 -1.07 28.95 14.69
CA GLY C 130 -0.41 27.75 15.18
C GLY C 130 -0.70 27.45 16.64
N SER C 131 -1.61 28.20 17.24
CA SER C 131 -1.95 27.99 18.64
C SER C 131 -3.01 26.90 18.77
N VAL C 132 -2.91 26.13 19.84
CA VAL C 132 -3.83 25.06 20.13
C VAL C 132 -4.46 25.30 21.50
N MET C 133 -5.76 25.02 21.61
CA MET C 133 -6.47 24.98 22.87
C MET C 133 -7.10 23.60 23.06
N PHE C 134 -6.77 22.96 24.17
CA PHE C 134 -7.27 21.62 24.51
C PHE C 134 -7.71 21.64 25.98
N ILE C 135 -8.95 21.26 26.25
CA ILE C 135 -9.56 21.41 27.56
C ILE C 135 -10.20 20.11 28.05
N PRO C 136 -9.36 19.14 28.45
CA PRO C 136 -9.88 17.87 28.97
C PRO C 136 -10.55 17.99 30.35
N ALA C 137 -11.76 17.46 30.45
CA ALA C 137 -12.44 17.30 31.73
C ALA C 137 -12.03 15.96 32.30
N GLN C 138 -11.72 15.94 33.59
CA GLN C 138 -11.11 14.79 34.24
C GLN C 138 -11.69 14.56 35.63
N ARG C 139 -11.73 13.29 36.02
CA ARG C 139 -11.91 12.93 37.41
C ARG C 139 -10.60 12.29 37.89
N LEU C 140 -10.07 12.85 38.98
CA LEU C 140 -8.78 12.45 39.54
C LEU C 140 -8.94 12.02 40.99
N SER C 141 -8.39 10.85 41.33
CA SER C 141 -8.16 10.46 42.73
C SER C 141 -6.70 10.72 43.06
N PHE C 142 -6.46 11.47 44.13
CA PHE C 142 -5.10 11.80 44.54
C PHE C 142 -4.93 11.74 46.07
N MET C 143 -3.67 11.78 46.48
CA MET C 143 -3.28 11.59 47.87
C MET C 143 -3.60 12.85 48.68
N CYS C 144 -4.45 12.69 49.68
CA CYS C 144 -4.94 13.81 50.48
C CYS C 144 -5.60 13.27 51.75
N ASP C 145 -5.15 13.80 52.90
CA ASP C 145 -5.67 13.43 54.20
C ASP C 145 -6.83 14.39 54.53
N PRO C 146 -8.08 13.89 54.55
CA PRO C 146 -9.23 14.74 54.84
C PRO C 146 -9.59 14.90 56.32
N THR C 147 -8.75 14.41 57.24
CA THR C 147 -9.00 14.59 58.68
C THR C 147 -9.14 16.06 59.03
N GLY C 148 -10.28 16.44 59.60
CA GLY C 148 -10.58 17.83 59.96
C GLY C 148 -11.43 18.58 58.93
N VAL C 149 -11.86 17.88 57.89
CA VAL C 149 -12.68 18.50 56.86
C VAL C 149 -14.02 18.94 57.44
N ASP C 150 -14.50 18.23 58.47
CA ASP C 150 -15.76 18.58 59.16
C ASP C 150 -15.63 19.70 60.21
N SER C 151 -14.51 20.41 60.21
CA SER C 151 -14.31 21.53 61.10
C SER C 151 -14.43 22.83 60.32
N GLU C 152 -14.44 23.91 61.08
CA GLU C 152 -14.55 25.26 60.54
C GLU C 152 -13.31 25.64 59.72
N GLU C 153 -12.15 25.17 60.15
CA GLU C 153 -10.88 25.49 59.50
C GLU C 153 -10.68 24.67 58.21
N GLY C 154 -11.34 23.52 58.12
CA GLY C 154 -11.22 22.64 56.96
C GLY C 154 -9.84 22.01 56.82
N VAL C 155 -9.54 21.55 55.62
CA VAL C 155 -8.26 20.91 55.31
C VAL C 155 -7.70 21.49 54.02
N THR C 156 -6.40 21.33 53.86
CA THR C 156 -5.72 21.80 52.68
C THR C 156 -5.12 20.58 52.01
N CYS C 157 -5.28 20.51 50.69
CA CYS C 157 -4.61 19.52 49.89
C CYS C 157 -3.98 20.12 48.65
N ALA C 158 -3.05 19.35 48.08
CA ALA C 158 -2.22 19.82 46.97
C ALA C 158 -1.87 18.69 46.02
N VAL C 159 -1.84 19.01 44.74
CA VAL C 159 -1.41 18.08 43.71
C VAL C 159 -0.66 18.87 42.63
N LYS C 160 0.49 18.35 42.22
CA LYS C 160 1.31 18.97 41.17
C LYS C 160 0.96 18.37 39.81
N PHE C 161 0.81 19.23 38.81
CA PHE C 161 0.58 18.83 37.43
C PHE C 161 1.76 19.28 36.59
N GLY C 162 2.34 18.37 35.83
CA GLY C 162 3.46 18.71 34.96
C GLY C 162 3.75 17.61 33.97
N SER C 163 4.64 17.90 33.03
CA SER C 163 5.11 16.88 32.13
C SER C 163 5.77 15.79 32.95
N TRP C 164 5.50 14.54 32.60
CA TRP C 164 6.17 13.41 33.21
C TRP C 164 7.60 13.22 32.68
N VAL C 165 7.80 13.50 31.40
CA VAL C 165 9.06 13.11 30.72
C VAL C 165 9.91 14.26 30.18
N TYR C 166 9.36 15.47 30.09
CA TYR C 166 10.11 16.60 29.54
C TYR C 166 10.53 17.54 30.66
N SER C 167 11.83 17.84 30.71
CA SER C 167 12.35 18.78 31.68
C SER C 167 11.98 20.21 31.29
N GLY C 168 12.35 21.15 32.15
CA GLY C 168 12.20 22.58 31.90
C GLY C 168 12.94 23.11 30.66
N PHE C 169 13.94 22.38 30.18
CA PHE C 169 14.60 22.73 28.92
C PHE C 169 13.78 22.45 27.66
N GLU C 170 12.75 21.61 27.76
CA GLU C 170 11.86 21.32 26.62
C GLU C 170 10.45 21.85 26.81
N ILE C 171 9.90 21.70 28.03
CA ILE C 171 8.59 22.24 28.35
C ILE C 171 8.64 23.11 29.58
N ASP C 172 8.27 24.38 29.40
CA ASP C 172 8.02 25.29 30.49
C ASP C 172 6.51 25.42 30.64
N LEU C 173 6.05 25.77 31.83
CA LEU C 173 4.66 26.00 32.11
C LEU C 173 4.44 27.38 32.65
N LYS C 174 3.26 27.92 32.41
CA LYS C 174 2.82 29.12 33.08
C LYS C 174 1.32 29.05 33.34
N THR C 175 0.85 29.93 34.20
CA THR C 175 -0.56 30.20 34.39
C THR C 175 -0.82 31.64 34.00
N ASP C 176 -2.05 31.95 33.59
CA ASP C 176 -2.47 33.33 33.35
C ASP C 176 -2.90 34.00 34.64
N THR C 177 -3.39 33.21 35.59
CA THR C 177 -3.73 33.70 36.92
C THR C 177 -3.40 32.59 37.91
N ASP C 178 -3.09 32.97 39.14
CA ASP C 178 -2.90 32.00 40.21
C ASP C 178 -4.21 31.60 40.91
N GLN C 179 -5.33 32.20 40.53
CA GLN C 179 -6.63 31.86 41.08
C GLN C 179 -7.31 30.80 40.22
N VAL C 180 -7.63 29.66 40.83
CA VAL C 180 -8.40 28.61 40.17
C VAL C 180 -9.80 29.16 39.89
N ASP C 181 -10.36 28.80 38.74
CA ASP C 181 -11.70 29.27 38.38
C ASP C 181 -12.72 28.40 39.15
N LEU C 182 -13.49 29.07 40.01
CA LEU C 182 -14.51 28.44 40.84
C LEU C 182 -15.93 28.82 40.43
N SER C 183 -16.10 29.47 39.28
CA SER C 183 -17.40 30.00 38.88
C SER C 183 -18.37 28.92 38.39
N SER C 184 -17.87 27.71 38.10
CA SER C 184 -18.72 26.56 37.81
C SER C 184 -18.70 25.50 38.92
N TYR C 185 -18.24 25.85 40.12
CA TYR C 185 -18.17 24.89 41.21
C TYR C 185 -19.58 24.50 41.62
N TYR C 186 -19.83 23.20 41.74
CA TYR C 186 -21.16 22.67 42.08
C TYR C 186 -21.68 23.22 43.43
N ALA C 187 -22.78 23.96 43.37
CA ALA C 187 -23.31 24.67 44.52
C ALA C 187 -23.83 23.75 45.61
N SER C 188 -24.25 22.53 45.27
CA SER C 188 -24.71 21.56 46.27
C SER C 188 -23.71 20.44 46.57
N SER C 189 -22.43 20.68 46.30
CA SER C 189 -21.38 19.75 46.69
C SER C 189 -21.42 19.53 48.19
N LYS C 190 -20.97 18.36 48.63
CA LYS C 190 -20.75 18.13 50.06
C LYS C 190 -19.67 19.03 50.65
N TYR C 191 -18.77 19.54 49.81
CA TYR C 191 -17.66 20.35 50.28
C TYR C 191 -17.71 21.73 49.67
N GLU C 192 -17.37 22.73 50.49
CA GLU C 192 -17.24 24.07 50.01
C GLU C 192 -15.77 24.42 49.94
N ILE C 193 -15.42 25.25 48.97
CA ILE C 193 -14.04 25.65 48.71
C ILE C 193 -13.77 26.94 49.45
N LEU C 194 -12.74 26.94 50.28
CA LEU C 194 -12.30 28.12 50.98
C LEU C 194 -11.28 28.89 50.16
N SER C 195 -10.37 28.19 49.51
CA SER C 195 -9.46 28.79 48.54
C SER C 195 -8.94 27.75 47.58
N ALA C 196 -8.53 28.21 46.41
CA ALA C 196 -7.98 27.34 45.38
C ALA C 196 -7.03 28.11 44.50
N THR C 197 -5.76 27.72 44.53
CA THR C 197 -4.71 28.39 43.80
C THR C 197 -3.96 27.42 42.90
N GLN C 198 -3.34 27.98 41.87
CA GLN C 198 -2.58 27.23 40.87
C GLN C 198 -1.28 28.00 40.61
N THR C 199 -0.15 27.41 40.97
CA THR C 199 1.11 28.16 41.00
C THR C 199 2.26 27.37 40.38
N ARG C 200 2.98 28.01 39.45
CA ARG C 200 4.16 27.43 38.84
C ARG C 200 5.23 27.13 39.89
N GLN C 201 5.86 25.96 39.79
CA GLN C 201 6.98 25.55 40.63
C GLN C 201 8.04 24.84 39.80
N VAL C 202 9.24 24.83 40.36
CA VAL C 202 10.37 24.04 39.85
C VAL C 202 10.66 22.90 40.84
N GLN C 203 10.91 21.70 40.30
CA GLN C 203 11.23 20.53 41.11
C GLN C 203 12.36 19.75 40.46
N HIS C 204 13.03 18.95 41.29
CA HIS C 204 14.12 18.08 40.88
C HIS C 204 13.76 16.67 41.33
N TYR C 205 14.21 15.68 40.57
CA TYR C 205 13.91 14.27 40.81
C TYR C 205 15.19 13.46 40.80
N SER C 206 15.19 12.34 41.51
CA SER C 206 16.39 11.47 41.62
C SER C 206 16.93 10.98 40.28
N CYS C 207 16.04 10.72 39.32
CA CYS C 207 16.43 10.16 38.01
C CYS C 207 17.36 11.04 37.16
N CYS C 208 17.33 12.35 37.41
CA CYS C 208 17.58 13.35 36.38
C CYS C 208 18.21 14.60 37.04
N PRO C 209 19.26 15.20 36.44
CA PRO C 209 19.80 16.45 37.02
C PRO C 209 19.01 17.73 36.66
N GLU C 210 18.15 17.68 35.65
CA GLU C 210 17.51 18.89 35.11
C GLU C 210 16.25 19.26 35.91
N PRO C 211 15.94 20.58 35.98
CA PRO C 211 14.67 20.99 36.59
C PRO C 211 13.48 20.59 35.79
N TYR C 212 12.40 20.19 36.48
CA TYR C 212 11.10 19.89 35.87
C TYR C 212 10.14 20.93 36.42
N ILE C 213 9.20 21.35 35.57
CA ILE C 213 8.27 22.41 35.94
C ILE C 213 6.91 21.77 36.20
N ASP C 214 6.22 22.28 37.21
CA ASP C 214 4.84 21.89 37.47
C ASP C 214 4.01 23.08 37.87
N VAL C 215 2.70 22.89 37.82
CA VAL C 215 1.73 23.80 38.41
C VAL C 215 1.12 23.08 39.60
N ASN C 216 1.24 23.70 40.77
CA ASN C 216 0.78 23.14 42.03
C ASN C 216 -0.62 23.66 42.32
N LEU C 217 -1.58 22.74 42.34
CA LEU C 217 -2.98 23.05 42.61
C LEU C 217 -3.19 22.84 44.10
N VAL C 218 -3.50 23.92 44.81
CA VAL C 218 -3.66 23.89 46.27
C VAL C 218 -5.10 24.26 46.60
N VAL C 219 -5.82 23.34 47.24
CA VAL C 219 -7.23 23.54 47.50
C VAL C 219 -7.48 23.40 49.00
N LYS C 220 -8.12 24.41 49.58
CA LYS C 220 -8.57 24.37 50.95
C LYS C 220 -10.08 24.26 50.95
N PHE C 221 -10.61 23.28 51.67
CA PHE C 221 -12.03 22.98 51.66
C PHE C 221 -12.52 22.42 52.99
N ARG C 222 -13.84 22.45 53.14
CA ARG C 222 -14.48 21.86 54.33
C ARG C 222 -15.87 21.41 53.98
N GLU C 223 -16.46 20.62 54.86
CA GLU C 223 -17.84 20.17 54.67
C GLU C 223 -18.75 21.37 54.68
N ARG C 224 -19.72 21.41 53.77
CA ARG C 224 -20.61 22.55 53.61
C ARG C 224 -21.56 22.63 54.84
N ARG C 225 -21.74 23.84 55.35
CA ARG C 225 -22.62 24.11 56.50
C ARG C 225 -24.10 23.83 56.20
N GLN D 20 13.09 20.63 14.91
CA GLN D 20 12.09 19.58 14.54
C GLN D 20 12.66 18.72 13.41
N ALA D 21 13.23 19.37 12.40
CA ALA D 21 13.73 18.72 11.18
C ALA D 21 14.75 17.62 11.44
N ASN D 22 15.75 17.93 12.25
CA ASN D 22 16.79 16.96 12.57
C ASN D 22 16.24 15.79 13.38
N LEU D 23 15.37 16.06 14.34
CA LEU D 23 14.76 15.01 15.15
C LEU D 23 13.89 14.08 14.29
N MET D 24 13.09 14.66 13.41
CA MET D 24 12.25 13.88 12.50
C MET D 24 13.10 12.95 11.66
N ARG D 25 14.23 13.47 11.20
CA ARG D 25 15.17 12.69 10.41
C ARG D 25 15.78 11.57 11.24
N LEU D 26 16.19 11.88 12.47
CA LEU D 26 16.75 10.88 13.38
C LEU D 26 15.75 9.76 13.67
N LYS D 27 14.50 10.13 13.96
CA LYS D 27 13.49 9.12 14.30
C LYS D 27 13.18 8.23 13.10
N SER D 28 13.06 8.83 11.92
CA SER D 28 12.89 8.08 10.68
C SER D 28 14.04 7.08 10.44
N ASP D 29 15.27 7.53 10.63
CA ASP D 29 16.43 6.65 10.49
C ASP D 29 16.47 5.51 11.51
N LEU D 30 16.15 5.80 12.77
CA LEU D 30 16.17 4.76 13.82
C LEU D 30 15.02 3.75 13.68
N PHE D 31 13.84 4.21 13.28
CA PHE D 31 12.63 3.37 13.38
C PHE D 31 12.01 2.89 12.07
N ASN D 32 12.19 3.62 10.97
CA ASN D 32 11.49 3.29 9.70
C ASN D 32 12.31 2.51 8.69
N ARG D 33 13.59 2.23 8.98
CA ARG D 33 14.47 1.54 8.00
C ARG D 33 14.63 0.04 8.24
N SER D 34 14.95 -0.34 9.47
CA SER D 34 15.11 -1.74 9.85
C SER D 34 13.80 -2.31 10.40
N PRO D 35 13.70 -3.65 10.52
CA PRO D 35 12.62 -4.18 11.36
C PRO D 35 12.85 -3.81 12.82
N MET D 36 11.80 -3.86 13.63
CA MET D 36 11.95 -3.51 15.05
C MET D 36 12.90 -4.52 15.71
N TYR D 37 13.61 -4.03 16.73
CA TYR D 37 14.47 -4.87 17.53
C TYR D 37 13.58 -6.02 18.05
N PRO D 38 14.01 -7.28 17.84
CA PRO D 38 13.21 -8.45 18.20
C PRO D 38 13.38 -8.92 19.65
N GLY D 39 14.07 -8.13 20.47
CA GLY D 39 14.28 -8.45 21.86
C GLY D 39 15.60 -9.17 22.03
N PRO D 40 16.04 -9.35 23.27
CA PRO D 40 17.31 -9.99 23.53
C PRO D 40 17.31 -11.49 23.27
N THR D 41 18.51 -12.01 23.10
CA THR D 41 18.75 -13.42 22.84
C THR D 41 19.93 -13.88 23.68
N LYS D 42 20.14 -15.19 23.73
CA LYS D 42 21.29 -15.79 24.41
C LYS D 42 22.62 -15.24 23.85
N ASP D 43 22.66 -14.96 22.55
CA ASP D 43 23.83 -14.35 21.86
C ASP D 43 23.99 -12.86 22.07
N ASP D 44 22.88 -12.15 22.28
CA ASP D 44 22.85 -10.70 22.51
C ASP D 44 22.03 -10.36 23.76
N PRO D 45 22.53 -10.75 24.95
CA PRO D 45 21.76 -10.52 26.17
C PRO D 45 21.74 -9.06 26.57
N LEU D 46 20.85 -8.74 27.49
CA LEU D 46 20.60 -7.37 27.89
C LEU D 46 20.51 -7.29 29.40
N THR D 47 21.07 -6.23 29.99
CA THR D 47 20.93 -5.98 31.40
C THR D 47 20.02 -4.77 31.62
N VAL D 48 18.95 -4.97 32.39
CA VAL D 48 18.04 -3.91 32.76
C VAL D 48 18.29 -3.48 34.20
N THR D 49 18.50 -2.20 34.42
CA THR D 49 18.66 -1.64 35.74
C THR D 49 17.29 -1.17 36.23
N LEU D 50 16.88 -1.64 37.41
CA LEU D 50 15.61 -1.26 38.03
C LEU D 50 15.85 -0.49 39.33
N GLY D 51 14.97 0.46 39.59
CA GLY D 51 14.93 1.16 40.87
C GLY D 51 13.51 1.65 41.17
N PHE D 52 13.10 1.55 42.43
CA PHE D 52 11.75 1.91 42.82
C PHE D 52 11.73 3.18 43.64
N THR D 53 10.73 4.00 43.38
CA THR D 53 10.41 5.16 44.19
C THR D 53 9.01 4.95 44.73
N LEU D 54 8.91 4.68 46.03
CA LEU D 54 7.64 4.36 46.66
C LEU D 54 6.94 5.64 47.09
N GLN D 55 5.72 5.85 46.58
CA GLN D 55 4.95 7.05 46.86
C GLN D 55 3.90 6.86 47.95
N ASP D 56 3.24 5.72 47.97
CA ASP D 56 2.15 5.53 48.93
C ASP D 56 1.76 4.08 49.05
N ILE D 57 1.54 3.64 50.29
CA ILE D 57 0.76 2.43 50.55
C ILE D 57 -0.64 2.97 50.75
N VAL D 58 -1.48 2.75 49.74
CA VAL D 58 -2.76 3.42 49.65
C VAL D 58 -3.79 2.67 50.48
N LYS D 59 -3.80 1.34 50.37
CA LYS D 59 -4.68 0.56 51.21
C LYS D 59 -4.29 -0.88 51.43
N VAL D 60 -4.85 -1.45 52.49
CA VAL D 60 -4.67 -2.83 52.87
C VAL D 60 -6.05 -3.43 52.99
N ASP D 61 -6.18 -4.68 52.57
CA ASP D 61 -7.44 -5.40 52.68
C ASP D 61 -7.15 -6.65 53.49
N SER D 62 -7.50 -6.57 54.78
CA SER D 62 -7.25 -7.67 55.69
C SER D 62 -8.18 -8.85 55.47
N SER D 63 -9.26 -8.68 54.74
CA SER D 63 -10.13 -9.83 54.44
C SER D 63 -9.62 -10.70 53.26
N THR D 64 -8.78 -10.13 52.39
CA THR D 64 -8.25 -10.86 51.22
C THR D 64 -6.72 -10.97 51.17
N ASN D 65 -6.04 -10.36 52.14
CA ASN D 65 -4.58 -10.26 52.15
C ASN D 65 -4.03 -9.70 50.84
N GLU D 66 -4.55 -8.55 50.46
CA GLU D 66 -4.09 -7.76 49.33
C GLU D 66 -3.71 -6.38 49.84
N VAL D 67 -2.59 -5.85 49.35
CA VAL D 67 -2.16 -4.48 49.65
C VAL D 67 -1.91 -3.74 48.33
N ASP D 68 -2.20 -2.45 48.34
CA ASP D 68 -2.09 -1.59 47.17
C ASP D 68 -0.99 -0.53 47.34
N LEU D 69 -0.01 -0.56 46.42
CA LEU D 69 1.09 0.41 46.39
C LEU D 69 1.00 1.30 45.18
N VAL D 70 1.41 2.55 45.35
CA VAL D 70 1.65 3.47 44.24
C VAL D 70 3.14 3.79 44.27
N TYR D 71 3.78 3.59 43.14
CA TYR D 71 5.22 3.81 43.00
C TYR D 71 5.54 4.13 41.55
N TYR D 72 6.77 4.57 41.33
CA TYR D 72 7.31 4.55 39.99
C TYR D 72 8.61 3.77 39.93
N GLU D 73 8.75 3.10 38.79
CA GLU D 73 9.78 2.12 38.54
C GLU D 73 10.68 2.64 37.42
N GLN D 74 11.89 3.03 37.77
CA GLN D 74 12.88 3.46 36.80
C GLN D 74 13.49 2.23 36.14
N GLN D 75 13.38 2.15 34.82
CA GLN D 75 13.97 1.08 34.03
C GLN D 75 15.01 1.69 33.09
N ARG D 76 16.17 1.06 32.99
CA ARG D 76 17.23 1.50 32.10
C ARG D 76 17.88 0.31 31.41
N TRP D 77 18.07 0.43 30.11
CA TRP D 77 18.81 -0.53 29.30
C TRP D 77 19.47 0.17 28.11
N LYS D 78 20.26 -0.57 27.35
CA LYS D 78 21.08 -0.01 26.28
C LYS D 78 21.07 -0.94 25.08
N LEU D 79 20.78 -0.39 23.91
CA LEU D 79 20.81 -1.13 22.63
C LEU D 79 21.73 -0.45 21.63
N ASN D 80 22.55 -1.23 20.94
CA ASN D 80 23.40 -0.70 19.86
C ASN D 80 22.55 -0.15 18.71
N SER D 81 21.42 -0.79 18.42
CA SER D 81 20.51 -0.32 17.38
C SER D 81 19.83 1.04 17.63
N LEU D 82 19.99 1.63 18.81
CA LEU D 82 19.48 2.96 19.11
C LEU D 82 20.58 4.02 19.21
N MET D 83 21.79 3.67 18.79
CA MET D 83 22.91 4.62 18.80
C MET D 83 22.86 5.54 17.58
N TRP D 84 23.29 6.78 17.78
CA TRP D 84 23.55 7.69 16.67
C TRP D 84 24.66 8.64 17.04
N ASP D 85 25.21 9.26 16.01
CA ASP D 85 26.24 10.29 16.12
C ASP D 85 25.52 11.64 16.16
N PRO D 86 25.58 12.37 17.30
CA PRO D 86 24.91 13.68 17.35
C PRO D 86 25.31 14.70 16.26
N ASN D 87 26.55 14.63 15.77
CA ASN D 87 27.05 15.51 14.69
C ASN D 87 26.20 15.43 13.44
N GLU D 88 25.78 14.21 13.09
CA GLU D 88 24.92 13.97 11.93
C GLU D 88 23.44 14.36 12.08
N TYR D 89 23.04 14.80 13.28
CA TYR D 89 21.64 15.09 13.58
C TYR D 89 21.49 16.34 14.43
N GLY D 90 22.19 17.39 14.02
CA GLY D 90 22.09 18.71 14.61
C GLY D 90 22.39 18.80 16.10
N ASN D 91 23.37 17.99 16.54
CA ASN D 91 23.77 17.90 17.96
C ASN D 91 22.68 17.40 18.92
N ILE D 92 21.69 16.66 18.41
CA ILE D 92 20.70 16.02 19.27
C ILE D 92 21.41 14.92 20.07
N THR D 93 21.37 15.04 21.39
CA THR D 93 21.93 14.01 22.29
C THR D 93 20.87 13.05 22.88
N ASP D 94 19.61 13.46 22.91
CA ASP D 94 18.51 12.59 23.34
C ASP D 94 17.16 13.03 22.81
N PHE D 95 16.16 12.17 22.96
CA PHE D 95 14.80 12.51 22.57
C PHE D 95 13.76 11.67 23.30
N ARG D 96 12.55 12.19 23.35
CA ARG D 96 11.40 11.51 23.93
C ARG D 96 10.65 10.83 22.83
N THR D 97 10.20 9.61 23.09
CA THR D 97 9.38 8.92 22.12
C THR D 97 8.42 7.96 22.81
N SER D 98 7.29 7.74 22.17
CA SER D 98 6.31 6.76 22.63
C SER D 98 6.98 5.41 22.85
N ALA D 99 6.66 4.77 23.97
CA ALA D 99 7.19 3.44 24.29
C ALA D 99 6.76 2.36 23.29
N ALA D 100 5.68 2.61 22.55
CA ALA D 100 5.29 1.72 21.44
C ALA D 100 6.26 1.74 20.25
N ASP D 101 7.07 2.80 20.11
CA ASP D 101 8.09 2.88 19.04
C ASP D 101 9.30 1.99 19.28
N ILE D 102 9.50 1.54 20.51
CA ILE D 102 10.68 0.78 20.89
C ILE D 102 10.31 -0.52 21.59
N TRP D 103 11.27 -1.43 21.64
CA TRP D 103 11.14 -2.58 22.48
C TRP D 103 11.28 -2.10 23.92
N THR D 104 10.47 -2.67 24.82
CA THR D 104 10.60 -2.46 26.25
C THR D 104 10.56 -3.80 26.97
N PRO D 105 11.26 -3.89 28.13
CA PRO D 105 11.29 -5.16 28.85
C PRO D 105 9.95 -5.46 29.50
N ASP D 106 9.61 -6.75 29.56
CA ASP D 106 8.32 -7.21 30.10
C ASP D 106 8.38 -7.44 31.64
N ILE D 107 8.74 -6.38 32.36
CA ILE D 107 8.94 -6.47 33.80
C ILE D 107 7.56 -6.60 34.47
N THR D 108 7.41 -7.66 35.26
CA THR D 108 6.12 -8.08 35.77
C THR D 108 6.24 -8.35 37.26
N ALA D 109 5.25 -7.93 38.03
CA ALA D 109 5.14 -8.31 39.44
C ALA D 109 4.68 -9.75 39.53
N TYR D 110 5.35 -10.56 40.36
CA TYR D 110 5.09 -12.00 40.42
C TYR D 110 3.96 -12.43 41.35
N SER D 111 3.44 -11.51 42.16
CA SER D 111 2.36 -11.85 43.09
C SER D 111 1.26 -10.81 43.07
N SER D 112 1.03 -10.23 41.88
CA SER D 112 -0.08 -9.32 41.68
C SER D 112 -1.41 -10.08 41.79
N THR D 113 -2.46 -9.37 42.22
CA THR D 113 -3.81 -9.93 42.24
C THR D 113 -4.80 -9.22 41.31
N ARG D 114 -4.35 -8.16 40.64
CA ARG D 114 -5.12 -7.39 39.66
C ARG D 114 -4.15 -6.89 38.61
N PRO D 115 -4.65 -6.57 37.41
CA PRO D 115 -3.74 -5.91 36.47
C PRO D 115 -3.22 -4.58 37.06
N VAL D 116 -1.96 -4.31 36.80
CA VAL D 116 -1.33 -3.07 37.21
C VAL D 116 -2.04 -1.91 36.51
N GLN D 117 -2.26 -0.82 37.22
CA GLN D 117 -2.85 0.38 36.64
C GLN D 117 -1.74 1.39 36.33
N VAL D 118 -1.78 1.92 35.12
CA VAL D 118 -0.74 2.80 34.62
C VAL D 118 -1.11 4.23 34.97
N LEU D 119 -0.20 4.95 35.62
CA LEU D 119 -0.50 6.31 36.12
C LEU D 119 0.30 7.42 35.44
N SER D 120 1.15 7.07 34.49
CA SER D 120 1.97 8.06 33.79
C SER D 120 1.99 7.76 32.28
N PRO D 121 2.32 8.76 31.45
CA PRO D 121 2.37 8.55 30.00
C PRO D 121 3.43 7.53 29.60
N GLN D 122 3.14 6.75 28.57
CA GLN D 122 3.99 5.68 28.09
C GLN D 122 5.01 6.26 27.10
N ILE D 123 5.96 7.02 27.64
CA ILE D 123 6.93 7.76 26.85
C ILE D 123 8.28 7.50 27.51
N ALA D 124 9.26 7.15 26.70
CA ALA D 124 10.64 6.93 27.14
C ALA D 124 11.60 8.00 26.61
N VAL D 125 12.77 8.08 27.20
CA VAL D 125 13.84 8.98 26.78
C VAL D 125 14.95 8.12 26.24
N VAL D 126 15.34 8.38 24.99
CA VAL D 126 16.42 7.65 24.33
C VAL D 126 17.59 8.59 24.17
N THR D 127 18.80 8.10 24.49
CA THR D 127 20.03 8.91 24.48
C THR D 127 20.97 8.34 23.41
N HIS D 128 21.85 9.21 22.88
CA HIS D 128 22.68 8.91 21.69
C HIS D 128 23.60 7.70 21.81
N ASP D 129 23.98 7.34 23.03
CA ASP D 129 24.72 6.09 23.28
C ASP D 129 23.88 4.81 23.19
N GLY D 130 22.58 4.95 22.88
CA GLY D 130 21.69 3.81 22.75
C GLY D 130 20.98 3.43 24.03
N SER D 131 21.16 4.25 25.07
CA SER D 131 20.53 3.97 26.36
C SER D 131 19.11 4.51 26.37
N VAL D 132 18.24 3.79 27.05
CA VAL D 132 16.84 4.14 27.21
C VAL D 132 16.53 4.28 28.69
N MET D 133 15.75 5.30 29.03
CA MET D 133 15.17 5.45 30.36
C MET D 133 13.64 5.51 30.25
N PHE D 134 12.97 4.61 30.96
CA PHE D 134 11.50 4.52 30.97
C PHE D 134 11.07 4.38 32.44
N ILE D 135 10.17 5.26 32.87
CA ILE D 135 9.80 5.38 34.28
C ILE D 135 8.28 5.35 34.47
N PRO D 136 7.67 4.16 34.32
CA PRO D 136 6.22 4.02 34.52
C PRO D 136 5.80 4.16 35.99
N ALA D 137 4.83 5.03 36.24
CA ALA D 137 4.15 5.09 37.53
C ALA D 137 3.01 4.09 37.51
N GLN D 138 2.87 3.34 38.60
CA GLN D 138 1.95 2.22 38.66
C GLN D 138 1.24 2.14 40.00
N ARG D 139 0.01 1.63 39.96
CA ARG D 139 -0.66 1.16 41.16
C ARG D 139 -0.80 -0.34 41.07
N LEU D 140 -0.30 -1.03 42.09
CA LEU D 140 -0.23 -2.49 42.14
C LEU D 140 -0.99 -3.02 43.36
N SER D 141 -1.89 -4.01 43.16
CA SER D 141 -2.41 -4.84 44.24
C SER D 141 -1.65 -6.15 44.24
N PHE D 142 -1.09 -6.50 45.39
CA PHE D 142 -0.32 -7.74 45.52
C PHE D 142 -0.60 -8.46 46.84
N MET D 143 -0.14 -9.72 46.91
CA MET D 143 -0.40 -10.62 48.01
C MET D 143 0.43 -10.22 49.22
N CYS D 144 -0.25 -9.90 50.31
CA CYS D 144 0.38 -9.40 51.51
C CYS D 144 -0.59 -9.47 52.67
N ASP D 145 -0.17 -10.11 53.77
CA ASP D 145 -0.98 -10.25 54.97
C ASP D 145 -0.68 -9.05 55.88
N PRO D 146 -1.67 -8.15 56.05
CA PRO D 146 -1.45 -6.95 56.88
C PRO D 146 -1.77 -7.12 58.37
N THR D 147 -2.04 -8.34 58.83
CA THR D 147 -2.30 -8.58 60.26
C THR D 147 -1.11 -8.11 61.09
N GLY D 148 -1.39 -7.18 62.02
CA GLY D 148 -0.32 -6.60 62.87
C GLY D 148 0.19 -5.26 62.39
N VAL D 149 -0.39 -4.73 61.31
CA VAL D 149 0.04 -3.44 60.79
C VAL D 149 -0.25 -2.33 61.80
N ASP D 150 -1.28 -2.51 62.61
CA ASP D 150 -1.64 -1.55 63.68
C ASP D 150 -0.82 -1.69 64.97
N SER D 151 0.28 -2.44 64.94
CA SER D 151 1.18 -2.57 66.06
C SER D 151 2.43 -1.77 65.81
N GLU D 152 3.23 -1.67 66.85
CA GLU D 152 4.49 -0.94 66.81
C GLU D 152 5.52 -1.60 65.89
N GLU D 153 5.50 -2.92 65.84
CA GLU D 153 6.44 -3.71 65.03
C GLU D 153 6.06 -3.68 63.54
N GLY D 154 4.79 -3.45 63.25
CA GLY D 154 4.30 -3.43 61.88
C GLY D 154 4.34 -4.78 61.19
N VAL D 155 4.32 -4.77 59.86
CA VAL D 155 4.36 -5.99 59.06
C VAL D 155 5.35 -5.82 57.92
N THR D 156 5.79 -6.94 57.38
CA THR D 156 6.71 -6.97 56.28
C THR D 156 6.01 -7.63 55.13
N CYS D 157 6.16 -7.03 53.95
CA CYS D 157 5.69 -7.61 52.70
C CYS D 157 6.73 -7.54 51.61
N ALA D 158 6.53 -8.35 50.59
CA ALA D 158 7.51 -8.55 49.53
C ALA D 158 6.83 -8.89 48.21
N VAL D 159 7.38 -8.35 47.13
CA VAL D 159 6.92 -8.66 45.79
C VAL D 159 8.14 -8.65 44.85
N LYS D 160 8.23 -9.68 44.02
CA LYS D 160 9.31 -9.83 43.04
C LYS D 160 8.90 -9.23 41.70
N PHE D 161 9.81 -8.46 41.11
CA PHE D 161 9.62 -7.90 39.78
C PHE D 161 10.66 -8.47 38.84
N GLY D 162 10.24 -9.03 37.71
CA GLY D 162 11.17 -9.57 36.74
C GLY D 162 10.50 -9.85 35.42
N SER D 163 11.29 -10.21 34.43
CA SER D 163 10.76 -10.63 33.16
C SER D 163 9.89 -11.85 33.40
N TRP D 164 8.75 -11.89 32.74
CA TRP D 164 7.88 -13.07 32.77
C TRP D 164 8.42 -14.19 31.86
N VAL D 165 9.00 -13.83 30.73
CA VAL D 165 9.30 -14.81 29.67
C VAL D 165 10.77 -14.99 29.32
N TYR D 166 11.65 -14.09 29.76
CA TYR D 166 13.07 -14.18 29.43
C TYR D 166 13.86 -14.65 30.63
N SER D 167 14.65 -15.70 30.44
CA SER D 167 15.52 -16.20 31.50
C SER D 167 16.70 -15.27 31.70
N GLY D 168 17.52 -15.58 32.69
CA GLY D 168 18.77 -14.89 32.95
C GLY D 168 19.79 -14.92 31.82
N PHE D 169 19.66 -15.86 30.89
CA PHE D 169 20.49 -15.87 29.68
C PHE D 169 20.16 -14.78 28.66
N GLU D 170 18.97 -14.21 28.74
CA GLU D 170 18.57 -13.11 27.83
C GLU D 170 18.41 -11.79 28.53
N ILE D 171 17.80 -11.78 29.72
CA ILE D 171 17.68 -10.58 30.53
C ILE D 171 18.23 -10.78 31.92
N ASP D 172 19.25 -10.00 32.25
CA ASP D 172 19.75 -9.88 33.60
C ASP D 172 19.23 -8.57 34.16
N LEU D 173 19.15 -8.48 35.47
CA LEU D 173 18.71 -7.29 36.17
C LEU D 173 19.78 -6.86 37.14
N LYS D 174 19.83 -5.56 37.42
CA LYS D 174 20.59 -5.04 38.53
C LYS D 174 19.87 -3.85 39.13
N THR D 175 20.30 -3.48 40.33
CA THR D 175 19.93 -2.22 40.95
C THR D 175 21.21 -1.40 41.12
N ASP D 176 21.07 -0.08 41.18
CA ASP D 176 22.19 0.81 41.50
C ASP D 176 22.38 0.92 43.01
N THR D 177 21.29 0.76 43.77
CA THR D 177 21.34 0.73 45.22
C THR D 177 20.26 -0.26 45.67
N ASP D 178 20.49 -0.86 46.84
CA ASP D 178 19.50 -1.71 47.51
C ASP D 178 18.44 -0.94 48.30
N GLN D 179 18.62 0.37 48.44
CA GLN D 179 17.69 1.22 49.19
C GLN D 179 16.63 1.79 48.23
N VAL D 180 15.37 1.50 48.50
CA VAL D 180 14.25 2.09 47.77
C VAL D 180 14.24 3.59 48.04
N ASP D 181 13.92 4.37 47.04
CA ASP D 181 13.84 5.82 47.21
C ASP D 181 12.51 6.15 47.90
N LEU D 182 12.63 6.73 49.11
CA LEU D 182 11.51 7.11 49.94
C LEU D 182 11.34 8.62 50.06
N SER D 183 12.09 9.39 49.28
CA SER D 183 12.11 10.85 49.42
C SER D 183 10.85 11.53 48.88
N SER D 184 10.04 10.82 48.10
CA SER D 184 8.72 11.28 47.67
C SER D 184 7.57 10.53 48.34
N TYR D 185 7.83 9.79 49.41
CA TYR D 185 6.76 9.04 50.08
C TYR D 185 5.79 10.02 50.71
N TYR D 186 4.49 9.80 50.46
CA TYR D 186 3.43 10.66 50.95
C TYR D 186 3.45 10.80 52.48
N ALA D 187 3.69 12.02 52.97
CA ALA D 187 3.90 12.27 54.40
C ALA D 187 2.64 12.04 55.23
N SER D 188 1.44 12.17 54.62
CA SER D 188 0.20 11.92 55.34
C SER D 188 -0.48 10.60 54.98
N SER D 189 0.29 9.64 54.47
CA SER D 189 -0.22 8.29 54.23
C SER D 189 -0.76 7.71 55.53
N LYS D 190 -1.73 6.80 55.41
CA LYS D 190 -2.14 5.99 56.56
C LYS D 190 -1.03 5.11 57.12
N TYR D 191 -0.05 4.77 56.28
CA TYR D 191 1.03 3.88 56.69
C TYR D 191 2.36 4.59 56.61
N GLU D 192 3.21 4.32 57.59
CA GLU D 192 4.57 4.81 57.57
C GLU D 192 5.50 3.64 57.24
N ILE D 193 6.58 3.97 56.54
CA ILE D 193 7.54 2.99 56.09
C ILE D 193 8.67 2.90 57.09
N LEU D 194 8.92 1.69 57.58
CA LEU D 194 9.99 1.42 58.49
C LEU D 194 11.26 1.07 57.72
N SER D 195 11.14 0.29 56.66
CA SER D 195 12.25 0.04 55.75
C SER D 195 11.74 -0.39 54.38
N ALA D 196 12.55 -0.18 53.37
CA ALA D 196 12.22 -0.56 52.00
C ALA D 196 13.47 -0.84 51.20
N THR D 197 13.61 -2.08 50.77
CA THR D 197 14.79 -2.51 50.03
C THR D 197 14.39 -3.16 48.70
N GLN D 198 15.35 -3.15 47.78
CA GLN D 198 15.19 -3.69 46.44
C GLN D 198 16.43 -4.50 46.10
N THR D 199 16.30 -5.81 45.94
CA THR D 199 17.45 -6.70 45.88
C THR D 199 17.34 -7.72 44.76
N ARG D 200 18.39 -7.80 43.94
CA ARG D 200 18.46 -8.78 42.86
C ARG D 200 18.43 -10.20 43.45
N GLN D 201 17.67 -11.08 42.81
CA GLN D 201 17.58 -12.49 43.18
C GLN D 201 17.53 -13.35 41.92
N VAL D 202 17.91 -14.61 42.13
CA VAL D 202 17.78 -15.67 41.12
C VAL D 202 16.70 -16.64 41.59
N GLN D 203 15.84 -17.05 40.66
CA GLN D 203 14.75 -18.00 40.94
C GLN D 203 14.65 -19.01 39.82
N HIS D 204 14.06 -20.14 40.16
CA HIS D 204 13.80 -21.24 39.22
C HIS D 204 12.31 -21.54 39.29
N TYR D 205 11.77 -21.99 38.16
CA TYR D 205 10.34 -22.27 38.00
C TYR D 205 10.17 -23.65 37.42
N SER D 206 9.05 -24.30 37.70
CA SER D 206 8.77 -25.67 37.23
C SER D 206 8.82 -25.84 35.72
N CYS D 207 8.41 -24.82 34.97
CA CYS D 207 8.33 -24.88 33.50
C CYS D 207 9.66 -25.08 32.77
N CYS D 208 10.77 -24.70 33.42
CA CYS D 208 11.96 -24.22 32.74
C CYS D 208 13.20 -24.59 33.59
N PRO D 209 14.28 -25.11 32.98
CA PRO D 209 15.49 -25.38 33.77
C PRO D 209 16.39 -24.15 34.06
N GLU D 210 16.19 -23.05 33.33
CA GLU D 210 17.10 -21.90 33.38
C GLU D 210 16.75 -20.96 34.54
N PRO D 211 17.76 -20.28 35.12
CA PRO D 211 17.48 -19.24 36.12
C PRO D 211 16.78 -18.04 35.54
N TYR D 212 15.85 -17.49 36.31
CA TYR D 212 15.17 -16.24 36.00
C TYR D 212 15.58 -15.24 37.06
N ILE D 213 15.73 -13.98 36.66
CA ILE D 213 16.22 -12.95 37.57
C ILE D 213 15.05 -12.06 37.96
N ASP D 214 15.02 -11.65 39.22
CA ASP D 214 14.05 -10.67 39.68
C ASP D 214 14.71 -9.69 40.64
N VAL D 215 14.02 -8.58 40.88
CA VAL D 215 14.32 -7.65 41.95
C VAL D 215 13.20 -7.77 42.97
N ASN D 216 13.58 -8.10 44.20
CA ASN D 216 12.65 -8.33 45.28
C ASN D 216 12.49 -7.04 46.08
N LEU D 217 11.27 -6.50 46.07
CA LEU D 217 10.92 -5.28 46.78
C LEU D 217 10.37 -5.70 48.12
N VAL D 218 11.07 -5.35 49.20
CA VAL D 218 10.70 -5.76 50.56
C VAL D 218 10.38 -4.50 51.36
N VAL D 219 9.14 -4.39 51.83
CA VAL D 219 8.70 -3.20 52.53
C VAL D 219 8.17 -3.57 53.90
N LYS D 220 8.68 -2.90 54.91
CA LYS D 220 8.19 -3.02 56.27
C LYS D 220 7.47 -1.72 56.63
N PHE D 221 6.24 -1.86 57.10
CA PHE D 221 5.39 -0.70 57.37
C PHE D 221 4.42 -0.93 58.52
N ARG D 222 3.86 0.17 59.01
CA ARG D 222 2.82 0.11 60.04
C ARG D 222 1.93 1.31 59.94
N GLU D 223 0.80 1.26 60.63
CA GLU D 223 -0.12 2.40 60.67
C GLU D 223 0.58 3.57 61.32
N ARG D 224 0.40 4.77 60.75
CA ARG D 224 1.00 5.98 61.27
C ARG D 224 0.42 6.34 62.65
N ARG D 225 1.32 6.73 63.56
CA ARG D 225 0.93 7.12 64.93
C ARG D 225 0.06 8.39 64.98
N GLN E 20 20.74 -10.35 16.56
CA GLN E 20 19.47 -9.69 16.17
C GLN E 20 19.13 -10.05 14.71
N ALA E 21 20.14 -9.97 13.84
CA ALA E 21 19.98 -10.18 12.39
C ALA E 21 19.37 -11.53 12.04
N ASN E 22 19.90 -12.60 12.62
CA ASN E 22 19.38 -13.93 12.33
C ASN E 22 17.95 -14.13 12.85
N LEU E 23 17.67 -13.60 14.03
CA LEU E 23 16.32 -13.70 14.59
C LEU E 23 15.31 -12.92 13.75
N MET E 24 15.68 -11.71 13.33
CA MET E 24 14.81 -10.90 12.46
C MET E 24 14.49 -11.63 11.19
N ARG E 25 15.49 -12.30 10.65
CA ARG E 25 15.33 -13.08 9.43
C ARG E 25 14.40 -14.28 9.67
N LEU E 26 14.61 -14.98 10.80
CA LEU E 26 13.77 -16.11 11.16
C LEU E 26 12.30 -15.69 11.33
N LYS E 27 12.08 -14.59 12.03
CA LYS E 27 10.71 -14.13 12.29
C LYS E 27 10.02 -13.72 10.99
N SER E 28 10.74 -13.01 10.14
CA SER E 28 10.24 -12.64 8.81
C SER E 28 9.86 -13.86 7.98
N ASP E 29 10.71 -14.88 7.97
CA ASP E 29 10.40 -16.12 7.26
C ASP E 29 9.21 -16.89 7.83
N LEU E 30 9.09 -16.96 9.15
CA LEU E 30 7.96 -17.68 9.77
C LEU E 30 6.63 -16.94 9.63
N PHE E 31 6.64 -15.61 9.73
CA PHE E 31 5.40 -14.84 9.87
C PHE E 31 4.97 -13.96 8.68
N ASN E 32 5.91 -13.50 7.86
CA ASN E 32 5.57 -12.55 6.78
C ASN E 32 5.41 -13.15 5.39
N ARG E 33 5.60 -14.46 5.24
CA ARG E 33 5.53 -15.10 3.90
C ARG E 33 4.20 -15.77 3.57
N SER E 34 3.72 -16.61 4.49
CA SER E 34 2.43 -17.30 4.34
C SER E 34 1.32 -16.49 5.03
N PRO E 35 0.04 -16.84 4.77
CA PRO E 35 -1.00 -16.33 5.67
C PRO E 35 -0.85 -16.96 7.06
N MET E 36 -1.46 -16.34 8.07
CA MET E 36 -1.37 -16.89 9.42
C MET E 36 -2.02 -18.27 9.47
N TYR E 37 -1.50 -19.11 10.35
CA TYR E 37 -2.07 -20.41 10.60
C TYR E 37 -3.55 -20.20 10.94
N PRO E 38 -4.47 -20.87 10.22
CA PRO E 38 -5.91 -20.67 10.40
C PRO E 38 -6.55 -21.48 11.52
N GLY E 39 -5.73 -22.13 12.34
CA GLY E 39 -6.21 -22.93 13.45
C GLY E 39 -6.36 -24.37 13.01
N PRO E 40 -6.61 -25.27 13.98
CA PRO E 40 -6.73 -26.68 13.65
C PRO E 40 -8.03 -27.02 12.94
N THR E 41 -8.01 -28.18 12.30
CA THR E 41 -9.12 -28.72 11.54
C THR E 41 -9.25 -30.20 11.83
N LYS E 42 -10.35 -30.79 11.40
CA LYS E 42 -10.58 -32.22 11.51
C LYS E 42 -9.45 -33.03 10.82
N ASP E 43 -8.92 -32.50 9.72
CA ASP E 43 -7.79 -33.09 8.98
C ASP E 43 -6.42 -32.86 9.60
N ASP E 44 -6.26 -31.75 10.32
CA ASP E 44 -5.01 -31.37 10.99
C ASP E 44 -5.29 -31.02 12.47
N PRO E 45 -5.67 -32.02 13.28
CA PRO E 45 -6.02 -31.72 14.67
C PRO E 45 -4.80 -31.41 15.51
N LEU E 46 -5.03 -30.87 16.69
CA LEU E 46 -3.98 -30.37 17.55
C LEU E 46 -4.25 -30.83 18.98
N THR E 47 -3.20 -31.22 19.69
CA THR E 47 -3.31 -31.52 21.10
C THR E 47 -2.63 -30.42 21.93
N VAL E 48 -3.38 -29.82 22.85
CA VAL E 48 -2.86 -28.83 23.77
C VAL E 48 -2.67 -29.44 25.14
N THR E 49 -1.48 -29.30 25.69
CA THR E 49 -1.18 -29.75 27.03
C THR E 49 -1.39 -28.58 27.98
N LEU E 50 -2.20 -28.80 29.03
CA LEU E 50 -2.47 -27.79 30.06
C LEU E 50 -1.96 -28.23 31.41
N GLY E 51 -1.49 -27.27 32.19
CA GLY E 51 -1.12 -27.48 33.59
C GLY E 51 -1.29 -26.20 34.39
N PHE E 52 -1.80 -26.32 35.61
CA PHE E 52 -2.09 -25.16 36.45
C PHE E 52 -1.12 -25.04 37.60
N THR E 53 -0.72 -23.81 37.89
CA THR E 53 0.04 -23.48 39.07
C THR E 53 -0.80 -22.50 39.87
N LEU E 54 -1.33 -22.97 41.00
CA LEU E 54 -2.24 -22.17 41.81
C LEU E 54 -1.45 -21.31 42.79
N GLN E 55 -1.65 -20.00 42.72
CA GLN E 55 -0.94 -19.05 43.56
C GLN E 55 -1.75 -18.58 44.76
N ASP E 56 -3.05 -18.38 44.60
CA ASP E 56 -3.84 -17.84 45.71
C ASP E 56 -5.32 -18.00 45.47
N ILE E 57 -6.04 -18.40 46.52
CA ILE E 57 -7.49 -18.19 46.59
C ILE E 57 -7.61 -16.85 47.30
N VAL E 58 -7.94 -15.82 46.55
CA VAL E 58 -7.85 -14.46 47.00
C VAL E 58 -9.07 -14.08 47.78
N LYS E 59 -10.24 -14.45 47.28
CA LYS E 59 -11.46 -14.25 48.06
C LYS E 59 -12.61 -15.17 47.71
N VAL E 60 -13.52 -15.25 48.67
CA VAL E 60 -14.77 -15.98 48.52
C VAL E 60 -15.88 -14.98 48.82
N ASP E 61 -16.97 -15.08 48.07
CA ASP E 61 -18.12 -14.24 48.28
C ASP E 61 -19.29 -15.16 48.55
N SER E 62 -19.61 -15.35 49.82
CA SER E 62 -20.68 -16.22 50.24
C SER E 62 -22.07 -15.65 49.93
N SER E 63 -22.19 -14.37 49.60
CA SER E 63 -23.50 -13.85 49.22
C SER E 63 -23.85 -14.12 47.73
N THR E 64 -22.84 -14.39 46.89
CA THR E 64 -23.05 -14.65 45.45
C THR E 64 -22.55 -16.01 44.96
N ASN E 65 -21.93 -16.78 45.86
CA ASN E 65 -21.25 -18.04 45.50
C ASN E 65 -20.29 -17.87 44.33
N GLU E 66 -19.39 -16.91 44.48
CA GLU E 66 -18.28 -16.67 43.58
C GLU E 66 -16.98 -16.76 44.37
N VAL E 67 -15.99 -17.41 43.78
CA VAL E 67 -14.64 -17.48 44.36
C VAL E 67 -13.64 -16.98 43.33
N ASP E 68 -12.60 -16.31 43.81
CA ASP E 68 -11.55 -15.72 42.99
C ASP E 68 -10.20 -16.41 43.18
N LEU E 69 -9.65 -16.94 42.09
CA LEU E 69 -8.34 -17.59 42.06
C LEU E 69 -7.35 -16.78 41.27
N VAL E 70 -6.10 -16.82 41.70
CA VAL E 70 -4.97 -16.33 40.93
C VAL E 70 -4.10 -17.54 40.65
N TYR E 71 -3.81 -17.77 39.37
CA TYR E 71 -3.00 -18.90 38.93
C TYR E 71 -2.31 -18.56 37.65
N TYR E 72 -1.37 -19.41 37.25
CA TYR E 72 -0.93 -19.42 35.88
C TYR E 72 -1.09 -20.77 35.23
N GLU E 73 -1.41 -20.69 33.94
CA GLU E 73 -1.85 -21.82 33.14
C GLU E 73 -0.81 -22.04 32.03
N GLN E 74 -0.04 -23.11 32.16
CA GLN E 74 0.93 -23.48 31.15
C GLN E 74 0.22 -24.18 30.01
N GLN E 75 0.37 -23.63 28.81
CA GLN E 75 -0.20 -24.18 27.59
C GLN E 75 0.93 -24.57 26.65
N ARG E 76 0.84 -25.76 26.06
CA ARG E 76 1.82 -26.24 25.10
C ARG E 76 1.14 -26.91 23.92
N TRP E 77 1.59 -26.56 22.73
CA TRP E 77 1.18 -27.23 21.50
C TRP E 77 2.31 -27.15 20.47
N LYS E 78 2.13 -27.81 19.33
CA LYS E 78 3.18 -27.97 18.32
C LYS E 78 2.57 -27.80 16.94
N LEU E 79 3.19 -26.95 16.12
CA LEU E 79 2.78 -26.74 14.71
C LEU E 79 3.96 -26.99 13.78
N ASN E 80 3.72 -27.70 12.68
CA ASN E 80 4.75 -27.90 11.64
C ASN E 80 5.14 -26.57 10.99
N SER E 81 4.17 -25.66 10.84
CA SER E 81 4.44 -24.33 10.27
C SER E 81 5.35 -23.40 11.11
N LEU E 82 5.71 -23.81 12.32
CA LEU E 82 6.64 -23.05 13.16
C LEU E 82 8.01 -23.73 13.30
N MET E 83 8.25 -24.75 12.48
CA MET E 83 9.54 -25.45 12.49
C MET E 83 10.58 -24.67 11.70
N TRP E 84 11.84 -24.74 12.15
CA TRP E 84 12.96 -24.29 11.35
C TRP E 84 14.19 -25.09 11.70
N ASP E 85 15.17 -25.00 10.81
CA ASP E 85 16.49 -25.62 10.97
C ASP E 85 17.39 -24.57 11.63
N PRO E 86 17.86 -24.81 12.87
CA PRO E 86 18.75 -23.82 13.52
C PRO E 86 20.02 -23.46 12.75
N ASN E 87 20.55 -24.41 11.95
CA ASN E 87 21.77 -24.18 11.13
C ASN E 87 21.60 -23.00 10.19
N GLU E 88 20.41 -22.88 9.59
CA GLU E 88 20.09 -21.79 8.68
C GLU E 88 19.81 -20.42 9.32
N TYR E 89 19.81 -20.37 10.66
CA TYR E 89 19.46 -19.14 11.38
C TYR E 89 20.35 -18.93 12.60
N GLY E 90 21.64 -19.07 12.37
CA GLY E 90 22.65 -18.77 13.39
C GLY E 90 22.56 -19.56 14.67
N ASN E 91 22.15 -20.82 14.57
CA ASN E 91 21.95 -21.73 15.72
C ASN E 91 20.86 -21.27 16.72
N ILE E 92 19.92 -20.44 16.28
CA ILE E 92 18.78 -20.08 17.13
C ILE E 92 17.91 -21.34 17.29
N THR E 93 17.74 -21.77 18.54
CA THR E 93 16.86 -22.90 18.89
C THR E 93 15.47 -22.49 19.41
N ASP E 94 15.33 -21.26 19.89
CA ASP E 94 14.02 -20.73 20.31
C ASP E 94 13.99 -19.22 20.32
N PHE E 95 12.79 -18.65 20.44
CA PHE E 95 12.64 -17.21 20.55
C PHE E 95 11.31 -16.83 21.24
N ARG E 96 11.30 -15.63 21.77
CA ARG E 96 10.12 -15.04 22.39
C ARG E 96 9.43 -14.18 21.36
N THR E 97 8.11 -14.24 21.33
CA THR E 97 7.36 -13.40 20.45
C THR E 97 5.99 -13.10 21.02
N SER E 98 5.46 -11.94 20.66
CA SER E 98 4.12 -11.54 21.02
C SER E 98 3.12 -12.63 20.61
N ALA E 99 2.19 -12.94 21.52
CA ALA E 99 1.16 -13.92 21.26
C ALA E 99 0.21 -13.52 20.12
N ALA E 100 0.15 -12.23 19.81
CA ALA E 100 -0.57 -11.75 18.61
C ALA E 100 0.07 -12.18 17.29
N ASP E 101 1.36 -12.51 17.28
CA ASP E 101 2.04 -13.02 16.05
C ASP E 101 1.66 -14.45 15.68
N ILE E 102 1.09 -15.20 16.62
CA ILE E 102 0.81 -16.60 16.41
C ILE E 102 -0.65 -16.93 16.75
N TRP E 103 -1.10 -18.06 16.25
CA TRP E 103 -2.36 -18.60 16.71
C TRP E 103 -2.14 -19.10 18.14
N THR E 104 -3.14 -18.89 18.98
CA THR E 104 -3.18 -19.47 20.32
C THR E 104 -4.54 -20.11 20.57
N PRO E 105 -4.58 -21.17 21.40
CA PRO E 105 -5.84 -21.85 21.65
C PRO E 105 -6.77 -21.00 22.52
N ASP E 106 -8.07 -21.11 22.26
CA ASP E 106 -9.10 -20.32 22.94
C ASP E 106 -9.58 -20.99 24.25
N ILE E 107 -8.65 -21.26 25.15
CA ILE E 107 -8.95 -21.99 26.37
C ILE E 107 -9.74 -21.09 27.31
N THR E 108 -10.90 -21.56 27.73
CA THR E 108 -11.90 -20.74 28.41
C THR E 108 -12.39 -21.50 29.64
N ALA E 109 -12.57 -20.77 30.74
CA ALA E 109 -13.22 -21.31 31.93
C ALA E 109 -14.73 -21.38 31.69
N TYR E 110 -15.35 -22.51 31.99
CA TYR E 110 -16.76 -22.74 31.68
C TYR E 110 -17.78 -22.23 32.69
N SER E 111 -17.31 -21.78 33.84
CA SER E 111 -18.22 -21.29 34.88
C SER E 111 -17.70 -19.98 35.48
N SER E 112 -17.04 -19.18 34.65
CA SER E 112 -16.62 -17.85 35.03
C SER E 112 -17.85 -16.95 35.25
N THR E 113 -17.71 -15.97 36.15
CA THR E 113 -18.75 -14.96 36.36
C THR E 113 -18.32 -13.54 35.99
N ARG E 114 -17.05 -13.37 35.59
CA ARG E 114 -16.48 -12.09 35.16
C ARG E 114 -15.46 -12.37 34.08
N PRO E 115 -15.15 -11.38 33.26
CA PRO E 115 -14.00 -11.60 32.37
C PRO E 115 -12.73 -11.90 33.15
N VAL E 116 -11.95 -12.85 32.64
CA VAL E 116 -10.67 -13.19 33.23
C VAL E 116 -9.76 -11.95 33.15
N GLN E 117 -9.01 -11.68 34.21
CA GLN E 117 -8.05 -10.59 34.21
C GLN E 117 -6.65 -11.13 33.94
N VAL E 118 -5.95 -10.49 33.02
CA VAL E 118 -4.65 -10.95 32.56
C VAL E 118 -3.60 -10.30 33.44
N LEU E 119 -2.70 -11.11 34.01
CA LEU E 119 -1.71 -10.61 34.97
C LEU E 119 -0.26 -10.71 34.48
N SER E 120 -0.05 -11.23 33.28
CA SER E 120 1.29 -11.38 32.73
C SER E 120 1.32 -10.95 31.26
N PRO E 121 2.52 -10.61 30.74
CA PRO E 121 2.65 -10.20 29.34
C PRO E 121 2.23 -11.32 28.37
N GLN E 122 1.62 -10.93 27.26
CA GLN E 122 1.12 -11.82 26.24
C GLN E 122 2.27 -12.17 25.28
N ILE E 123 3.20 -12.97 25.76
CA ILE E 123 4.39 -13.33 25.03
C ILE E 123 4.58 -14.83 25.20
N ALA E 124 4.82 -15.50 24.08
CA ALA E 124 5.07 -16.94 24.05
C ALA E 124 6.52 -17.26 23.66
N VAL E 125 6.95 -18.49 23.92
CA VAL E 125 8.25 -18.99 23.53
C VAL E 125 8.04 -20.05 22.47
N VAL E 126 8.67 -19.85 21.32
CA VAL E 126 8.57 -20.80 20.19
C VAL E 126 9.93 -21.48 20.05
N THR E 127 9.89 -22.80 19.87
CA THR E 127 11.11 -23.62 19.78
C THR E 127 11.19 -24.24 18.38
N HIS E 128 12.42 -24.55 17.95
CA HIS E 128 12.72 -24.95 16.55
C HIS E 128 11.98 -26.18 16.03
N ASP E 129 11.57 -27.06 16.94
CA ASP E 129 10.70 -28.20 16.57
C ASP E 129 9.24 -27.81 16.30
N GLY E 130 8.90 -26.53 16.40
CA GLY E 130 7.54 -26.05 16.15
C GLY E 130 6.68 -26.02 17.39
N SER E 131 7.27 -26.28 18.56
CA SER E 131 6.51 -26.30 19.80
C SER E 131 6.43 -24.87 20.37
N VAL E 132 5.29 -24.59 20.99
CA VAL E 132 5.04 -23.30 21.61
C VAL E 132 4.73 -23.51 23.07
N MET E 133 5.26 -22.63 23.92
CA MET E 133 4.90 -22.55 25.33
C MET E 133 4.37 -21.16 25.64
N PHE E 134 3.16 -21.10 26.19
CA PHE E 134 2.49 -19.84 26.56
C PHE E 134 1.90 -20.02 27.95
N ILE E 135 2.25 -19.12 28.86
CA ILE E 135 1.92 -19.28 30.28
C ILE E 135 1.25 -18.02 30.85
N PRO E 136 -0.03 -17.79 30.49
CA PRO E 136 -0.77 -16.65 31.02
C PRO E 136 -1.11 -16.76 32.51
N ALA E 137 -0.77 -15.72 33.26
CA ALA E 137 -1.23 -15.59 34.64
C ALA E 137 -2.57 -14.88 34.61
N GLN E 138 -3.51 -15.38 35.40
CA GLN E 138 -4.90 -14.96 35.35
C GLN E 138 -5.51 -14.83 36.73
N ARG E 139 -6.44 -13.90 36.88
CA ARG E 139 -7.37 -13.91 38.00
C ARG E 139 -8.76 -14.22 37.47
N LEU E 140 -9.36 -15.25 38.04
CA LEU E 140 -10.66 -15.77 37.62
C LEU E 140 -11.66 -15.73 38.77
N SER E 141 -12.85 -15.18 38.53
CA SER E 141 -14.03 -15.38 39.40
C SER E 141 -14.90 -16.45 38.79
N PHE E 142 -15.22 -17.47 39.56
CA PHE E 142 -16.04 -18.57 39.08
C PHE E 142 -17.05 -19.04 40.14
N MET E 143 -18.00 -19.85 39.69
CA MET E 143 -19.14 -20.29 40.49
C MET E 143 -18.69 -21.35 41.49
N CYS E 144 -18.87 -21.05 42.77
CA CYS E 144 -18.41 -21.91 43.84
C CYS E 144 -19.10 -21.49 45.14
N ASP E 145 -19.70 -22.47 45.82
CA ASP E 145 -20.38 -22.25 47.09
C ASP E 145 -19.36 -22.51 48.20
N PRO E 146 -18.96 -21.45 48.93
CA PRO E 146 -17.97 -21.59 49.99
C PRO E 146 -18.52 -21.94 51.38
N THR E 147 -19.82 -22.26 51.49
CA THR E 147 -20.40 -22.66 52.77
C THR E 147 -19.66 -23.86 53.37
N GLY E 148 -19.11 -23.68 54.56
CA GLY E 148 -18.32 -24.73 55.24
C GLY E 148 -16.82 -24.59 55.09
N VAL E 149 -16.37 -23.52 54.44
CA VAL E 149 -14.96 -23.28 54.25
C VAL E 149 -14.25 -23.07 55.60
N ASP E 150 -14.99 -22.52 56.58
CA ASP E 150 -14.48 -22.31 57.94
C ASP E 150 -14.50 -23.57 58.84
N SER E 151 -14.72 -24.73 58.27
CA SER E 151 -14.68 -25.98 59.00
C SER E 151 -13.40 -26.73 58.68
N GLU E 152 -13.20 -27.80 59.42
CA GLU E 152 -12.03 -28.66 59.29
C GLU E 152 -12.04 -29.40 57.94
N GLU E 153 -13.24 -29.78 57.48
CA GLU E 153 -13.40 -30.54 56.24
C GLU E 153 -13.26 -29.64 55.00
N GLY E 154 -13.50 -28.36 55.16
CA GLY E 154 -13.42 -27.39 54.06
C GLY E 154 -14.50 -27.59 53.02
N VAL E 155 -14.24 -27.06 51.83
CA VAL E 155 -15.16 -27.17 50.70
C VAL E 155 -14.40 -27.57 49.45
N THR E 156 -15.15 -28.09 48.49
CA THR E 156 -14.61 -28.49 47.22
C THR E 156 -15.26 -27.63 46.17
N CYS E 157 -14.44 -27.14 45.25
CA CYS E 157 -14.92 -26.44 44.06
C CYS E 157 -14.23 -26.93 42.80
N ALA E 158 -14.87 -26.62 41.68
CA ALA E 158 -14.46 -27.15 40.39
C ALA E 158 -14.78 -26.19 39.27
N VAL E 159 -13.88 -26.12 38.31
CA VAL E 159 -14.08 -25.33 37.10
C VAL E 159 -13.42 -26.05 35.93
N LYS E 160 -14.15 -26.13 34.82
CA LYS E 160 -13.67 -26.76 33.59
C LYS E 160 -13.03 -25.73 32.68
N PHE E 161 -11.86 -26.08 32.13
CA PHE E 161 -11.16 -25.25 31.15
C PHE E 161 -11.10 -26.01 29.83
N GLY E 162 -11.53 -25.36 28.75
CA GLY E 162 -11.49 -26.00 27.44
C GLY E 162 -11.72 -24.99 26.34
N SER E 163 -11.52 -25.44 25.10
CA SER E 163 -11.85 -24.62 23.96
C SER E 163 -13.32 -24.31 24.02
N TRP E 164 -13.67 -23.07 23.72
CA TRP E 164 -15.06 -22.66 23.60
C TRP E 164 -15.69 -23.13 22.28
N VAL E 165 -14.90 -23.12 21.21
CA VAL E 165 -15.45 -23.29 19.85
C VAL E 165 -14.96 -24.52 19.09
N TYR E 166 -13.90 -25.18 19.54
CA TYR E 166 -13.36 -26.34 18.83
C TYR E 166 -13.73 -27.62 19.56
N SER E 167 -14.32 -28.56 18.84
CA SER E 167 -14.64 -29.87 19.40
C SER E 167 -13.38 -30.71 19.55
N GLY E 168 -13.56 -31.90 20.12
CA GLY E 168 -12.50 -32.89 20.23
C GLY E 168 -11.91 -33.36 18.91
N PHE E 169 -12.62 -33.18 17.79
CA PHE E 169 -12.07 -33.48 16.48
C PHE E 169 -11.01 -32.49 15.98
N GLU E 170 -10.95 -31.29 16.58
CA GLU E 170 -9.95 -30.29 16.21
C GLU E 170 -8.95 -30.03 17.31
N ILE E 171 -9.42 -29.94 18.56
CA ILE E 171 -8.54 -29.75 19.71
C ILE E 171 -8.79 -30.82 20.76
N ASP E 172 -7.74 -31.59 21.04
CA ASP E 172 -7.71 -32.49 22.17
C ASP E 172 -6.85 -31.82 23.24
N LEU E 173 -7.08 -32.20 24.49
CA LEU E 173 -6.31 -31.70 25.62
C LEU E 173 -5.70 -32.86 26.36
N LYS E 174 -4.57 -32.60 27.01
CA LYS E 174 -4.02 -33.52 27.98
C LYS E 174 -3.35 -32.73 29.10
N THR E 175 -3.06 -33.43 30.19
CA THR E 175 -2.20 -32.94 31.25
C THR E 175 -0.97 -33.84 31.31
N ASP E 176 0.14 -33.31 31.81
CA ASP E 176 1.33 -34.12 32.09
C ASP E 176 1.22 -34.82 33.45
N THR E 177 0.51 -34.19 34.36
CA THR E 177 0.21 -34.77 35.67
C THR E 177 -1.19 -34.33 36.07
N ASP E 178 -1.86 -35.13 36.88
CA ASP E 178 -3.15 -34.75 37.45
C ASP E 178 -3.03 -33.91 38.74
N GLN E 179 -1.82 -33.69 39.22
CA GLN E 179 -1.58 -32.88 40.40
C GLN E 179 -1.30 -31.44 40.01
N VAL E 180 -2.12 -30.53 40.50
CA VAL E 180 -1.90 -29.10 40.32
C VAL E 180 -0.62 -28.72 41.07
N ASP E 181 0.16 -27.83 40.48
CA ASP E 181 1.39 -27.36 41.12
C ASP E 181 1.05 -26.36 42.21
N LEU E 182 1.37 -26.73 43.46
CA LEU E 182 1.11 -25.90 44.63
C LEU E 182 2.37 -25.32 45.26
N SER E 183 3.50 -25.46 44.59
CA SER E 183 4.79 -25.09 45.18
C SER E 183 5.03 -23.57 45.26
N SER E 184 4.23 -22.79 44.54
CA SER E 184 4.22 -21.33 44.65
C SER E 184 2.95 -20.79 45.32
N TYR E 185 2.18 -21.63 46.01
CA TYR E 185 0.95 -21.16 46.65
C TYR E 185 1.31 -20.21 47.78
N TYR E 186 0.64 -19.07 47.81
CA TYR E 186 0.88 -18.03 48.81
C TYR E 186 0.72 -18.55 50.26
N ALA E 187 1.80 -18.52 51.01
CA ALA E 187 1.86 -19.13 52.34
C ALA E 187 0.99 -18.39 53.35
N SER E 188 0.73 -17.10 53.16
CA SER E 188 -0.16 -16.35 54.06
C SER E 188 -1.56 -16.08 53.50
N SER E 189 -1.99 -16.88 52.53
CA SER E 189 -3.36 -16.82 52.04
C SER E 189 -4.34 -17.03 53.18
N LYS E 190 -5.53 -16.45 53.07
CA LYS E 190 -6.61 -16.77 53.99
C LYS E 190 -7.05 -18.23 53.91
N TYR E 191 -6.79 -18.89 52.78
CA TYR E 191 -7.23 -20.27 52.57
C TYR E 191 -6.04 -21.18 52.36
N GLU E 192 -6.13 -22.38 52.93
CA GLU E 192 -5.14 -23.39 52.67
C GLU E 192 -5.74 -24.45 51.77
N ILE E 193 -4.89 -25.01 50.92
CA ILE E 193 -5.31 -26.01 49.94
C ILE E 193 -5.12 -27.39 50.53
N LEU E 194 -6.19 -28.17 50.53
CA LEU E 194 -6.15 -29.54 50.97
C LEU E 194 -5.81 -30.48 49.84
N SER E 195 -6.38 -30.23 48.66
CA SER E 195 -5.98 -30.94 47.45
C SER E 195 -6.36 -30.14 46.22
N ALA E 196 -5.67 -30.41 45.13
CA ALA E 196 -5.90 -29.72 43.86
C ALA E 196 -5.49 -30.62 42.71
N THR E 197 -6.47 -30.98 41.88
CA THR E 197 -6.26 -31.87 40.76
C THR E 197 -6.73 -31.24 39.46
N GLN E 198 -6.17 -31.74 38.37
CA GLN E 198 -6.46 -31.27 37.01
C GLN E 198 -6.63 -32.50 36.12
N THR E 199 -7.82 -32.72 35.60
CA THR E 199 -8.13 -33.99 34.94
C THR E 199 -8.89 -33.80 33.63
N ARG E 200 -8.40 -34.44 32.57
CA ARG E 200 -9.07 -34.43 31.28
C ARG E 200 -10.46 -35.05 31.39
N GLN E 201 -11.44 -34.42 30.74
CA GLN E 201 -12.82 -34.91 30.64
C GLN E 201 -13.37 -34.67 29.25
N VAL E 202 -14.41 -35.43 28.91
CA VAL E 202 -15.22 -35.25 27.71
C VAL E 202 -16.61 -34.75 28.12
N GLN E 203 -17.13 -33.79 27.37
CA GLN E 203 -18.47 -33.22 27.61
C GLN E 203 -19.21 -33.01 26.30
N HIS E 204 -20.52 -32.93 26.41
CA HIS E 204 -21.42 -32.66 25.27
C HIS E 204 -22.27 -31.46 25.63
N TYR E 205 -22.66 -30.70 24.61
CA TYR E 205 -23.42 -29.46 24.77
C TYR E 205 -24.60 -29.49 23.82
N SER E 206 -25.68 -28.80 24.18
CA SER E 206 -26.93 -28.80 23.40
C SER E 206 -26.77 -28.33 21.96
N CYS E 207 -25.87 -27.39 21.72
CA CYS E 207 -25.66 -26.80 20.38
C CYS E 207 -25.18 -27.78 19.29
N CYS E 208 -24.53 -28.87 19.71
CA CYS E 208 -23.51 -29.54 18.92
C CYS E 208 -23.52 -31.05 19.23
N PRO E 209 -23.46 -31.93 18.22
CA PRO E 209 -23.39 -33.37 18.54
C PRO E 209 -22.00 -33.90 18.93
N GLU E 210 -20.93 -33.14 18.67
CA GLU E 210 -19.55 -33.61 18.84
C GLU E 210 -19.07 -33.48 20.29
N PRO E 211 -18.19 -34.38 20.75
CA PRO E 211 -17.61 -34.24 22.09
C PRO E 211 -16.65 -33.04 22.14
N TYR E 212 -16.65 -32.34 23.27
CA TYR E 212 -15.73 -31.25 23.55
C TYR E 212 -14.88 -31.72 24.73
N ILE E 213 -13.61 -31.33 24.74
CA ILE E 213 -12.68 -31.78 25.76
C ILE E 213 -12.42 -30.62 26.71
N ASP E 214 -12.30 -30.94 27.99
CA ASP E 214 -11.89 -29.97 28.99
C ASP E 214 -10.94 -30.60 29.99
N VAL E 215 -10.27 -29.73 30.74
CA VAL E 215 -9.52 -30.11 31.92
C VAL E 215 -10.26 -29.53 33.12
N ASN E 216 -10.65 -30.43 34.03
CA ASN E 216 -11.43 -30.07 35.20
C ASN E 216 -10.48 -29.83 36.37
N LEU E 217 -10.47 -28.59 36.85
CA LEU E 217 -9.66 -28.16 37.98
C LEU E 217 -10.51 -28.29 39.22
N VAL E 218 -10.12 -29.19 40.12
CA VAL E 218 -10.88 -29.49 41.34
C VAL E 218 -10.03 -29.13 42.54
N VAL E 219 -10.50 -28.18 43.34
CA VAL E 219 -9.74 -27.67 44.46
C VAL E 219 -10.54 -27.82 45.74
N LYS E 220 -9.92 -28.44 46.74
CA LYS E 220 -10.47 -28.55 48.07
C LYS E 220 -9.65 -27.65 48.99
N PHE E 221 -10.35 -26.79 49.71
CA PHE E 221 -9.70 -25.78 50.55
C PHE E 221 -10.51 -25.43 51.78
N ARG E 222 -9.84 -24.78 52.73
CA ARG E 222 -10.50 -24.28 53.94
C ARG E 222 -9.76 -23.09 54.47
N GLU E 223 -10.41 -22.38 55.39
CA GLU E 223 -9.76 -21.24 56.03
C GLU E 223 -8.54 -21.71 56.79
N ARG E 224 -7.45 -20.96 56.69
CA ARG E 224 -6.18 -21.33 57.33
C ARG E 224 -6.32 -21.22 58.86
N ARG E 225 -5.79 -22.23 59.56
CA ARG E 225 -5.82 -22.28 61.03
C ARG E 225 -5.00 -21.15 61.69
N GLN F 20 -15.45 -17.87 -16.18
CA GLN F 20 -14.49 -16.77 -15.85
C GLN F 20 -14.08 -16.90 -14.39
N ALA F 21 -15.06 -17.12 -13.51
CA ALA F 21 -14.87 -17.16 -12.05
C ALA F 21 -13.83 -18.18 -11.60
N ASN F 22 -13.95 -19.41 -12.09
CA ASN F 22 -13.02 -20.45 -11.72
C ASN F 22 -11.60 -20.18 -12.25
N LEU F 23 -11.50 -19.68 -13.47
CA LEU F 23 -10.18 -19.35 -14.04
C LEU F 23 -9.52 -18.20 -13.27
N MET F 24 -10.28 -17.17 -12.92
CA MET F 24 -9.77 -16.05 -12.13
C MET F 24 -9.21 -16.54 -10.82
N ARG F 25 -9.93 -17.48 -10.22
CA ARG F 25 -9.53 -18.07 -8.95
C ARG F 25 -8.25 -18.89 -9.12
N LEU F 26 -8.19 -19.69 -10.18
CA LEU F 26 -7.00 -20.49 -10.49
C LEU F 26 -5.76 -19.60 -10.72
N LYS F 27 -5.93 -18.55 -11.49
CA LYS F 27 -4.80 -17.66 -11.80
C LYS F 27 -4.30 -16.95 -10.54
N SER F 28 -5.23 -16.47 -9.73
CA SER F 28 -4.90 -15.86 -8.44
C SER F 28 -4.12 -16.83 -7.52
N ASP F 29 -4.57 -18.07 -7.44
CA ASP F 29 -3.88 -19.08 -6.65
C ASP F 29 -2.50 -19.44 -7.18
N LEU F 30 -2.34 -19.56 -8.51
CA LEU F 30 -1.04 -19.89 -9.08
C LEU F 30 -0.03 -18.74 -9.01
N PHE F 31 -0.49 -17.51 -9.20
CA PHE F 31 0.42 -16.37 -9.42
C PHE F 31 0.52 -15.32 -8.30
N ASN F 32 -0.53 -15.14 -7.51
CA ASN F 32 -0.55 -14.06 -6.50
C ASN F 32 -0.20 -14.47 -5.07
N ARG F 33 0.05 -15.76 -4.83
CA ARG F 33 0.36 -16.24 -3.47
C ARG F 33 1.85 -16.42 -3.17
N SER F 34 2.55 -17.12 -4.04
CA SER F 34 3.99 -17.39 -3.86
C SER F 34 4.81 -16.33 -4.61
N PRO F 35 6.12 -16.24 -4.31
CA PRO F 35 6.99 -15.49 -5.22
C PRO F 35 7.08 -16.22 -6.57
N MET F 36 7.48 -15.52 -7.62
CA MET F 36 7.60 -16.15 -8.94
C MET F 36 8.66 -17.24 -8.89
N TYR F 37 8.46 -18.26 -9.70
CA TYR F 37 9.43 -19.34 -9.88
C TYR F 37 10.76 -18.64 -10.26
N PRO F 38 11.85 -18.92 -9.52
CA PRO F 38 13.13 -18.25 -9.72
C PRO F 38 14.01 -18.88 -10.82
N GLY F 39 13.46 -19.83 -11.57
CA GLY F 39 14.19 -20.47 -12.65
C GLY F 39 14.82 -21.75 -12.13
N PRO F 40 15.35 -22.57 -13.05
CA PRO F 40 15.93 -23.84 -12.67
C PRO F 40 17.27 -23.70 -11.96
N THR F 41 17.62 -24.78 -11.26
CA THR F 41 18.86 -24.88 -10.49
C THR F 41 19.46 -26.25 -10.72
N LYS F 42 20.69 -26.42 -10.26
CA LYS F 42 21.38 -27.70 -10.31
C LYS F 42 20.58 -28.80 -9.56
N ASP F 43 19.90 -28.41 -8.48
CA ASP F 43 19.03 -29.31 -7.68
C ASP F 43 17.66 -29.56 -8.29
N ASP F 44 17.14 -28.61 -9.07
CA ASP F 44 15.84 -28.70 -9.74
C ASP F 44 15.98 -28.36 -11.24
N PRO F 45 16.68 -29.22 -12.01
CA PRO F 45 16.91 -28.90 -13.40
C PRO F 45 15.66 -29.07 -14.24
N LEU F 46 15.72 -28.54 -15.46
CA LEU F 46 14.57 -28.46 -16.33
C LEU F 46 14.98 -28.89 -17.73
N THR F 47 14.13 -29.64 -18.41
CA THR F 47 14.35 -29.97 -19.80
C THR F 47 13.34 -29.22 -20.68
N VAL F 48 13.85 -28.45 -21.65
CA VAL F 48 13.03 -27.73 -22.61
C VAL F 48 13.07 -28.45 -23.95
N THR F 49 11.90 -28.75 -24.48
CA THR F 49 11.77 -29.36 -25.79
C THR F 49 11.59 -28.23 -26.82
N LEU F 50 12.43 -28.22 -27.85
CA LEU F 50 12.36 -27.24 -28.94
C LEU F 50 12.03 -27.90 -30.26
N GLY F 51 11.28 -27.17 -31.09
CA GLY F 51 11.03 -27.57 -32.47
C GLY F 51 10.77 -26.36 -33.34
N PHE F 52 11.28 -26.37 -34.56
CA PHE F 52 11.17 -25.22 -35.46
C PHE F 52 10.23 -25.51 -36.60
N THR F 53 9.44 -24.51 -36.96
CA THR F 53 8.62 -24.52 -38.15
C THR F 53 9.08 -23.36 -39.02
N LEU F 54 9.75 -23.68 -40.11
CA LEU F 54 10.34 -22.68 -40.99
C LEU F 54 9.32 -22.20 -42.01
N GLN F 55 9.05 -20.89 -42.01
CA GLN F 55 8.06 -20.29 -42.89
C GLN F 55 8.67 -19.65 -44.13
N ASP F 56 9.83 -19.00 -44.00
CA ASP F 56 10.40 -18.29 -45.14
C ASP F 56 11.84 -17.93 -44.91
N ILE F 57 12.66 -18.10 -45.96
CA ILE F 57 13.95 -17.43 -46.04
C ILE F 57 13.61 -16.16 -46.83
N VAL F 58 13.57 -15.04 -46.11
CA VAL F 58 13.00 -13.81 -46.64
C VAL F 58 14.04 -13.09 -47.47
N LYS F 59 15.26 -13.00 -46.95
CA LYS F 59 16.34 -12.44 -47.76
C LYS F 59 17.73 -12.88 -47.37
N VAL F 60 18.63 -12.70 -48.33
CA VAL F 60 20.05 -12.95 -48.16
C VAL F 60 20.75 -11.65 -48.51
N ASP F 61 21.80 -11.34 -47.77
CA ASP F 61 22.58 -10.16 -48.03
C ASP F 61 24.01 -10.63 -48.27
N SER F 62 24.38 -10.74 -49.53
CA SER F 62 25.69 -11.22 -49.92
C SER F 62 26.79 -10.19 -49.65
N SER F 63 26.44 -8.93 -49.39
CA SER F 63 27.48 -7.95 -49.05
C SER F 63 27.90 -8.01 -47.56
N THR F 64 27.05 -8.57 -46.69
CA THR F 64 27.34 -8.67 -45.24
C THR F 64 27.34 -10.09 -44.68
N ASN F 65 27.03 -11.08 -45.52
CA ASN F 65 26.83 -12.47 -45.10
C ASN F 65 25.86 -12.59 -43.92
N GLU F 66 24.68 -12.01 -44.12
CA GLU F 66 23.55 -12.14 -43.21
C GLU F 66 22.39 -12.72 -44.00
N VAL F 67 21.65 -13.64 -43.36
CA VAL F 67 20.42 -14.18 -43.92
C VAL F 67 19.30 -14.00 -42.90
N ASP F 68 18.10 -13.74 -43.42
CA ASP F 68 16.90 -13.51 -42.62
C ASP F 68 15.88 -14.64 -42.76
N LEU F 69 15.53 -15.26 -41.63
CA LEU F 69 14.52 -16.32 -41.57
C LEU F 69 13.31 -15.85 -40.80
N VAL F 70 12.14 -16.33 -41.23
CA VAL F 70 10.91 -16.22 -40.46
C VAL F 70 10.50 -17.64 -40.10
N TYR F 71 10.28 -17.86 -38.82
CA TYR F 71 9.91 -19.19 -38.31
C TYR F 71 9.12 -19.03 -37.03
N TYR F 72 8.54 -20.12 -36.58
CA TYR F 72 8.11 -20.20 -35.20
C TYR F 72 8.73 -21.39 -34.47
N GLU F 73 8.99 -21.13 -33.20
CA GLU F 73 9.76 -21.98 -32.34
C GLU F 73 8.86 -22.50 -31.21
N GLN F 74 8.51 -23.77 -31.27
CA GLN F 74 7.72 -24.39 -30.23
C GLN F 74 8.61 -24.73 -29.05
N GLN F 75 8.27 -24.19 -27.89
CA GLN F 75 8.99 -24.46 -26.64
C GLN F 75 8.05 -25.15 -25.67
N ARG F 76 8.53 -26.20 -25.01
CA ARG F 76 7.74 -26.93 -24.01
C ARG F 76 8.61 -27.26 -22.81
N TRP F 77 8.06 -27.02 -21.63
CA TRP F 77 8.66 -27.44 -20.37
C TRP F 77 7.57 -27.69 -19.32
N LYS F 78 7.96 -28.16 -18.15
CA LYS F 78 7.02 -28.57 -17.10
C LYS F 78 7.53 -28.13 -15.75
N LEU F 79 6.67 -27.47 -14.96
CA LEU F 79 6.98 -27.05 -13.60
C LEU F 79 5.95 -27.60 -12.61
N ASN F 80 6.41 -28.12 -11.48
CA ASN F 80 5.52 -28.56 -10.41
C ASN F 80 4.70 -27.39 -9.83
N SER F 81 5.31 -26.20 -9.76
CA SER F 81 4.60 -25.00 -9.27
C SER F 81 3.44 -24.50 -10.15
N LEU F 82 3.24 -25.07 -11.33
CA LEU F 82 2.11 -24.73 -12.19
C LEU F 82 1.05 -25.83 -12.25
N MET F 83 1.17 -26.82 -11.37
CA MET F 83 0.18 -27.90 -11.30
C MET F 83 -1.07 -27.46 -10.54
N TRP F 84 -2.22 -27.98 -10.96
CA TRP F 84 -3.44 -27.89 -10.18
C TRP F 84 -4.31 -29.08 -10.45
N ASP F 85 -5.27 -29.27 -9.55
CA ASP F 85 -6.29 -30.31 -9.64
C ASP F 85 -7.50 -29.69 -10.34
N PRO F 86 -7.84 -30.17 -11.56
CA PRO F 86 -9.01 -29.59 -12.25
C PRO F 86 -10.34 -29.63 -11.47
N ASN F 87 -10.52 -30.64 -10.61
CA ASN F 87 -11.74 -30.79 -9.78
C ASN F 87 -12.00 -29.56 -8.92
N GLU F 88 -10.93 -29.01 -8.35
CA GLU F 88 -11.00 -27.80 -7.53
C GLU F 88 -11.21 -26.48 -8.27
N TYR F 89 -11.22 -26.52 -9.60
CA TYR F 89 -11.29 -25.30 -10.43
C TYR F 89 -12.20 -25.49 -11.63
N GLY F 90 -13.38 -26.04 -11.37
CA GLY F 90 -14.43 -26.19 -12.37
C GLY F 90 -14.07 -27.01 -13.60
N ASN F 91 -13.24 -28.02 -13.42
CA ASN F 91 -12.71 -28.86 -14.52
C ASN F 91 -11.87 -28.14 -15.57
N ILE F 92 -11.27 -27.01 -15.20
CA ILE F 92 -10.30 -26.34 -16.10
C ILE F 92 -9.06 -27.23 -16.21
N THR F 93 -8.76 -27.64 -17.43
CA THR F 93 -7.55 -28.45 -17.72
C THR F 93 -6.38 -27.63 -18.30
N ASP F 94 -6.67 -26.45 -18.86
CA ASP F 94 -5.62 -25.54 -19.33
C ASP F 94 -6.11 -24.10 -19.44
N PHE F 95 -5.16 -23.18 -19.62
CA PHE F 95 -5.50 -21.79 -19.84
C PHE F 95 -4.38 -21.03 -20.56
N ARG F 96 -4.77 -19.92 -21.18
CA ARG F 96 -3.85 -19.01 -21.84
C ARG F 96 -3.50 -17.92 -20.88
N THR F 97 -2.24 -17.53 -20.86
CA THR F 97 -1.82 -16.42 -20.05
C THR F 97 -0.61 -15.73 -20.65
N SER F 98 -0.50 -14.44 -20.37
CA SER F 98 0.64 -13.64 -20.77
C SER F 98 1.93 -14.32 -20.31
N ALA F 99 2.91 -14.35 -21.21
CA ALA F 99 4.22 -14.92 -20.90
C ALA F 99 4.96 -14.16 -19.78
N ALA F 100 4.60 -12.91 -19.56
CA ALA F 100 5.11 -12.15 -18.40
C ALA F 100 4.64 -12.67 -17.04
N ASP F 101 3.53 -13.41 -17.00
CA ASP F 101 3.04 -14.04 -15.75
C ASP F 101 3.88 -15.23 -15.28
N ILE F 102 4.68 -15.81 -16.18
CA ILE F 102 5.40 -17.03 -15.89
C ILE F 102 6.88 -16.89 -16.22
N TRP F 103 7.69 -17.76 -15.66
CA TRP F 103 9.06 -17.90 -16.09
C TRP F 103 9.04 -18.51 -17.49
N THR F 104 9.92 -18.03 -18.36
CA THR F 104 10.16 -18.63 -19.66
C THR F 104 11.66 -18.79 -19.88
N PRO F 105 12.06 -19.83 -20.65
CA PRO F 105 13.48 -20.06 -20.88
C PRO F 105 14.07 -18.99 -21.81
N ASP F 106 15.34 -18.66 -21.56
CA ASP F 106 16.06 -17.61 -22.29
C ASP F 106 16.74 -18.17 -23.57
N ILE F 107 15.95 -18.77 -24.44
CA ILE F 107 16.48 -19.44 -25.63
C ILE F 107 16.92 -18.36 -26.63
N THR F 108 18.18 -18.44 -27.03
CA THR F 108 18.84 -17.37 -27.77
C THR F 108 19.56 -17.96 -28.96
N ALA F 109 19.49 -17.27 -30.11
CA ALA F 109 20.30 -17.62 -31.27
C ALA F 109 21.73 -17.16 -31.03
N TYR F 110 22.70 -18.04 -31.30
CA TYR F 110 24.11 -17.77 -30.97
C TYR F 110 24.89 -16.97 -32.03
N SER F 111 24.32 -16.78 -33.20
CA SER F 111 24.99 -16.06 -34.27
C SER F 111 24.07 -15.04 -34.93
N SER F 112 23.16 -14.47 -34.14
CA SER F 112 22.32 -13.39 -34.60
C SER F 112 23.16 -12.13 -34.86
N THR F 113 22.71 -11.31 -35.80
CA THR F 113 23.35 -10.01 -36.08
C THR F 113 22.47 -8.80 -35.79
N ARG F 114 21.22 -9.04 -35.39
CA ARG F 114 20.25 -8.00 -35.00
C ARG F 114 19.38 -8.59 -33.92
N PRO F 115 18.72 -7.74 -33.11
CA PRO F 115 17.72 -8.31 -32.21
C PRO F 115 16.64 -9.04 -32.99
N VAL F 116 16.20 -10.16 -32.44
CA VAL F 116 15.10 -10.92 -33.00
C VAL F 116 13.84 -10.06 -32.97
N GLN F 117 13.06 -10.11 -34.05
CA GLN F 117 11.79 -9.39 -34.10
C GLN F 117 10.65 -10.36 -33.81
N VAL F 118 9.76 -9.94 -32.92
CA VAL F 118 8.68 -10.80 -32.42
C VAL F 118 7.48 -10.60 -33.33
N LEU F 119 6.93 -11.69 -33.84
CA LEU F 119 5.83 -11.61 -34.82
C LEU F 119 4.50 -12.18 -34.32
N SER F 120 4.47 -12.67 -33.08
CA SER F 120 3.25 -13.25 -32.50
C SER F 120 3.07 -12.75 -31.07
N PRO F 121 1.82 -12.81 -30.54
CA PRO F 121 1.56 -12.38 -29.16
C PRO F 121 2.32 -13.23 -28.14
N GLN F 122 2.77 -12.59 -27.07
CA GLN F 122 3.56 -13.22 -26.03
C GLN F 122 2.61 -13.88 -25.01
N ILE F 123 1.99 -14.96 -25.44
CA ILE F 123 0.97 -15.64 -24.66
C ILE F 123 1.31 -17.13 -24.74
N ALA F 124 1.31 -17.78 -23.58
CA ALA F 124 1.55 -19.22 -23.47
C ALA F 124 0.29 -19.97 -23.03
N VAL F 125 0.32 -21.29 -23.22
CA VAL F 125 -0.76 -22.18 -22.78
C VAL F 125 -0.20 -23.03 -21.66
N VAL F 126 -0.86 -22.98 -20.50
CA VAL F 126 -0.46 -23.76 -19.33
C VAL F 126 -1.51 -24.85 -19.10
N THR F 127 -1.03 -26.05 -18.84
CA THR F 127 -1.90 -27.24 -18.68
C THR F 127 -1.77 -27.75 -17.24
N HIS F 128 -2.82 -28.41 -16.75
CA HIS F 128 -2.96 -28.79 -15.32
C HIS F 128 -1.85 -29.65 -14.73
N ASP F 129 -1.17 -30.42 -15.58
CA ASP F 129 0.04 -31.16 -15.17
C ASP F 129 1.28 -30.29 -14.95
N GLY F 130 1.15 -28.98 -15.15
CA GLY F 130 2.27 -28.05 -14.96
C GLY F 130 3.07 -27.82 -16.23
N SER F 131 2.61 -28.36 -17.36
CA SER F 131 3.32 -28.20 -18.62
C SER F 131 2.93 -26.88 -19.27
N VAL F 132 3.91 -26.27 -19.94
CA VAL F 132 3.72 -25.03 -20.64
C VAL F 132 4.08 -25.22 -22.11
N MET F 133 3.28 -24.62 -23.00
CA MET F 133 3.61 -24.52 -24.41
C MET F 133 3.64 -23.04 -24.82
N PHE F 134 4.77 -22.62 -25.38
CA PHE F 134 4.97 -21.24 -25.82
C PHE F 134 5.60 -21.29 -27.22
N ILE F 135 4.97 -20.61 -28.18
CA ILE F 135 5.34 -20.73 -29.59
C ILE F 135 5.55 -19.36 -30.24
N PRO F 136 6.67 -18.69 -29.91
CA PRO F 136 6.97 -17.38 -30.50
C PRO F 136 7.35 -17.45 -31.99
N ALA F 137 6.68 -16.64 -32.79
CA ALA F 137 7.07 -16.43 -34.18
C ALA F 137 8.09 -15.32 -34.21
N GLN F 138 9.16 -15.51 -34.99
CA GLN F 138 10.31 -14.64 -34.97
C GLN F 138 10.86 -14.39 -36.38
N ARG F 139 11.42 -13.21 -36.57
CA ARG F 139 12.30 -12.96 -37.71
C ARG F 139 13.70 -12.75 -37.17
N LEU F 140 14.64 -13.53 -37.69
CA LEU F 140 16.03 -13.57 -37.25
C LEU F 140 16.96 -13.26 -38.41
N SER F 141 17.90 -12.32 -38.19
CA SER F 141 19.08 -12.14 -39.06
C SER F 141 20.25 -12.83 -38.41
N PHE F 142 20.91 -13.72 -39.13
CA PHE F 142 22.06 -14.44 -38.60
C PHE F 142 23.18 -14.59 -39.64
N MET F 143 24.34 -15.00 -39.14
CA MET F 143 25.57 -15.06 -39.94
C MET F 143 25.52 -16.26 -40.88
N CYS F 144 25.61 -15.97 -42.17
CA CYS F 144 25.46 -16.99 -43.21
C CYS F 144 25.97 -16.44 -44.53
N ASP F 145 26.89 -17.17 -45.17
CA ASP F 145 27.46 -16.80 -46.45
C ASP F 145 26.58 -17.45 -47.54
N PRO F 146 25.84 -16.64 -48.31
CA PRO F 146 24.97 -17.16 -49.36
C PRO F 146 25.62 -17.38 -50.73
N THR F 147 26.94 -17.22 -50.84
CA THR F 147 27.64 -17.46 -52.11
C THR F 147 27.37 -18.88 -52.62
N GLY F 148 26.81 -18.99 -53.82
CA GLY F 148 26.46 -20.28 -54.43
C GLY F 148 24.99 -20.65 -54.27
N VAL F 149 24.18 -19.77 -53.68
CA VAL F 149 22.77 -20.03 -53.49
C VAL F 149 22.06 -20.15 -54.85
N ASP F 150 22.57 -19.44 -55.87
CA ASP F 150 22.04 -19.50 -57.23
C ASP F 150 22.50 -20.71 -58.06
N SER F 151 23.10 -21.70 -57.42
CA SER F 151 23.50 -22.92 -58.07
C SER F 151 22.56 -24.04 -57.71
N GLU F 152 22.74 -25.16 -58.40
CA GLU F 152 21.95 -26.37 -58.20
C GLU F 152 22.20 -26.98 -56.80
N GLU F 153 23.45 -26.89 -56.34
CA GLU F 153 23.85 -27.48 -55.05
C GLU F 153 23.38 -26.63 -53.87
N GLY F 154 23.17 -25.33 -54.11
CA GLY F 154 22.75 -24.40 -53.06
C GLY F 154 23.82 -24.16 -52.02
N VAL F 155 23.39 -23.68 -50.86
CA VAL F 155 24.28 -23.40 -49.73
C VAL F 155 23.69 -23.97 -48.45
N THR F 156 24.55 -24.15 -47.47
CA THR F 156 24.16 -24.66 -46.19
C THR F 156 24.48 -23.58 -45.18
N CYS F 157 23.52 -23.35 -44.28
CA CYS F 157 23.74 -22.48 -43.14
C CYS F 157 23.24 -23.09 -41.85
N ALA F 158 23.74 -22.53 -40.75
CA ALA F 158 23.51 -23.12 -39.43
C ALA F 158 23.47 -22.04 -38.35
N VAL F 159 22.58 -22.24 -37.39
CA VAL F 159 22.50 -21.37 -36.24
C VAL F 159 22.12 -22.21 -35.02
N LYS F 160 22.82 -21.99 -33.91
CA LYS F 160 22.57 -22.69 -32.65
C LYS F 160 21.61 -21.89 -31.79
N PHE F 161 20.62 -22.58 -31.21
CA PHE F 161 19.68 -21.99 -30.27
C PHE F 161 19.86 -22.65 -28.91
N GLY F 162 20.06 -21.85 -27.88
CA GLY F 162 20.22 -22.39 -26.53
C GLY F 162 20.10 -21.32 -25.49
N SER F 163 20.04 -21.74 -24.23
CA SER F 163 20.08 -20.80 -23.13
C SER F 163 21.37 -20.02 -23.22
N TRP F 164 21.28 -18.72 -23.00
CA TRP F 164 22.46 -17.87 -22.92
C TRP F 164 23.20 -18.03 -21.57
N VAL F 165 22.45 -18.21 -20.49
CA VAL F 165 23.02 -18.12 -19.15
C VAL F 165 22.97 -19.40 -18.30
N TYR F 166 22.19 -20.40 -18.70
CA TYR F 166 22.06 -21.64 -17.93
C TYR F 166 22.84 -22.75 -18.59
N SER F 167 23.71 -23.40 -17.83
CA SER F 167 24.46 -24.55 -18.33
C SER F 167 23.56 -25.77 -18.42
N GLY F 168 24.13 -26.85 -18.94
CA GLY F 168 23.47 -28.15 -18.99
C GLY F 168 23.05 -28.73 -17.64
N PHE F 169 23.65 -28.26 -16.55
CA PHE F 169 23.23 -28.66 -15.20
C PHE F 169 21.89 -28.04 -14.76
N GLU F 170 21.45 -26.97 -15.41
CA GLU F 170 20.16 -26.34 -15.08
C GLU F 170 19.13 -26.48 -16.18
N ILE F 171 19.56 -26.30 -17.44
CA ILE F 171 18.67 -26.48 -18.58
C ILE F 171 19.28 -27.47 -19.57
N ASP F 172 18.54 -28.55 -19.80
CA ASP F 172 18.82 -29.47 -20.89
C ASP F 172 17.80 -29.19 -21.97
N LEU F 173 18.14 -29.54 -23.21
CA LEU F 173 17.26 -29.40 -24.35
C LEU F 173 17.08 -30.73 -25.02
N LYS F 174 15.93 -30.88 -25.67
CA LYS F 174 15.73 -31.99 -26.58
C LYS F 174 14.84 -31.54 -27.73
N THR F 175 14.83 -32.36 -28.78
CA THR F 175 13.86 -32.23 -29.86
C THR F 175 13.02 -33.52 -29.87
N ASP F 176 11.80 -33.42 -30.38
CA ASP F 176 10.96 -34.60 -30.61
C ASP F 176 11.30 -35.27 -31.92
N THR F 177 11.77 -34.49 -32.89
CA THR F 177 12.26 -35.01 -34.16
C THR F 177 13.42 -34.13 -34.59
N ASP F 178 14.34 -34.70 -35.37
CA ASP F 178 15.43 -33.93 -35.96
C ASP F 178 15.04 -33.26 -37.30
N GLN F 179 13.83 -33.50 -37.78
CA GLN F 179 13.34 -32.88 -39.01
C GLN F 179 12.58 -31.61 -38.68
N VAL F 180 13.05 -30.48 -39.24
CA VAL F 180 12.35 -29.21 -39.13
C VAL F 180 11.03 -29.33 -39.87
N ASP F 181 9.98 -28.72 -39.32
CA ASP F 181 8.67 -28.74 -39.96
C ASP F 181 8.66 -27.74 -41.11
N LEU F 182 8.50 -28.26 -42.33
CA LEU F 182 8.46 -27.47 -43.55
C LEU F 182 7.09 -27.39 -44.20
N SER F 183 6.06 -27.85 -43.49
CA SER F 183 4.71 -27.96 -44.08
C SER F 183 3.99 -26.63 -44.24
N SER F 184 4.48 -25.58 -43.58
CA SER F 184 4.00 -24.21 -43.79
C SER F 184 5.02 -23.32 -44.52
N TYR F 185 6.03 -23.90 -45.16
CA TYR F 185 7.04 -23.10 -45.84
C TYR F 185 6.39 -22.40 -47.03
N TYR F 186 6.64 -21.09 -47.14
CA TYR F 186 6.04 -20.26 -48.19
C TYR F 186 6.38 -20.77 -49.61
N ALA F 187 5.36 -21.17 -50.34
CA ALA F 187 5.53 -21.82 -51.63
C ALA F 187 6.11 -20.90 -52.70
N SER F 188 5.91 -19.58 -52.58
CA SER F 188 6.50 -18.62 -53.54
C SER F 188 7.70 -17.86 -53.00
N SER F 189 8.38 -18.41 -52.00
CA SER F 189 9.64 -17.84 -51.52
C SER F 189 10.65 -17.76 -52.66
N LYS F 190 11.56 -16.81 -52.59
CA LYS F 190 12.70 -16.78 -53.49
C LYS F 190 13.61 -17.99 -53.34
N TYR F 191 13.58 -18.65 -52.17
CA TYR F 191 14.47 -19.77 -51.90
C TYR F 191 13.66 -21.02 -51.63
N GLU F 192 14.16 -22.15 -52.14
CA GLU F 192 13.58 -23.43 -51.82
C GLU F 192 14.50 -24.16 -50.86
N ILE F 193 13.90 -24.94 -49.99
CA ILE F 193 14.61 -25.68 -48.96
C ILE F 193 14.93 -27.07 -49.47
N LEU F 194 16.20 -27.43 -49.43
CA LEU F 194 16.64 -28.75 -49.81
C LEU F 194 16.63 -29.68 -48.61
N SER F 195 17.06 -29.19 -47.46
CA SER F 195 16.92 -29.92 -46.20
C SER F 195 16.97 -28.98 -45.02
N ALA F 196 16.39 -29.41 -43.91
CA ALA F 196 16.35 -28.62 -42.69
C ALA F 196 16.26 -29.54 -41.48
N THR F 197 17.30 -29.50 -40.65
CA THR F 197 17.39 -30.34 -39.48
C THR F 197 17.61 -29.53 -38.22
N GLN F 198 17.25 -30.13 -37.10
CA GLN F 198 17.35 -29.52 -35.77
C GLN F 198 17.91 -30.58 -34.82
N THR F 199 19.11 -30.36 -34.30
CA THR F 199 19.84 -31.41 -33.58
C THR F 199 20.48 -30.91 -32.30
N ARG F 200 20.23 -31.61 -31.20
CA ARG F 200 20.85 -31.32 -29.92
C ARG F 200 22.36 -31.43 -30.00
N GLN F 201 23.07 -30.47 -29.40
CA GLN F 201 24.52 -30.47 -29.28
C GLN F 201 24.95 -29.98 -27.91
N VAL F 202 26.18 -30.35 -27.55
CA VAL F 202 26.87 -29.85 -26.36
C VAL F 202 28.02 -28.95 -26.79
N GLN F 203 28.18 -27.82 -26.10
CA GLN F 203 29.25 -26.85 -26.40
C GLN F 203 29.86 -26.34 -25.12
N HIS F 204 31.09 -25.84 -25.25
CA HIS F 204 31.83 -25.23 -24.14
C HIS F 204 32.23 -23.83 -24.56
N TYR F 205 32.33 -22.93 -23.59
CA TYR F 205 32.64 -21.52 -23.82
C TYR F 205 33.75 -21.10 -22.89
N SER F 206 34.52 -20.10 -23.30
CA SER F 206 35.69 -19.60 -22.54
C SER F 206 35.36 -19.15 -21.12
N CYS F 207 34.19 -18.57 -20.92
CA CYS F 207 33.78 -18.02 -19.62
C CYS F 207 33.66 -19.04 -18.46
N CYS F 208 33.43 -20.30 -18.81
CA CYS F 208 32.69 -21.24 -17.98
C CYS F 208 33.22 -22.67 -18.22
N PRO F 209 33.45 -23.47 -17.16
CA PRO F 209 33.87 -24.86 -17.39
C PRO F 209 32.73 -25.86 -17.75
N GLU F 210 31.48 -25.47 -17.53
CA GLU F 210 30.35 -26.41 -17.64
C GLU F 210 29.85 -26.51 -19.09
N PRO F 211 29.32 -27.68 -19.49
CA PRO F 211 28.73 -27.80 -20.84
C PRO F 211 27.43 -27.00 -20.92
N TYR F 212 27.21 -26.39 -22.09
CA TYR F 212 25.98 -25.70 -22.42
C TYR F 212 25.35 -26.48 -23.57
N ILE F 213 24.02 -26.54 -23.59
CA ILE F 213 23.30 -27.32 -24.56
C ILE F 213 22.65 -26.38 -25.57
N ASP F 214 22.67 -26.79 -26.83
CA ASP F 214 21.96 -26.05 -27.87
C ASP F 214 21.28 -27.02 -28.83
N VAL F 215 20.35 -26.48 -29.62
CA VAL F 215 19.80 -27.15 -30.77
C VAL F 215 20.31 -26.40 -32.01
N ASN F 216 20.97 -27.15 -32.88
CA ASN F 216 21.60 -26.62 -34.07
C ASN F 216 20.64 -26.77 -35.25
N LEU F 217 20.22 -25.64 -35.79
CA LEU F 217 19.30 -25.57 -36.92
C LEU F 217 20.16 -25.46 -38.17
N VAL F 218 20.11 -26.49 -39.01
CA VAL F 218 20.94 -26.57 -40.23
C VAL F 218 20.03 -26.57 -41.44
N VAL F 219 20.16 -25.55 -42.29
CA VAL F 219 19.27 -25.41 -43.43
C VAL F 219 20.09 -25.34 -44.70
N LYS F 220 19.74 -26.20 -45.66
CA LYS F 220 20.31 -26.17 -46.98
C LYS F 220 19.25 -25.66 -47.95
N PHE F 221 19.61 -24.64 -48.72
CA PHE F 221 18.66 -23.97 -49.61
C PHE F 221 19.31 -23.43 -50.87
N ARG F 222 18.48 -23.11 -51.84
CA ARG F 222 18.94 -22.49 -53.08
C ARG F 222 17.84 -21.66 -53.68
N GLU F 223 18.20 -20.81 -54.64
CA GLU F 223 17.21 -19.99 -55.33
C GLU F 223 16.24 -20.89 -56.06
N ARG F 224 14.95 -20.56 -55.99
CA ARG F 224 13.90 -21.40 -56.58
C ARG F 224 14.00 -21.33 -58.12
N ARG F 225 13.84 -22.49 -58.75
CA ARG F 225 13.86 -22.62 -60.22
C ARG F 225 12.68 -21.90 -60.89
N GLN G 20 13.84 -24.82 -5.23
CA GLN G 20 13.14 -23.51 -5.51
C GLN G 20 13.01 -22.72 -4.21
N ALA G 21 12.58 -23.40 -3.14
CA ALA G 21 12.31 -22.77 -1.84
C ALA G 21 13.50 -22.01 -1.26
N ASN G 22 14.66 -22.64 -1.25
CA ASN G 22 15.87 -22.01 -0.74
C ASN G 22 16.32 -20.84 -1.59
N LEU G 23 16.24 -20.97 -2.91
CA LEU G 23 16.60 -19.87 -3.80
C LEU G 23 15.66 -18.67 -3.63
N MET G 24 14.37 -18.94 -3.53
CA MET G 24 13.38 -17.87 -3.31
C MET G 24 13.68 -17.12 -2.03
N ARG G 25 14.08 -17.87 -1.01
CA ARG G 25 14.43 -17.30 0.27
C ARG G 25 15.70 -16.46 0.15
N LEU G 26 16.71 -16.99 -0.54
CA LEU G 26 17.96 -16.26 -0.77
C LEU G 26 17.73 -14.94 -1.53
N LYS G 27 16.92 -15.01 -2.58
CA LYS G 27 16.67 -13.81 -3.39
C LYS G 27 15.91 -12.75 -2.60
N SER G 28 14.91 -13.19 -1.84
CA SER G 28 14.17 -12.30 -0.95
C SER G 28 15.09 -11.62 0.08
N ASP G 29 15.99 -12.38 0.69
CA ASP G 29 16.96 -11.82 1.63
C ASP G 29 17.94 -10.84 0.99
N LEU G 30 18.46 -11.16 -0.20
CA LEU G 30 19.41 -10.28 -0.87
C LEU G 30 18.77 -8.99 -1.40
N PHE G 31 17.55 -9.08 -1.92
CA PHE G 31 16.96 -7.98 -2.71
C PHE G 31 15.78 -7.23 -2.08
N ASN G 32 15.00 -7.86 -1.20
CA ASN G 32 13.78 -7.24 -0.68
C ASN G 32 13.89 -6.60 0.71
N ARG G 33 15.06 -6.68 1.34
CA ARG G 33 15.24 -6.15 2.71
C ARG G 33 15.90 -4.76 2.79
N SER G 34 17.01 -4.59 2.09
CA SER G 34 17.73 -3.32 2.04
C SER G 34 17.28 -2.51 0.83
N PRO G 35 17.63 -1.20 0.77
CA PRO G 35 17.54 -0.51 -0.51
C PRO G 35 18.57 -1.09 -1.50
N MET G 36 18.35 -0.85 -2.79
CA MET G 36 19.29 -1.36 -3.78
C MET G 36 20.67 -0.73 -3.57
N TYR G 37 21.71 -1.49 -3.91
CA TYR G 37 23.07 -0.98 -3.89
C TYR G 37 23.08 0.29 -4.74
N PRO G 38 23.57 1.42 -4.17
CA PRO G 38 23.54 2.71 -4.85
C PRO G 38 24.74 2.97 -5.78
N GLY G 39 25.55 1.95 -6.03
CA GLY G 39 26.68 2.06 -6.91
C GLY G 39 27.93 2.39 -6.11
N PRO G 40 29.10 2.33 -6.76
CA PRO G 40 30.34 2.58 -6.05
C PRO G 40 30.56 4.03 -5.71
N THR G 41 31.46 4.24 -4.76
CA THR G 41 31.82 5.56 -4.26
C THR G 41 33.32 5.61 -4.08
N LYS G 42 33.84 6.81 -3.85
CA LYS G 42 35.26 7.02 -3.56
C LYS G 42 35.71 6.20 -2.33
N ASP G 43 34.82 6.03 -1.35
CA ASP G 43 35.06 5.21 -0.14
C ASP G 43 34.92 3.72 -0.34
N ASP G 44 34.07 3.31 -1.29
CA ASP G 44 33.82 1.90 -1.62
C ASP G 44 33.98 1.67 -3.15
N PRO G 45 35.20 1.80 -3.68
CA PRO G 45 35.38 1.68 -5.11
C PRO G 45 35.26 0.24 -5.58
N LEU G 46 35.14 0.08 -6.89
CA LEU G 46 34.87 -1.21 -7.51
C LEU G 46 35.77 -1.40 -8.71
N THR G 47 36.27 -2.61 -8.90
CA THR G 47 37.03 -2.94 -10.10
C THR G 47 36.19 -3.89 -10.98
N VAL G 48 35.98 -3.49 -12.23
CA VAL G 48 35.27 -4.31 -13.21
C VAL G 48 36.29 -4.92 -14.17
N THR G 49 36.23 -6.23 -14.33
CA THR G 49 37.07 -6.92 -15.29
C THR G 49 36.27 -7.06 -16.59
N LEU G 50 36.85 -6.62 -17.70
CA LEU G 50 36.24 -6.71 -19.03
C LEU G 50 37.04 -7.63 -19.94
N GLY G 51 36.34 -8.34 -20.81
CA GLY G 51 36.95 -9.11 -21.89
C GLY G 51 36.00 -9.24 -23.05
N PHE G 52 36.53 -9.16 -24.27
CA PHE G 52 35.71 -9.20 -25.48
C PHE G 52 35.90 -10.49 -26.24
N THR G 53 34.79 -11.00 -26.75
CA THR G 53 34.79 -12.11 -27.69
C THR G 53 34.17 -11.59 -28.99
N LEU G 54 35.00 -11.44 -30.00
CA LEU G 54 34.57 -10.86 -31.27
C LEU G 54 34.01 -11.97 -32.17
N GLN G 55 32.75 -11.80 -32.58
CA GLN G 55 32.07 -12.78 -33.40
C GLN G 55 32.05 -12.44 -34.89
N ASP G 56 31.88 -11.17 -35.23
CA ASP G 56 31.76 -10.81 -36.64
C ASP G 56 31.93 -9.32 -36.85
N ILE G 57 32.67 -8.95 -37.89
CA ILE G 57 32.60 -7.62 -38.48
C ILE G 57 31.57 -7.79 -39.57
N VAL G 58 30.38 -7.26 -39.33
CA VAL G 58 29.22 -7.56 -40.15
C VAL G 58 29.21 -6.66 -41.36
N LYS G 59 29.47 -5.37 -41.15
CA LYS G 59 29.57 -4.47 -42.28
C LYS G 59 30.37 -3.21 -42.06
N VAL G 60 30.79 -2.63 -43.19
CA VAL G 60 31.53 -1.39 -43.22
C VAL G 60 30.77 -0.45 -44.14
N ASP G 61 30.74 0.83 -43.78
CA ASP G 61 30.06 1.83 -44.59
C ASP G 61 31.11 2.88 -44.91
N SER G 62 31.67 2.77 -46.13
CA SER G 62 32.72 3.68 -46.56
C SER G 62 32.19 5.07 -46.88
N SER G 63 30.88 5.25 -47.02
CA SER G 63 30.36 6.60 -47.24
C SER G 63 30.20 7.42 -45.94
N THR G 64 30.11 6.75 -44.79
CA THR G 64 29.95 7.42 -43.48
C THR G 64 31.05 7.15 -42.46
N ASN G 65 32.00 6.30 -42.81
CA ASN G 65 33.04 5.82 -41.91
C ASN G 65 32.46 5.27 -40.60
N GLU G 66 31.53 4.32 -40.76
CA GLU G 66 30.96 3.55 -39.68
C GLU G 66 31.22 2.08 -39.95
N VAL G 67 31.57 1.33 -38.91
CA VAL G 67 31.69 -0.12 -38.99
C VAL G 67 30.86 -0.77 -37.91
N ASP G 68 30.29 -1.93 -38.23
CA ASP G 68 29.42 -2.69 -37.34
C ASP G 68 30.06 -4.00 -36.87
N LEU G 69 30.18 -4.15 -35.55
CA LEU G 69 30.71 -5.37 -34.91
C LEU G 69 29.62 -6.09 -34.14
N VAL G 70 29.71 -7.40 -34.11
CA VAL G 70 28.93 -8.24 -33.20
C VAL G 70 29.94 -8.92 -32.29
N TYR G 71 29.73 -8.78 -30.99
CA TYR G 71 30.61 -9.35 -29.99
C TYR G 71 29.84 -9.61 -28.71
N TYR G 72 30.47 -10.34 -27.80
CA TYR G 72 30.02 -10.31 -26.44
C TYR G 72 31.11 -9.89 -25.47
N GLU G 73 30.65 -9.19 -24.45
CA GLU G 73 31.48 -8.48 -23.50
C GLU G 73 31.28 -9.11 -22.12
N GLN G 74 32.28 -9.83 -21.65
CA GLN G 74 32.25 -10.41 -20.32
C GLN G 74 32.60 -9.35 -19.30
N GLN G 75 31.68 -9.12 -18.36
CA GLN G 75 31.88 -8.17 -17.27
C GLN G 75 31.85 -8.93 -15.95
N ARG G 76 32.81 -8.63 -15.06
CA ARG G 76 32.89 -9.24 -13.75
C ARG G 76 33.20 -8.19 -12.69
N TRP G 77 32.47 -8.24 -11.59
CA TRP G 77 32.73 -7.43 -10.41
C TRP G 77 32.24 -8.17 -9.15
N LYS G 78 32.52 -7.59 -7.99
CA LYS G 78 32.25 -8.23 -6.71
C LYS G 78 31.70 -7.21 -5.72
N LEU G 79 30.59 -7.55 -5.07
CA LEU G 79 29.98 -6.71 -4.01
C LEU G 79 29.82 -7.51 -2.72
N ASN G 80 30.18 -6.90 -1.60
CA ASN G 80 29.94 -7.52 -0.28
C ASN G 80 28.45 -7.71 -0.01
N SER G 81 27.62 -6.78 -0.47
CA SER G 81 26.15 -6.89 -0.30
C SER G 81 25.48 -8.06 -1.05
N LEU G 82 26.22 -8.77 -1.91
CA LEU G 82 25.69 -9.96 -2.58
C LEU G 82 26.27 -11.26 -2.05
N MET G 83 26.96 -11.19 -0.92
CA MET G 83 27.53 -12.39 -0.28
C MET G 83 26.45 -13.15 0.51
N TRP G 84 26.57 -14.46 0.53
CA TRP G 84 25.79 -15.29 1.44
C TRP G 84 26.58 -16.53 1.78
N ASP G 85 26.14 -17.17 2.86
CA ASP G 85 26.67 -18.44 3.34
C ASP G 85 25.83 -19.56 2.71
N PRO G 86 26.42 -20.39 1.83
CA PRO G 86 25.62 -21.48 1.22
C PRO G 86 24.95 -22.45 2.19
N ASN G 87 25.54 -22.65 3.38
CA ASN G 87 24.98 -23.52 4.43
C ASN G 87 23.59 -23.09 4.85
N GLU G 88 23.38 -21.78 4.96
CA GLU G 88 22.07 -21.22 5.32
C GLU G 88 21.01 -21.22 4.20
N TYR G 89 21.38 -21.65 3.00
CA TYR G 89 20.49 -21.59 1.83
C TYR G 89 20.60 -22.84 0.98
N GLY G 90 20.55 -23.98 1.64
CA GLY G 90 20.50 -25.29 1.00
C GLY G 90 21.64 -25.59 0.04
N ASN G 91 22.85 -25.16 0.41
CA ASN G 91 24.06 -25.32 -0.39
C ASN G 91 24.05 -24.61 -1.77
N ILE G 92 23.22 -23.59 -1.95
CA ILE G 92 23.25 -22.80 -3.17
C ILE G 92 24.55 -22.00 -3.22
N THR G 93 25.35 -22.25 -4.25
CA THR G 93 26.60 -21.50 -4.47
C THR G 93 26.49 -20.36 -5.52
N ASP G 94 25.48 -20.44 -6.39
CA ASP G 94 25.21 -19.35 -7.36
C ASP G 94 23.78 -19.37 -7.86
N PHE G 95 23.39 -18.30 -8.54
CA PHE G 95 22.08 -18.23 -9.16
C PHE G 95 22.04 -17.23 -10.32
N ARG G 96 21.07 -17.42 -11.19
CA ARG G 96 20.79 -16.53 -12.30
C ARG G 96 19.71 -15.57 -11.89
N THR G 97 19.87 -14.31 -12.26
CA THR G 97 18.84 -13.35 -11.98
C THR G 97 18.85 -12.24 -13.02
N SER G 98 17.68 -11.66 -13.24
CA SER G 98 17.52 -10.52 -14.13
C SER G 98 18.50 -9.42 -13.72
N ALA G 99 19.15 -8.83 -14.72
CA ALA G 99 20.08 -7.72 -14.49
C ALA G 99 19.41 -6.48 -13.89
N ALA G 100 18.09 -6.36 -14.06
CA ALA G 100 17.32 -5.30 -13.37
C ALA G 100 17.24 -5.46 -11.85
N ASP G 101 17.46 -6.68 -11.33
CA ASP G 101 17.49 -6.91 -9.87
C ASP G 101 18.75 -6.39 -9.17
N ILE G 102 19.80 -6.12 -9.95
CA ILE G 102 21.09 -5.76 -9.39
C ILE G 102 21.62 -4.49 -10.04
N TRP G 103 22.56 -3.86 -9.37
CA TRP G 103 23.32 -2.80 -9.99
C TRP G 103 24.24 -3.44 -11.04
N THR G 104 24.37 -2.78 -12.18
CA THR G 104 25.34 -3.16 -13.20
C THR G 104 26.13 -1.93 -13.64
N PRO G 105 27.40 -2.13 -14.05
CA PRO G 105 28.22 -1.00 -14.45
C PRO G 105 27.76 -0.42 -15.79
N ASP G 106 27.90 0.88 -15.93
CA ASP G 106 27.42 1.63 -17.11
C ASP G 106 28.51 1.68 -18.22
N ILE G 107 28.97 0.51 -18.65
CA ILE G 107 30.06 0.41 -19.60
C ILE G 107 29.54 0.83 -20.97
N THR G 108 30.21 1.82 -21.57
CA THR G 108 29.72 2.51 -22.75
C THR G 108 30.83 2.60 -23.77
N ALA G 109 30.50 2.38 -25.03
CA ALA G 109 31.42 2.64 -26.14
C ALA G 109 31.52 4.14 -26.36
N TYR G 110 32.74 4.66 -26.48
CA TYR G 110 32.96 6.12 -26.55
C TYR G 110 32.85 6.73 -27.95
N SER G 111 32.75 5.89 -28.98
CA SER G 111 32.67 6.39 -30.35
C SER G 111 31.58 5.68 -31.14
N SER G 112 30.51 5.28 -30.45
CA SER G 112 29.35 4.72 -31.12
C SER G 112 28.65 5.77 -31.97
N THR G 113 28.01 5.34 -33.04
CA THR G 113 27.18 6.23 -33.88
C THR G 113 25.69 5.90 -33.88
N ARG G 114 25.31 4.82 -33.18
CA ARG G 114 23.91 4.38 -33.04
C ARG G 114 23.81 3.74 -31.66
N PRO G 115 22.59 3.69 -31.10
CA PRO G 115 22.45 2.92 -29.88
C PRO G 115 22.85 1.46 -30.09
N VAL G 116 23.53 0.91 -29.09
CA VAL G 116 23.93 -0.48 -29.11
C VAL G 116 22.68 -1.36 -29.15
N GLN G 117 22.71 -2.42 -29.95
CA GLN G 117 21.60 -3.36 -30.00
C GLN G 117 21.94 -4.59 -29.15
N VAL G 118 20.99 -4.98 -28.33
CA VAL G 118 21.20 -6.06 -27.35
C VAL G 118 20.80 -7.36 -28.02
N LEU G 119 21.68 -8.35 -27.98
CA LEU G 119 21.45 -9.62 -28.69
C LEU G 119 21.30 -10.84 -27.77
N SER G 120 21.38 -10.63 -26.46
CA SER G 120 21.27 -11.71 -25.49
C SER G 120 20.39 -11.28 -24.31
N PRO G 121 19.82 -12.25 -23.57
CA PRO G 121 18.98 -11.93 -22.41
C PRO G 121 19.74 -11.18 -21.33
N GLN G 122 19.06 -10.26 -20.67
CA GLN G 122 19.66 -9.39 -19.65
C GLN G 122 19.59 -10.12 -18.30
N ILE G 123 20.43 -11.15 -18.17
CA ILE G 123 20.43 -12.03 -17.02
C ILE G 123 21.89 -12.21 -16.63
N ALA G 124 22.18 -12.06 -15.34
CA ALA G 124 23.51 -12.25 -14.78
C ALA G 124 23.57 -13.48 -13.86
N VAL G 125 24.79 -13.91 -13.57
CA VAL G 125 25.04 -15.02 -12.63
C VAL G 125 25.72 -14.43 -11.43
N VAL G 126 25.11 -14.65 -10.25
CA VAL G 126 25.66 -14.16 -8.98
C VAL G 126 26.16 -15.37 -8.19
N THR G 127 27.35 -15.24 -7.62
CA THR G 127 28.00 -16.33 -6.88
C THR G 127 28.13 -15.93 -5.40
N HIS G 128 28.18 -16.93 -4.52
CA HIS G 128 28.09 -16.74 -3.04
C HIS G 128 29.14 -15.82 -2.43
N ASP G 129 30.30 -15.70 -3.07
CA ASP G 129 31.33 -14.72 -2.66
C ASP G 129 30.99 -13.26 -3.02
N GLY G 130 29.83 -13.03 -3.63
CA GLY G 130 29.41 -11.70 -4.00
C GLY G 130 29.84 -11.29 -5.40
N SER G 131 30.42 -12.22 -6.15
CA SER G 131 30.88 -11.92 -7.50
C SER G 131 29.73 -12.07 -8.49
N VAL G 132 29.74 -11.21 -9.49
CA VAL G 132 28.75 -11.21 -10.55
C VAL G 132 29.44 -11.40 -11.90
N MET G 133 28.83 -12.21 -12.76
CA MET G 133 29.23 -12.34 -14.15
C MET G 133 28.05 -11.97 -15.06
N PHE G 134 28.27 -11.01 -15.95
CA PHE G 134 27.24 -10.52 -16.88
C PHE G 134 27.90 -10.41 -18.27
N ILE G 135 27.31 -11.07 -19.26
CA ILE G 135 27.92 -11.21 -20.57
C ILE G 135 26.96 -10.81 -21.71
N PRO G 136 26.74 -9.49 -21.85
CA PRO G 136 25.87 -8.99 -22.92
C PRO G 136 26.45 -9.15 -24.32
N ALA G 137 25.68 -9.76 -25.22
CA ALA G 137 26.01 -9.78 -26.64
C ALA G 137 25.43 -8.52 -27.26
N GLN G 138 26.22 -7.86 -28.11
CA GLN G 138 25.90 -6.54 -28.63
C GLN G 138 26.25 -6.43 -30.12
N ARG G 139 25.47 -5.62 -30.82
CA ARG G 139 25.89 -5.11 -32.12
C ARG G 139 26.12 -3.62 -31.98
N LEU G 140 27.32 -3.19 -32.37
CA LEU G 140 27.78 -1.81 -32.23
C LEU G 140 28.15 -1.24 -33.59
N SER G 141 27.64 -0.05 -33.91
CA SER G 141 28.15 0.79 -34.99
C SER G 141 29.04 1.85 -34.39
N PHE G 142 30.28 1.94 -34.87
CA PHE G 142 31.23 2.92 -34.34
C PHE G 142 32.06 3.57 -35.46
N MET G 143 32.77 4.64 -35.08
CA MET G 143 33.50 5.48 -36.01
C MET G 143 34.78 4.75 -36.45
N CYS G 144 34.89 4.53 -37.76
CA CYS G 144 35.99 3.75 -38.32
C CYS G 144 36.04 3.97 -39.82
N ASP G 145 37.21 4.36 -40.32
CA ASP G 145 37.44 4.59 -41.74
C ASP G 145 37.94 3.27 -42.35
N PRO G 146 37.10 2.63 -43.20
CA PRO G 146 37.48 1.36 -43.80
C PRO G 146 38.24 1.45 -45.13
N THR G 147 38.67 2.66 -45.54
CA THR G 147 39.47 2.80 -46.75
C THR G 147 40.75 1.96 -46.67
N GLY G 148 40.91 1.06 -47.64
CA GLY G 148 42.06 0.13 -47.67
C GLY G 148 41.76 -1.24 -47.10
N VAL G 149 40.52 -1.50 -46.71
CA VAL G 149 40.14 -2.80 -46.16
C VAL G 149 40.32 -3.90 -47.21
N ASP G 150 40.15 -3.54 -48.48
CA ASP G 150 40.35 -4.49 -49.60
C ASP G 150 41.81 -4.70 -50.03
N SER G 151 42.75 -4.25 -49.21
CA SER G 151 44.17 -4.45 -49.48
C SER G 151 44.71 -5.52 -48.56
N GLU G 152 45.95 -5.89 -48.83
CA GLU G 152 46.66 -6.90 -48.08
C GLU G 152 46.95 -6.43 -46.64
N GLU G 153 47.24 -5.15 -46.49
CA GLU G 153 47.58 -4.55 -45.20
C GLU G 153 46.34 -4.35 -44.31
N GLY G 154 45.17 -4.22 -44.93
CA GLY G 154 43.93 -3.99 -44.22
C GLY G 154 43.86 -2.63 -43.56
N VAL G 155 42.99 -2.52 -42.55
CA VAL G 155 42.79 -1.29 -41.80
C VAL G 155 42.75 -1.58 -40.32
N THR G 156 43.00 -0.56 -39.53
CA THR G 156 42.99 -0.68 -38.08
C THR G 156 41.93 0.25 -37.59
N CYS G 157 41.12 -0.24 -36.65
CA CYS G 157 40.15 0.59 -35.95
C CYS G 157 40.17 0.34 -34.46
N ALA G 158 39.59 1.28 -33.73
CA ALA G 158 39.66 1.31 -32.28
C ALA G 158 38.41 1.94 -31.67
N VAL G 159 37.99 1.39 -30.55
CA VAL G 159 36.88 1.93 -29.79
C VAL G 159 37.16 1.71 -28.29
N LYS G 160 36.96 2.74 -27.50
CA LYS G 160 37.14 2.71 -26.05
C LYS G 160 35.84 2.36 -25.35
N PHE G 161 35.91 1.44 -24.39
CA PHE G 161 34.78 1.07 -23.55
C PHE G 161 35.08 1.45 -22.11
N GLY G 162 34.18 2.19 -21.48
CA GLY G 162 34.35 2.55 -20.08
C GLY G 162 33.10 3.11 -19.48
N SER G 163 33.13 3.34 -18.18
CA SER G 163 32.03 4.00 -17.51
C SER G 163 31.87 5.37 -18.13
N TRP G 164 30.63 5.77 -18.38
CA TRP G 164 30.33 7.12 -18.83
C TRP G 164 30.41 8.15 -17.68
N VAL G 165 30.00 7.75 -16.48
CA VAL G 165 29.78 8.71 -15.39
C VAL G 165 30.66 8.53 -14.15
N TYR G 166 31.34 7.39 -14.02
CA TYR G 166 32.17 7.14 -12.83
C TYR G 166 33.64 7.28 -13.19
N SER G 167 34.35 8.10 -12.43
CA SER G 167 35.79 8.26 -12.61
C SER G 167 36.53 7.05 -12.08
N GLY G 168 37.84 7.05 -12.27
CA GLY G 168 38.74 6.04 -11.73
C GLY G 168 38.73 5.91 -10.21
N PHE G 169 38.27 6.94 -9.50
CA PHE G 169 38.10 6.85 -8.04
C PHE G 169 36.92 5.98 -7.60
N GLU G 170 35.97 5.71 -8.49
CA GLU G 170 34.82 4.85 -8.18
C GLU G 170 34.84 3.54 -8.94
N ILE G 171 35.18 3.59 -10.23
CA ILE G 171 35.29 2.38 -11.05
C ILE G 171 36.65 2.32 -11.72
N ASP G 172 37.39 1.27 -11.41
CA ASP G 172 38.60 0.91 -12.13
C ASP G 172 38.24 -0.27 -13.03
N LEU G 173 39.01 -0.45 -14.09
CA LEU G 173 38.84 -1.55 -15.02
C LEU G 173 40.12 -2.32 -15.13
N LYS G 174 39.99 -3.60 -15.44
CA LYS G 174 41.13 -4.40 -15.83
C LYS G 174 40.70 -5.41 -16.88
N THR G 175 41.69 -6.00 -17.55
CA THR G 175 41.48 -7.17 -18.40
C THR G 175 42.29 -8.32 -17.78
N ASP G 176 41.86 -9.55 -18.04
CA ASP G 176 42.64 -10.74 -17.66
C ASP G 176 43.71 -11.04 -18.71
N THR G 177 43.45 -10.67 -19.96
CA THR G 177 44.42 -10.80 -21.03
C THR G 177 44.22 -9.61 -21.97
N ASP G 178 45.28 -9.21 -22.65
CA ASP G 178 45.19 -8.18 -23.68
C ASP G 178 44.79 -8.73 -25.06
N GLN G 179 44.65 -10.05 -25.19
CA GLN G 179 44.23 -10.67 -26.44
C GLN G 179 42.72 -10.87 -26.44
N VAL G 180 42.06 -10.27 -27.43
CA VAL G 180 40.63 -10.47 -27.66
C VAL G 180 40.41 -11.94 -28.03
N ASP G 181 39.33 -12.52 -27.54
CA ASP G 181 39.01 -13.92 -27.85
C ASP G 181 38.42 -13.97 -29.26
N LEU G 182 39.13 -14.66 -30.16
CA LEU G 182 38.75 -14.82 -31.55
C LEU G 182 38.33 -16.25 -31.90
N SER G 183 38.17 -17.10 -30.90
CA SER G 183 37.90 -18.52 -31.14
C SER G 183 36.48 -18.81 -31.60
N SER G 184 35.58 -17.85 -31.45
CA SER G 184 34.22 -17.92 -32.01
C SER G 184 34.01 -16.95 -33.19
N TYR G 185 35.08 -16.43 -33.78
CA TYR G 185 34.91 -15.49 -34.89
C TYR G 185 34.35 -16.23 -36.09
N TYR G 186 33.31 -15.65 -36.70
CA TYR G 186 32.63 -16.27 -37.84
C TYR G 186 33.58 -16.56 -39.02
N ALA G 187 33.74 -17.83 -39.35
CA ALA G 187 34.72 -18.27 -40.33
C ALA G 187 34.39 -17.82 -41.75
N SER G 188 33.13 -17.57 -42.06
CA SER G 188 32.75 -17.06 -43.39
C SER G 188 32.39 -15.58 -43.42
N SER G 189 32.87 -14.82 -42.45
CA SER G 189 32.72 -13.37 -42.46
C SER G 189 33.31 -12.79 -43.73
N LYS G 190 32.78 -11.66 -44.19
CA LYS G 190 33.43 -10.90 -45.25
C LYS G 190 34.81 -10.40 -44.87
N TYR G 191 35.09 -10.24 -43.57
CA TYR G 191 36.36 -9.70 -43.10
C TYR G 191 37.09 -10.71 -42.26
N GLU G 192 38.40 -10.76 -42.42
CA GLU G 192 39.24 -11.56 -41.57
C GLU G 192 40.00 -10.66 -40.62
N ILE G 193 40.24 -11.18 -39.41
CA ILE G 193 40.90 -10.44 -38.36
C ILE G 193 42.38 -10.73 -38.40
N LEU G 194 43.18 -9.68 -38.49
CA LEU G 194 44.61 -9.80 -38.46
C LEU G 194 45.13 -9.70 -37.04
N SER G 195 44.57 -8.82 -36.23
CA SER G 195 44.85 -8.79 -34.81
C SER G 195 43.72 -8.09 -34.06
N ALA G 196 43.62 -8.40 -32.77
CA ALA G 196 42.58 -7.81 -31.92
C ALA G 196 43.05 -7.80 -30.47
N THR G 197 43.21 -6.59 -29.93
CA THR G 197 43.69 -6.41 -28.57
C THR G 197 42.73 -5.57 -27.76
N GLN G 198 42.83 -5.73 -26.44
CA GLN G 198 41.99 -5.04 -25.47
C GLN G 198 42.88 -4.56 -24.34
N THR G 199 43.01 -3.24 -24.17
CA THR G 199 44.04 -2.69 -23.28
C THR G 199 43.50 -1.58 -22.40
N ARG G 200 43.73 -1.69 -21.09
CA ARG G 200 43.37 -0.65 -20.13
C ARG G 200 44.09 0.65 -20.46
N GLN G 201 43.35 1.77 -20.39
CA GLN G 201 43.88 3.12 -20.55
C GLN G 201 43.26 4.05 -19.55
N VAL G 202 43.98 5.15 -19.31
CA VAL G 202 43.50 6.29 -18.51
C VAL G 202 43.28 7.47 -19.45
N GLN G 203 42.16 8.18 -19.26
CA GLN G 203 41.82 9.35 -20.07
C GLN G 203 41.27 10.45 -19.19
N HIS G 204 41.37 11.66 -19.70
CA HIS G 204 40.87 12.88 -19.04
C HIS G 204 39.92 13.55 -20.02
N TYR G 205 38.91 14.21 -19.48
CA TYR G 205 37.86 14.87 -20.26
C TYR G 205 37.68 16.29 -19.74
N SER G 206 37.24 17.18 -20.63
CA SER G 206 37.11 18.62 -20.31
C SER G 206 36.21 18.91 -19.11
N CYS G 207 35.16 18.12 -18.93
CA CYS G 207 34.17 18.33 -17.86
C CYS G 207 34.71 18.25 -16.41
N CYS G 208 35.83 17.55 -16.23
CA CYS G 208 36.13 16.83 -15.00
C CYS G 208 37.66 16.79 -14.80
N PRO G 209 38.17 17.05 -13.58
CA PRO G 209 39.62 16.89 -13.37
C PRO G 209 40.10 15.44 -13.15
N GLU G 210 39.19 14.51 -12.86
CA GLU G 210 39.57 13.16 -12.43
C GLU G 210 39.83 12.24 -13.62
N PRO G 211 40.75 11.27 -13.47
CA PRO G 211 40.95 10.27 -14.53
C PRO G 211 39.78 9.34 -14.67
N TYR G 212 39.46 8.98 -15.91
CA TYR G 212 38.44 7.98 -16.24
C TYR G 212 39.18 6.83 -16.90
N ILE G 213 38.71 5.61 -16.65
CA ILE G 213 39.39 4.42 -17.12
C ILE G 213 38.58 3.82 -18.26
N ASP G 214 39.26 3.32 -19.27
CA ASP G 214 38.63 2.58 -20.34
C ASP G 214 39.46 1.39 -20.75
N VAL G 215 38.83 0.48 -21.49
CA VAL G 215 39.50 -0.59 -22.21
C VAL G 215 39.37 -0.28 -23.69
N ASN G 216 40.52 -0.17 -24.36
CA ASN G 216 40.61 0.19 -25.76
C ASN G 216 40.67 -1.08 -26.60
N LEU G 217 39.65 -1.28 -27.41
CA LEU G 217 39.53 -2.44 -28.31
C LEU G 217 40.10 -2.01 -29.64
N VAL G 218 41.21 -2.64 -30.05
CA VAL G 218 41.90 -2.29 -31.30
C VAL G 218 41.85 -3.49 -32.22
N VAL G 219 41.24 -3.33 -33.38
CA VAL G 219 41.05 -4.43 -34.31
C VAL G 219 41.63 -4.07 -35.67
N LYS G 220 42.49 -4.95 -36.17
CA LYS G 220 43.03 -4.84 -37.51
C LYS G 220 42.40 -5.93 -38.37
N PHE G 221 41.85 -5.54 -39.51
CA PHE G 221 41.11 -6.46 -40.36
C PHE G 221 41.20 -6.11 -41.83
N ARG G 222 40.84 -7.07 -42.67
CA ARG G 222 40.77 -6.85 -44.12
C ARG G 222 39.76 -7.77 -44.74
N GLU G 223 39.39 -7.50 -45.98
CA GLU G 223 38.47 -8.37 -46.71
C GLU G 223 39.09 -9.74 -46.86
N ARG G 224 38.29 -10.78 -46.65
CA ARG G 224 38.77 -12.15 -46.68
C ARG G 224 39.17 -12.52 -48.13
N ARG G 225 40.33 -13.19 -48.28
CA ARG G 225 41.09 -13.26 -49.52
C ARG G 225 40.37 -14.22 -50.48
N GLN H 20 28.26 2.69 1.52
CA GLN H 20 26.91 2.43 0.92
C GLN H 20 25.83 3.00 1.84
N ALA H 21 25.97 2.75 3.15
CA ALA H 21 24.98 3.14 4.17
C ALA H 21 24.67 4.63 4.18
N ASN H 22 25.72 5.46 4.18
CA ASN H 22 25.52 6.90 4.20
C ASN H 22 24.89 7.40 2.91
N LEU H 23 25.30 6.86 1.77
CA LEU H 23 24.73 7.27 0.49
C LEU H 23 23.25 6.87 0.40
N MET H 24 22.92 5.65 0.83
CA MET H 24 21.53 5.19 0.85
C MET H 24 20.67 6.13 1.67
N ARG H 25 21.21 6.55 2.80
CA ARG H 25 20.53 7.47 3.69
C ARG H 25 20.34 8.83 3.02
N LEU H 26 21.39 9.34 2.38
CA LEU H 26 21.34 10.61 1.67
C LEU H 26 20.29 10.57 0.55
N LYS H 27 20.28 9.51 -0.24
CA LYS H 27 19.35 9.41 -1.37
C LYS H 27 17.91 9.33 -0.87
N SER H 28 17.69 8.54 0.17
CA SER H 28 16.37 8.46 0.80
C SER H 28 15.87 9.82 1.31
N ASP H 29 16.76 10.57 1.96
CA ASP H 29 16.42 11.91 2.43
C ASP H 29 16.13 12.91 1.30
N LEU H 30 16.93 12.87 0.24
CA LEU H 30 16.72 13.79 -0.90
C LEU H 30 15.47 13.46 -1.72
N PHE H 31 15.18 12.18 -1.92
CA PHE H 31 14.19 11.75 -2.91
C PHE H 31 12.89 11.15 -2.39
N ASN H 32 12.89 10.55 -1.20
CA ASN H 32 11.70 9.82 -0.69
C ASN H 32 10.85 10.59 0.31
N ARG H 33 11.23 11.82 0.67
CA ARG H 33 10.49 12.59 1.68
C ARG H 33 9.51 13.63 1.12
N SER H 34 9.99 14.47 0.20
CA SER H 34 9.17 15.48 -0.45
C SER H 34 8.60 14.93 -1.76
N PRO H 35 7.60 15.62 -2.36
CA PRO H 35 7.29 15.34 -3.76
C PRO H 35 8.45 15.76 -4.65
N MET H 36 8.51 15.24 -5.87
CA MET H 36 9.58 15.60 -6.79
C MET H 36 9.52 17.08 -7.11
N TYR H 37 10.69 17.66 -7.35
CA TYR H 37 10.79 19.03 -7.78
C TYR H 37 9.90 19.19 -9.01
N PRO H 38 8.97 20.17 -8.99
CA PRO H 38 7.99 20.34 -10.08
C PRO H 38 8.50 21.18 -11.26
N GLY H 39 9.79 21.50 -11.27
CA GLY H 39 10.38 22.29 -12.34
C GLY H 39 10.37 23.75 -11.97
N PRO H 40 11.07 24.58 -12.75
CA PRO H 40 11.16 25.99 -12.45
C PRO H 40 9.86 26.76 -12.72
N THR H 41 9.78 27.93 -12.10
CA THR H 41 8.64 28.82 -12.20
C THR H 41 9.16 30.24 -12.35
N LYS H 42 8.26 31.17 -12.68
CA LYS H 42 8.56 32.58 -12.75
C LYS H 42 9.15 33.11 -11.41
N ASP H 43 8.65 32.58 -10.29
CA ASP H 43 9.14 32.91 -8.93
C ASP H 43 10.45 32.24 -8.54
N ASP H 44 10.71 31.06 -9.09
CA ASP H 44 11.93 30.28 -8.83
C ASP H 44 12.59 29.86 -10.15
N PRO H 45 13.13 30.84 -10.91
CA PRO H 45 13.70 30.50 -12.21
C PRO H 45 15.03 29.78 -12.08
N LEU H 46 15.48 29.21 -13.19
CA LEU H 46 16.65 28.36 -13.21
C LEU H 46 17.51 28.74 -14.41
N THR H 47 18.82 28.74 -14.22
CA THR H 47 19.75 28.92 -15.34
C THR H 47 20.46 27.59 -15.62
N VAL H 48 20.36 27.14 -16.88
CA VAL H 48 21.05 25.93 -17.34
C VAL H 48 22.24 26.33 -18.18
N THR H 49 23.41 25.82 -17.84
CA THR H 49 24.62 26.02 -18.61
C THR H 49 24.75 24.86 -19.59
N LEU H 50 24.91 25.18 -20.87
CA LEU H 50 25.10 24.18 -21.93
C LEU H 50 26.46 24.32 -22.58
N GLY H 51 27.03 23.18 -22.96
CA GLY H 51 28.24 23.11 -23.75
C GLY H 51 28.23 21.86 -24.63
N PHE H 52 28.71 21.99 -25.86
CA PHE H 52 28.73 20.87 -26.80
C PHE H 52 30.13 20.36 -27.04
N THR H 53 30.24 19.05 -27.13
CA THR H 53 31.46 18.37 -27.55
C THR H 53 31.12 17.59 -28.81
N LEU H 54 31.61 18.06 -29.94
CA LEU H 54 31.27 17.48 -31.24
C LEU H 54 32.24 16.33 -31.56
N GLN H 55 31.69 15.14 -31.75
CA GLN H 55 32.48 13.94 -32.01
C GLN H 55 32.56 13.57 -33.48
N ASP H 56 31.48 13.74 -34.24
CA ASP H 56 31.49 13.32 -35.65
C ASP H 56 30.33 13.91 -36.41
N ILE H 57 30.62 14.38 -37.63
CA ILE H 57 29.59 14.59 -38.64
C ILE H 57 29.60 13.27 -39.41
N VAL H 58 28.58 12.47 -39.16
CA VAL H 58 28.57 11.07 -39.60
C VAL H 58 28.10 11.01 -41.04
N LYS H 59 27.04 11.75 -41.37
CA LYS H 59 26.62 11.83 -42.76
C LYS H 59 25.85 13.06 -43.14
N VAL H 60 25.84 13.31 -44.45
CA VAL H 60 25.08 14.38 -45.06
C VAL H 60 24.21 13.71 -46.12
N ASP H 61 22.99 14.20 -46.25
CA ASP H 61 22.07 13.70 -47.26
C ASP H 61 21.67 14.90 -48.11
N SER H 62 22.33 15.02 -49.26
CA SER H 62 22.08 16.11 -50.17
C SER H 62 20.75 16.01 -50.89
N SER H 63 20.09 14.85 -50.86
CA SER H 63 18.77 14.75 -51.48
C SER H 63 17.63 15.26 -50.56
N THR H 64 17.86 15.30 -49.24
CA THR H 64 16.85 15.75 -48.27
C THR H 64 17.27 16.97 -47.43
N ASN H 65 18.50 17.44 -47.61
CA ASN H 65 19.09 18.48 -46.77
C ASN H 65 18.97 18.17 -45.27
N GLU H 66 19.45 16.99 -44.91
CA GLU H 66 19.58 16.53 -43.54
C GLU H 66 21.04 16.18 -43.29
N VAL H 67 21.55 16.56 -42.12
CA VAL H 67 22.89 16.19 -41.68
C VAL H 67 22.79 15.53 -40.31
N ASP H 68 23.65 14.55 -40.08
CA ASP H 68 23.69 13.76 -38.84
C ASP H 68 24.96 14.01 -38.04
N LEU H 69 24.78 14.47 -36.80
CA LEU H 69 25.88 14.73 -35.86
C LEU H 69 25.83 13.78 -34.70
N VAL H 70 27.01 13.41 -34.21
CA VAL H 70 27.18 12.72 -32.94
C VAL H 70 27.94 13.68 -32.03
N TYR H 71 27.38 13.95 -30.87
CA TYR H 71 27.98 14.86 -29.90
C TYR H 71 27.54 14.48 -28.50
N TYR H 72 28.17 15.09 -27.52
CA TYR H 72 27.60 15.11 -26.19
C TYR H 72 27.44 16.52 -25.67
N GLU H 73 26.36 16.68 -24.91
CA GLU H 73 25.83 17.93 -24.46
C GLU H 73 25.92 17.99 -22.94
N GLN H 74 26.85 18.81 -22.44
CA GLN H 74 27.00 19.01 -21.02
C GLN H 74 25.95 19.99 -20.54
N GLN H 75 25.13 19.54 -19.59
CA GLN H 75 24.09 20.37 -18.98
C GLN H 75 24.41 20.52 -17.50
N ARG H 76 24.30 21.75 -16.99
CA ARG H 76 24.52 22.04 -15.57
C ARG H 76 23.46 22.99 -15.06
N TRP H 77 22.92 22.66 -13.90
CA TRP H 77 22.00 23.52 -13.17
C TRP H 77 22.13 23.26 -11.67
N LYS H 78 21.44 24.06 -10.87
CA LYS H 78 21.59 24.04 -9.41
C LYS H 78 20.21 24.19 -8.77
N LEU H 79 19.89 23.29 -7.84
CA LEU H 79 18.63 23.35 -7.07
C LEU H 79 18.93 23.36 -5.57
N ASN H 80 18.25 24.23 -4.82
CA ASN H 80 18.37 24.24 -3.36
C ASN H 80 17.87 22.92 -2.75
N SER H 81 16.83 22.33 -3.34
CA SER H 81 16.31 21.05 -2.87
C SER H 81 17.26 19.83 -3.02
N LEU H 82 18.40 20.00 -3.67
CA LEU H 82 19.40 18.93 -3.76
C LEU H 82 20.65 19.21 -2.92
N MET H 83 20.57 20.21 -2.04
CA MET H 83 21.69 20.53 -1.15
C MET H 83 21.72 19.59 0.05
N TRP H 84 22.92 19.28 0.52
CA TRP H 84 23.10 18.61 1.80
C TRP H 84 24.42 19.03 2.40
N ASP H 85 24.52 18.77 3.71
CA ASP H 85 25.73 19.00 4.49
C ASP H 85 26.52 17.69 4.48
N PRO H 86 27.72 17.66 3.85
CA PRO H 86 28.51 16.41 3.85
C PRO H 86 28.83 15.81 5.23
N ASN H 87 28.95 16.65 6.25
CA ASN H 87 29.21 16.20 7.65
C ASN H 87 28.16 15.21 8.15
N GLU H 88 26.90 15.48 7.81
CA GLU H 88 25.78 14.62 8.19
C GLU H 88 25.63 13.31 7.39
N TYR H 89 26.47 13.12 6.36
CA TYR H 89 26.36 11.98 5.46
C TYR H 89 27.72 11.40 5.11
N GLY H 90 28.53 11.20 6.13
CA GLY H 90 29.84 10.54 6.00
C GLY H 90 30.81 11.19 5.04
N ASN H 91 30.79 12.51 4.97
CA ASN H 91 31.64 13.31 4.06
C ASN H 91 31.39 13.06 2.56
N ILE H 92 30.20 12.57 2.19
CA ILE H 92 29.84 12.44 0.78
C ILE H 92 29.67 13.86 0.20
N THR H 93 30.47 14.18 -0.81
CA THR H 93 30.37 15.47 -1.51
C THR H 93 29.61 15.39 -2.86
N ASP H 94 29.48 14.19 -3.43
CA ASP H 94 28.69 14.00 -4.65
C ASP H 94 28.25 12.55 -4.82
N PHE H 95 27.33 12.32 -5.74
CA PHE H 95 26.90 10.97 -6.08
C PHE H 95 26.30 10.90 -7.48
N ARG H 96 26.30 9.68 -8.03
CA ARG H 96 25.70 9.37 -9.30
C ARG H 96 24.32 8.84 -9.05
N THR H 97 23.38 9.26 -9.89
CA THR H 97 22.03 8.75 -9.77
C THR H 97 21.35 8.77 -11.14
N SER H 98 20.43 7.84 -11.32
CA SER H 98 19.59 7.78 -12.50
C SER H 98 18.91 9.13 -12.72
N ALA H 99 18.92 9.58 -13.97
CA ALA H 99 18.26 10.83 -14.36
C ALA H 99 16.75 10.82 -14.14
N ALA H 100 16.15 9.63 -14.07
CA ALA H 100 14.74 9.49 -13.69
C ALA H 100 14.45 9.87 -12.22
N ASP H 101 15.46 9.85 -11.35
CA ASP H 101 15.30 10.27 -9.95
C ASP H 101 15.15 11.79 -9.77
N ILE H 102 15.55 12.55 -10.78
CA ILE H 102 15.60 14.00 -10.67
C ILE H 102 14.87 14.66 -11.83
N TRP H 103 14.51 15.92 -11.64
CA TRP H 103 14.06 16.73 -12.73
C TRP H 103 15.26 17.01 -13.63
N THR H 104 15.04 17.00 -14.94
CA THR H 104 16.03 17.41 -15.92
C THR H 104 15.40 18.40 -16.91
N PRO H 105 16.20 19.34 -17.45
CA PRO H 105 15.66 20.30 -18.38
C PRO H 105 15.32 19.66 -19.73
N ASP H 106 14.27 20.16 -20.36
CA ASP H 106 13.76 19.63 -21.63
C ASP H 106 14.45 20.27 -22.87
N ILE H 107 15.77 20.17 -22.91
CA ILE H 107 16.55 20.85 -23.95
C ILE H 107 16.36 20.09 -25.26
N THR H 108 15.93 20.82 -26.29
CA THR H 108 15.43 20.25 -27.53
C THR H 108 16.07 20.96 -28.70
N ALA H 109 16.45 20.20 -29.72
CA ALA H 109 16.90 20.78 -31.00
C ALA H 109 15.69 21.29 -31.76
N TYR H 110 15.77 22.51 -32.28
CA TYR H 110 14.63 23.16 -32.94
C TYR H 110 14.43 22.84 -34.41
N SER H 111 15.38 22.15 -35.03
CA SER H 111 15.27 21.82 -36.45
C SER H 111 15.65 20.36 -36.70
N SER H 112 15.35 19.50 -35.72
CA SER H 112 15.55 18.07 -35.89
C SER H 112 14.56 17.53 -36.94
N THR H 113 14.97 16.47 -37.64
CA THR H 113 14.08 15.76 -38.57
C THR H 113 13.77 14.32 -38.16
N ARG H 114 14.36 13.85 -37.06
CA ARG H 114 14.14 12.51 -36.52
C ARG H 114 14.25 12.61 -35.01
N PRO H 115 13.67 11.64 -34.28
CA PRO H 115 13.95 11.63 -32.85
C PRO H 115 15.44 11.49 -32.58
N VAL H 116 15.91 12.21 -31.57
CA VAL H 116 17.28 12.09 -31.12
C VAL H 116 17.54 10.66 -30.63
N GLN H 117 18.69 10.09 -30.97
CA GLN H 117 19.07 8.78 -30.48
C GLN H 117 20.04 8.94 -29.31
N VAL H 118 19.78 8.23 -28.23
CA VAL H 118 20.53 8.36 -27.00
C VAL H 118 21.67 7.36 -27.04
N LEU H 119 22.89 7.84 -26.81
CA LEU H 119 24.09 6.99 -26.93
C LEU H 119 24.83 6.74 -25.62
N SER H 120 24.34 7.30 -24.52
CA SER H 120 25.01 7.15 -23.23
C SER H 120 23.97 6.88 -22.12
N PRO H 121 24.41 6.29 -21.00
CA PRO H 121 23.52 6.01 -19.87
C PRO H 121 22.91 7.28 -19.29
N GLN H 122 21.65 7.17 -18.87
CA GLN H 122 20.89 8.31 -18.34
C GLN H 122 21.18 8.43 -16.85
N ILE H 123 22.39 8.89 -16.54
CA ILE H 123 22.87 8.99 -15.17
C ILE H 123 23.50 10.36 -15.03
N ALA H 124 23.14 11.06 -13.96
CA ALA H 124 23.69 12.38 -13.63
C ALA H 124 24.55 12.33 -12.38
N VAL H 125 25.35 13.37 -12.18
CA VAL H 125 26.18 13.55 -10.99
C VAL H 125 25.61 14.71 -10.22
N VAL H 126 25.26 14.48 -8.96
CA VAL H 126 24.72 15.53 -8.07
C VAL H 126 25.77 15.84 -7.02
N THR H 127 26.00 17.12 -6.77
CA THR H 127 27.04 17.61 -5.85
C THR H 127 26.36 18.31 -4.67
N HIS H 128 27.03 18.32 -3.52
CA HIS H 128 26.45 18.78 -2.23
C HIS H 128 25.91 20.20 -2.19
N ASP H 129 26.45 21.07 -3.06
CA ASP H 129 25.89 22.43 -3.23
C ASP H 129 24.57 22.48 -4.00
N GLY H 130 24.05 21.33 -4.42
CA GLY H 130 22.79 21.26 -5.15
C GLY H 130 22.96 21.32 -6.65
N SER H 131 24.21 21.30 -7.13
CA SER H 131 24.46 21.38 -8.56
C SER H 131 24.38 19.98 -9.17
N VAL H 132 23.89 19.94 -10.40
CA VAL H 132 23.77 18.72 -11.17
C VAL H 132 24.56 18.86 -12.47
N MET H 133 25.25 17.79 -12.84
CA MET H 133 25.89 17.67 -14.15
C MET H 133 25.33 16.43 -14.87
N PHE H 134 24.78 16.66 -16.07
CA PHE H 134 24.19 15.59 -16.89
C PHE H 134 24.70 15.77 -18.31
N ILE H 135 25.30 14.71 -18.87
CA ILE H 135 26.01 14.81 -20.15
C ILE H 135 25.55 13.72 -21.13
N PRO H 136 24.35 13.89 -21.70
CA PRO H 136 23.84 12.93 -22.69
C PRO H 136 24.57 12.98 -24.04
N ALA H 137 25.02 11.82 -24.50
CA ALA H 137 25.54 11.66 -25.85
C ALA H 137 24.38 11.36 -26.77
N GLN H 138 24.37 12.01 -27.93
CA GLN H 138 23.22 11.99 -28.82
C GLN H 138 23.66 11.89 -30.29
N ARG H 139 22.83 11.24 -31.10
CA ARG H 139 22.90 11.39 -32.54
C ARG H 139 21.66 12.13 -33.01
N LEU H 140 21.90 13.23 -33.73
CA LEU H 140 20.85 14.13 -34.20
C LEU H 140 20.88 14.25 -35.72
N SER H 141 19.73 14.10 -36.38
CA SER H 141 19.52 14.52 -37.78
C SER H 141 18.81 15.85 -37.77
N PHE H 142 19.37 16.83 -38.45
CA PHE H 142 18.78 18.17 -38.50
C PHE H 142 18.88 18.79 -39.90
N MET H 143 18.13 19.88 -40.09
CA MET H 143 17.97 20.54 -41.37
C MET H 143 19.23 21.32 -41.72
N CYS H 144 19.85 20.96 -42.83
CA CYS H 144 21.11 21.54 -43.24
C CYS H 144 21.36 21.21 -44.71
N ASP H 145 21.63 22.24 -45.51
CA ASP H 145 21.92 22.11 -46.93
C ASP H 145 23.44 21.95 -47.08
N PRO H 146 23.91 20.75 -47.48
CA PRO H 146 25.33 20.49 -47.61
C PRO H 146 25.95 20.84 -48.99
N THR H 147 25.20 21.51 -49.86
CA THR H 147 25.74 21.93 -51.16
C THR H 147 27.00 22.77 -51.00
N GLY H 148 28.11 22.32 -51.58
CA GLY H 148 29.41 23.00 -51.47
C GLY H 148 30.34 22.43 -50.41
N VAL H 149 29.92 21.34 -49.75
CA VAL H 149 30.71 20.73 -48.71
C VAL H 149 32.03 20.17 -49.30
N ASP H 150 31.98 19.77 -50.58
CA ASP H 150 33.18 19.27 -51.30
C ASP H 150 34.11 20.37 -51.84
N SER H 151 33.92 21.60 -51.42
CA SER H 151 34.78 22.70 -51.80
C SER H 151 35.70 23.07 -50.66
N GLU H 152 36.64 23.96 -50.98
CA GLU H 152 37.61 24.46 -50.01
C GLU H 152 36.95 25.31 -48.93
N GLU H 153 35.93 26.06 -49.31
CA GLU H 153 35.23 26.96 -48.40
C GLU H 153 34.27 26.19 -47.46
N GLY H 154 33.83 25.02 -47.90
CA GLY H 154 32.90 24.22 -47.13
C GLY H 154 31.52 24.83 -47.00
N VAL H 155 30.78 24.38 -46.00
CA VAL H 155 29.41 24.87 -45.74
C VAL H 155 29.27 25.18 -44.25
N THR H 156 28.26 25.99 -43.97
CA THR H 156 27.93 26.34 -42.62
C THR H 156 26.53 25.81 -42.35
N CYS H 157 26.37 25.21 -41.18
CA CYS H 157 25.07 24.82 -40.68
C CYS H 157 24.86 25.23 -39.23
N ALA H 158 23.58 25.28 -38.85
CA ALA H 158 23.18 25.80 -37.56
C ALA H 158 21.95 25.07 -37.02
N VAL H 159 21.93 24.85 -35.72
CA VAL H 159 20.78 24.30 -35.04
C VAL H 159 20.69 24.92 -33.64
N LYS H 160 19.48 25.34 -33.27
CA LYS H 160 19.21 25.94 -31.97
C LYS H 160 18.76 24.87 -30.97
N PHE H 161 19.32 24.94 -29.77
CA PHE H 161 18.95 24.06 -28.67
C PHE H 161 18.35 24.91 -27.54
N GLY H 162 17.17 24.53 -27.08
CA GLY H 162 16.53 25.25 -25.99
C GLY H 162 15.39 24.47 -25.41
N SER H 163 14.85 24.98 -24.30
CA SER H 163 13.66 24.39 -23.73
C SER H 163 12.55 24.50 -24.76
N TRP H 164 11.78 23.43 -24.89
CA TRP H 164 10.60 23.45 -25.76
C TRP H 164 9.42 24.19 -25.11
N VAL H 165 9.29 24.08 -23.79
CA VAL H 165 8.07 24.53 -23.11
C VAL H 165 8.24 25.65 -22.09
N TYR H 166 9.48 25.95 -21.67
CA TYR H 166 9.73 26.98 -20.65
C TYR H 166 10.29 28.22 -21.32
N SER H 167 9.66 29.36 -21.06
CA SER H 167 10.15 30.64 -21.56
C SER H 167 11.38 31.09 -20.76
N GLY H 168 11.94 32.21 -21.19
CA GLY H 168 13.05 32.86 -20.48
C GLY H 168 12.73 33.29 -19.05
N PHE H 169 11.45 33.42 -18.70
CA PHE H 169 11.07 33.69 -17.31
C PHE H 169 11.24 32.50 -16.36
N GLU H 170 11.33 31.28 -16.90
CA GLU H 170 11.54 30.08 -16.07
C GLU H 170 12.89 29.43 -16.28
N ILE H 171 13.33 29.36 -17.55
CA ILE H 171 14.65 28.81 -17.86
C ILE H 171 15.45 29.80 -18.69
N ASP H 172 16.59 30.22 -18.14
CA ASP H 172 17.59 30.95 -18.89
C ASP H 172 18.72 29.96 -19.20
N LEU H 173 19.47 30.27 -20.26
CA LEU H 173 20.60 29.46 -20.66
C LEU H 173 21.84 30.32 -20.70
N LYS H 174 22.99 29.69 -20.48
CA LYS H 174 24.26 30.31 -20.76
C LYS H 174 25.25 29.26 -21.24
N THR H 175 26.35 29.74 -21.80
CA THR H 175 27.52 28.90 -22.09
C THR H 175 28.68 29.43 -21.25
N ASP H 176 29.64 28.56 -20.95
CA ASP H 176 30.88 28.98 -20.30
C ASP H 176 31.88 29.50 -21.32
N THR H 177 31.79 28.99 -22.55
CA THR H 177 32.60 29.47 -23.66
C THR H 177 31.75 29.40 -24.92
N ASP H 178 32.03 30.27 -25.88
CA ASP H 178 31.36 30.20 -27.18
C ASP H 178 32.05 29.22 -28.16
N GLN H 179 33.17 28.63 -27.75
CA GLN H 179 33.88 27.67 -28.59
C GLN H 179 33.43 26.25 -28.25
N VAL H 180 32.91 25.55 -29.25
CA VAL H 180 32.52 24.15 -29.13
C VAL H 180 33.79 23.34 -28.88
N ASP H 181 33.70 22.33 -28.04
CA ASP H 181 34.85 21.46 -27.76
C ASP H 181 35.02 20.49 -28.93
N LEU H 182 36.15 20.61 -29.62
CA LEU H 182 36.52 19.78 -30.75
C LEU H 182 37.65 18.83 -30.48
N SER H 183 38.07 18.70 -29.21
CA SER H 183 39.25 17.91 -28.87
C SER H 183 39.03 16.40 -28.94
N SER H 184 37.76 15.97 -29.00
CA SER H 184 37.43 14.56 -29.25
C SER H 184 36.84 14.32 -30.64
N TYR H 185 36.98 15.28 -31.56
CA TYR H 185 36.40 15.11 -32.90
C TYR H 185 37.14 13.98 -33.62
N TYR H 186 36.37 13.07 -34.21
CA TYR H 186 36.92 11.92 -34.90
C TYR H 186 37.88 12.31 -36.05
N ALA H 187 39.15 11.93 -35.91
CA ALA H 187 40.20 12.37 -36.83
C ALA H 187 40.04 11.81 -38.24
N SER H 188 39.38 10.65 -38.39
CA SER H 188 39.15 10.06 -39.70
C SER H 188 37.72 10.21 -40.22
N SER H 189 36.99 11.18 -39.69
CA SER H 189 35.67 11.53 -40.21
C SER H 189 35.74 11.84 -41.70
N LYS H 190 34.67 11.62 -42.43
CA LYS H 190 34.55 12.14 -43.79
C LYS H 190 34.59 13.65 -43.88
N TYR H 191 34.25 14.35 -42.79
CA TYR H 191 34.21 15.80 -42.77
C TYR H 191 35.17 16.35 -41.76
N GLU H 192 35.83 17.45 -42.10
CA GLU H 192 36.65 18.17 -41.17
C GLU H 192 35.94 19.42 -40.74
N ILE H 193 36.15 19.81 -39.48
CA ILE H 193 35.53 20.99 -38.91
C ILE H 193 36.44 22.18 -39.07
N LEU H 194 35.93 23.23 -39.67
CA LEU H 194 36.67 24.46 -39.81
C LEU H 194 36.43 25.36 -38.60
N SER H 195 35.19 25.45 -38.14
CA SER H 195 34.89 26.13 -36.88
C SER H 195 33.57 25.66 -36.33
N ALA H 196 33.39 25.86 -35.02
CA ALA H 196 32.21 25.44 -34.30
C ALA H 196 31.99 26.33 -33.09
N THR H 197 30.88 27.04 -33.08
CA THR H 197 30.54 27.95 -32.00
C THR H 197 29.17 27.64 -31.41
N GLN H 198 28.99 28.08 -30.17
CA GLN H 198 27.78 27.87 -29.39
C GLN H 198 27.42 29.19 -28.71
N THR H 199 26.29 29.78 -29.08
CA THR H 199 26.01 31.16 -28.66
C THR H 199 24.56 31.34 -28.19
N ARG H 200 24.39 31.91 -27.01
CA ARG H 200 23.08 32.24 -26.47
C ARG H 200 22.33 33.20 -27.38
N GLN H 201 21.04 32.93 -27.60
CA GLN H 201 20.14 33.81 -28.35
C GLN H 201 18.77 33.88 -27.69
N VAL H 202 18.03 34.93 -28.00
CA VAL H 202 16.63 35.09 -27.63
C VAL H 202 15.75 34.97 -28.88
N GLN H 203 14.63 34.28 -28.77
CA GLN H 203 13.69 34.07 -29.88
C GLN H 203 12.26 34.22 -29.39
N HIS H 204 11.36 34.49 -30.33
CA HIS H 204 9.93 34.59 -30.09
C HIS H 204 9.21 33.64 -31.02
N TYR H 205 8.07 33.12 -30.58
CA TYR H 205 7.29 32.12 -31.32
C TYR H 205 5.84 32.55 -31.39
N SER H 206 5.14 32.12 -32.43
CA SER H 206 3.73 32.51 -32.67
C SER H 206 2.79 32.17 -31.52
N CYS H 207 3.03 31.06 -30.84
CA CYS H 207 2.14 30.57 -29.77
C CYS H 207 2.04 31.49 -28.54
N CYS H 208 3.05 32.32 -28.32
CA CYS H 208 3.45 32.76 -26.99
C CYS H 208 4.04 34.19 -27.08
N PRO H 209 3.67 35.10 -26.16
CA PRO H 209 4.31 36.44 -26.19
C PRO H 209 5.71 36.52 -25.55
N GLU H 210 6.10 35.52 -24.77
CA GLU H 210 7.32 35.61 -23.94
C GLU H 210 8.57 35.21 -24.73
N PRO H 211 9.73 35.79 -24.41
CA PRO H 211 11.00 35.36 -25.06
C PRO H 211 11.38 33.95 -24.60
N TYR H 212 11.91 33.16 -25.53
CA TYR H 212 12.47 31.84 -25.25
C TYR H 212 13.95 31.94 -25.55
N ILE H 213 14.75 31.21 -24.79
CA ILE H 213 16.20 31.29 -24.91
C ILE H 213 16.70 30.01 -25.58
N ASP H 214 17.70 30.15 -26.44
CA ASP H 214 18.36 29.00 -27.02
C ASP H 214 19.86 29.23 -27.09
N VAL H 215 20.58 28.14 -27.31
CA VAL H 215 21.99 28.16 -27.67
C VAL H 215 22.07 27.68 -29.12
N ASN H 216 22.64 28.54 -29.97
CA ASN H 216 22.75 28.29 -31.38
C ASN H 216 24.12 27.66 -31.68
N LEU H 217 24.09 26.42 -32.16
CA LEU H 217 25.28 25.65 -32.51
C LEU H 217 25.52 25.88 -33.98
N VAL H 218 26.64 26.52 -34.31
CA VAL H 218 26.98 26.87 -35.69
C VAL H 218 28.26 26.15 -36.07
N VAL H 219 28.19 25.30 -37.08
CA VAL H 219 29.32 24.48 -37.48
C VAL H 219 29.65 24.72 -38.95
N LYS H 220 30.91 25.01 -39.22
CA LYS H 220 31.43 25.13 -40.56
C LYS H 220 32.34 23.93 -40.82
N PHE H 221 32.07 23.23 -41.92
CA PHE H 221 32.77 22.00 -42.24
C PHE H 221 32.91 21.76 -43.73
N ARG H 222 33.79 20.84 -44.09
CA ARG H 222 33.95 20.42 -45.48
C ARG H 222 34.47 19.02 -45.54
N GLU H 223 34.39 18.41 -46.73
CA GLU H 223 34.92 17.06 -46.91
C GLU H 223 36.42 17.06 -46.67
N ARG H 224 36.97 16.00 -46.09
CA ARG H 224 38.45 15.94 -45.83
C ARG H 224 39.36 15.98 -47.08
N GLN I 20 8.42 26.60 -5.29
CA GLN I 20 8.24 25.13 -5.46
C GLN I 20 7.03 24.66 -4.64
N ALA I 21 6.97 25.13 -3.38
CA ALA I 21 5.98 24.67 -2.39
C ALA I 21 4.53 24.82 -2.86
N ASN I 22 4.19 26.00 -3.35
CA ASN I 22 2.83 26.25 -3.81
C ASN I 22 2.48 25.41 -5.04
N LEU I 23 3.42 25.28 -5.98
CA LEU I 23 3.18 24.49 -7.18
C LEU I 23 3.00 23.00 -6.82
N MET I 24 3.84 22.48 -5.93
CA MET I 24 3.73 21.10 -5.48
C MET I 24 2.36 20.84 -4.87
N ARG I 25 1.89 21.81 -4.10
CA ARG I 25 0.58 21.73 -3.48
C ARG I 25 -0.53 21.76 -4.53
N LEU I 26 -0.41 22.67 -5.50
CA LEU I 26 -1.38 22.76 -6.60
C LEU I 26 -1.45 21.45 -7.40
N LYS I 27 -0.29 20.90 -7.73
CA LYS I 27 -0.28 19.67 -8.54
C LYS I 27 -0.88 18.50 -7.78
N SER I 28 -0.54 18.38 -6.50
CA SER I 28 -1.12 17.37 -5.63
C SER I 28 -2.66 17.49 -5.56
N ASP I 29 -3.16 18.71 -5.39
CA ASP I 29 -4.60 18.93 -5.37
C ASP I 29 -5.30 18.63 -6.70
N LEU I 30 -4.69 19.01 -7.82
CA LEU I 30 -5.29 18.73 -9.14
C LEU I 30 -5.25 17.25 -9.53
N PHE I 31 -4.18 16.55 -9.20
CA PHE I 31 -3.92 15.22 -9.77
C PHE I 31 -4.01 14.03 -8.83
N ASN I 32 -3.77 14.22 -7.52
CA ASN I 32 -3.72 13.09 -6.57
C ASN I 32 -5.00 12.85 -5.77
N ARG I 33 -6.03 13.68 -5.94
CA ARG I 33 -7.29 13.55 -5.16
C ARG I 33 -8.42 12.83 -5.90
N SER I 34 -8.70 13.24 -7.12
CA SER I 34 -9.76 12.64 -7.94
C SER I 34 -9.18 11.55 -8.84
N PRO I 35 -10.05 10.68 -9.41
CA PRO I 35 -9.55 9.87 -10.54
C PRO I 35 -9.26 10.77 -11.74
N MET I 36 -8.47 10.27 -12.68
CA MET I 36 -8.13 11.06 -13.86
C MET I 36 -9.41 11.34 -14.67
N TYR I 37 -9.41 12.48 -15.33
CA TYR I 37 -10.48 12.86 -16.23
C TYR I 37 -10.64 11.71 -17.23
N PRO I 38 -11.85 11.15 -17.37
CA PRO I 38 -12.10 10.00 -18.24
C PRO I 38 -12.34 10.34 -19.72
N GLY I 39 -12.13 11.58 -20.11
CA GLY I 39 -12.31 12.01 -21.48
C GLY I 39 -13.71 12.56 -21.67
N PRO I 40 -13.96 13.19 -22.82
CA PRO I 40 -15.26 13.79 -23.06
C PRO I 40 -16.35 12.78 -23.34
N THR I 41 -17.58 13.25 -23.17
CA THR I 41 -18.80 12.46 -23.37
C THR I 41 -19.81 13.31 -24.12
N LYS I 42 -20.88 12.66 -24.56
CA LYS I 42 -22.00 13.34 -25.21
C LYS I 42 -22.60 14.43 -24.30
N ASP I 43 -22.61 14.18 -22.99
CA ASP I 43 -23.07 15.15 -21.95
C ASP I 43 -22.09 16.25 -21.60
N ASP I 44 -20.80 15.97 -21.75
CA ASP I 44 -19.71 16.93 -21.47
C ASP I 44 -18.73 16.98 -22.66
N PRO I 45 -19.19 17.52 -23.81
CA PRO I 45 -18.33 17.53 -24.98
C PRO I 45 -17.22 18.55 -24.87
N LEU I 46 -16.25 18.44 -25.76
CA LEU I 46 -15.03 19.22 -25.70
C LEU I 46 -14.70 19.74 -27.10
N THR I 47 -14.26 20.98 -27.20
CA THR I 47 -13.77 21.52 -28.45
C THR I 47 -12.25 21.68 -28.38
N VAL I 48 -11.55 21.06 -29.34
CA VAL I 48 -10.10 21.18 -29.45
C VAL I 48 -9.77 22.12 -30.61
N THR I 49 -8.97 23.13 -30.32
CA THR I 49 -8.48 24.03 -31.35
C THR I 49 -7.13 23.51 -31.85
N LEU I 50 -7.00 23.35 -33.17
CA LEU I 50 -5.77 22.89 -33.82
C LEU I 50 -5.20 23.96 -34.72
N GLY I 51 -3.88 24.01 -34.78
CA GLY I 51 -3.15 24.86 -35.72
C GLY I 51 -1.81 24.24 -36.05
N PHE I 52 -1.41 24.31 -37.32
CA PHE I 52 -0.16 23.70 -37.78
C PHE I 52 0.88 24.75 -38.10
N THR I 53 2.11 24.44 -37.73
CA THR I 53 3.27 25.22 -38.12
C THR I 53 4.17 24.27 -38.91
N LEU I 54 4.24 24.50 -40.22
CA LEU I 54 4.98 23.62 -41.11
C LEU I 54 6.45 24.05 -41.17
N GLN I 55 7.35 23.12 -40.82
CA GLN I 55 8.77 23.39 -40.78
C GLN I 55 9.51 22.90 -42.02
N ASP I 56 9.14 21.74 -42.56
CA ASP I 56 9.89 21.19 -43.69
C ASP I 56 9.13 20.08 -44.36
N ILE I 57 9.16 20.08 -45.69
CA ILE I 57 8.85 18.89 -46.47
C ILE I 57 10.23 18.27 -46.69
N VAL I 58 10.48 17.20 -45.97
CA VAL I 58 11.82 16.64 -45.84
C VAL I 58 12.13 15.75 -47.02
N LYS I 59 11.17 14.89 -47.37
CA LYS I 59 11.34 14.08 -48.57
C LYS I 59 10.07 13.58 -49.20
N VAL I 60 10.22 13.24 -50.48
CA VAL I 60 9.15 12.65 -51.28
C VAL I 60 9.69 11.34 -51.81
N ASP I 61 8.83 10.34 -51.86
CA ASP I 61 9.20 9.04 -52.40
C ASP I 61 8.24 8.76 -53.54
N SER I 62 8.71 9.02 -54.76
CA SER I 62 7.90 8.84 -55.95
C SER I 62 7.68 7.38 -56.30
N SER I 63 8.43 6.45 -55.72
CA SER I 63 8.17 5.03 -55.98
C SER I 63 7.03 4.45 -55.11
N THR I 64 6.72 5.09 -53.98
CA THR I 64 5.66 4.61 -53.06
C THR I 64 4.51 5.61 -52.82
N ASN I 65 4.63 6.80 -53.40
CA ASN I 65 3.71 7.91 -53.15
C ASN I 65 3.52 8.18 -51.65
N GLU I 66 4.65 8.38 -50.98
CA GLU I 66 4.72 8.80 -49.59
C GLU I 66 5.52 10.10 -49.53
N VAL I 67 5.04 11.04 -48.72
CA VAL I 67 5.77 12.29 -48.45
C VAL I 67 5.93 12.45 -46.95
N ASP I 68 7.06 13.02 -46.55
CA ASP I 68 7.42 13.24 -45.15
C ASP I 68 7.44 14.73 -44.79
N LEU I 69 6.62 15.09 -43.79
CA LEU I 69 6.56 16.45 -43.27
C LEU I 69 7.08 16.50 -41.85
N VAL I 70 7.72 17.61 -41.52
CA VAL I 70 8.05 17.96 -40.13
C VAL I 70 7.26 19.21 -39.81
N TYR I 71 6.51 19.16 -38.72
CA TYR I 71 5.66 20.28 -38.30
C TYR I 71 5.47 20.20 -36.80
N TYR I 72 4.93 21.28 -36.25
CA TYR I 72 4.34 21.18 -34.93
C TYR I 72 2.88 21.62 -34.93
N GLU I 73 2.15 20.92 -34.08
CA GLU I 73 0.71 20.96 -34.03
C GLU I 73 0.29 21.53 -32.67
N GLN I 74 -0.21 22.77 -32.68
CA GLN I 74 -0.71 23.41 -31.49
C GLN I 74 -2.11 22.88 -31.20
N GLN I 75 -2.28 22.31 -30.00
CA GLN I 75 -3.56 21.80 -29.55
C GLN I 75 -3.97 22.59 -28.31
N ARG I 76 -5.25 23.00 -28.26
CA ARG I 76 -5.80 23.72 -27.12
C ARG I 76 -7.18 23.21 -26.78
N TRP I 77 -7.40 22.98 -25.49
CA TRP I 77 -8.72 22.64 -24.96
C TRP I 77 -8.82 23.13 -23.51
N LYS I 78 -10.01 22.99 -22.92
CA LYS I 78 -10.31 23.55 -21.61
C LYS I 78 -11.13 22.56 -20.81
N LEU I 79 -10.72 22.27 -19.57
CA LEU I 79 -11.45 21.39 -18.66
C LEU I 79 -11.73 22.12 -17.34
N ASN I 80 -12.96 21.99 -16.83
CA ASN I 80 -13.30 22.54 -15.51
C ASN I 80 -12.49 21.87 -14.40
N SER I 81 -12.21 20.58 -14.54
CA SER I 81 -11.38 19.87 -13.55
C SER I 81 -9.92 20.31 -13.42
N LEU I 82 -9.45 21.20 -14.29
CA LEU I 82 -8.10 21.76 -14.19
C LEU I 82 -8.09 23.23 -13.75
N MET I 83 -9.23 23.72 -13.29
CA MET I 83 -9.34 25.10 -12.80
C MET I 83 -8.80 25.21 -11.37
N TRP I 84 -8.20 26.35 -11.07
CA TRP I 84 -7.89 26.72 -9.69
C TRP I 84 -7.92 28.21 -9.53
N ASP I 85 -8.00 28.63 -8.27
CA ASP I 85 -7.95 30.03 -7.87
C ASP I 85 -6.48 30.37 -7.56
N PRO I 86 -5.85 31.26 -8.37
CA PRO I 86 -4.44 31.60 -8.08
C PRO I 86 -4.15 32.14 -6.67
N ASN I 87 -5.13 32.81 -6.04
CA ASN I 87 -4.98 33.35 -4.68
C ASN I 87 -4.64 32.27 -3.67
N GLU I 88 -5.25 31.10 -3.82
CA GLU I 88 -4.99 29.95 -2.94
C GLU I 88 -3.68 29.20 -3.19
N TYR I 89 -2.93 29.59 -4.22
CA TYR I 89 -1.71 28.88 -4.62
C TYR I 89 -0.59 29.83 -5.01
N GLY I 90 -0.39 30.83 -4.17
CA GLY I 90 0.71 31.79 -4.32
C GLY I 90 0.75 32.55 -5.61
N ASN I 91 -0.42 32.90 -6.14
CA ASN I 91 -0.57 33.62 -7.42
C ASN I 91 -0.04 32.85 -8.66
N ILE I 92 0.05 31.53 -8.58
CA ILE I 92 0.41 30.72 -9.75
C ILE I 92 -0.78 30.80 -10.75
N THR I 93 -0.48 31.30 -11.94
CA THR I 93 -1.47 31.37 -13.03
C THR I 93 -1.34 30.25 -14.08
N ASP I 94 -0.18 29.61 -14.16
CA ASP I 94 0.02 28.45 -15.03
C ASP I 94 1.19 27.58 -14.59
N PHE I 95 1.28 26.39 -15.18
CA PHE I 95 2.41 25.50 -14.91
C PHE I 95 2.62 24.49 -16.04
N ARG I 96 3.83 23.96 -16.10
CA ARG I 96 4.21 22.93 -17.05
C ARG I 96 4.08 21.60 -16.36
N THR I 97 3.57 20.63 -17.09
CA THR I 97 3.49 19.29 -16.55
C THR I 97 3.55 18.26 -17.66
N SER I 98 4.06 17.08 -17.31
CA SER I 98 4.10 15.95 -18.21
C SER I 98 2.70 15.67 -18.77
N ALA I 99 2.63 15.42 -20.07
CA ALA I 99 1.38 15.09 -20.74
C ALA I 99 0.75 13.80 -20.23
N ALA I 100 1.55 12.93 -19.63
CA ALA I 100 1.02 11.73 -18.94
C ALA I 100 0.19 12.03 -17.69
N ASP I 101 0.38 13.21 -17.09
CA ASP I 101 -0.44 13.63 -15.92
C ASP I 101 -1.87 14.02 -16.27
N ILE I 102 -2.13 14.31 -17.55
CA ILE I 102 -3.44 14.81 -17.97
C ILE I 102 -3.99 14.00 -19.13
N TRP I 103 -5.29 14.12 -19.34
CA TRP I 103 -5.88 13.60 -20.55
C TRP I 103 -5.42 14.48 -21.71
N THR I 104 -5.14 13.86 -22.85
CA THR I 104 -4.88 14.58 -24.09
C THR I 104 -5.71 13.98 -25.22
N PRO I 105 -6.09 14.81 -26.21
CA PRO I 105 -6.90 14.31 -27.31
C PRO I 105 -6.11 13.40 -28.24
N ASP I 106 -6.78 12.39 -28.79
CA ASP I 106 -6.17 11.37 -29.64
C ASP I 106 -6.13 11.80 -31.13
N ILE I 107 -5.53 12.95 -31.41
CA ILE I 107 -5.54 13.53 -32.75
C ILE I 107 -4.60 12.71 -33.63
N THR I 108 -5.14 12.22 -34.74
CA THR I 108 -4.50 11.21 -35.56
C THR I 108 -4.56 11.64 -37.02
N ALA I 109 -3.47 11.45 -37.75
CA ALA I 109 -3.46 11.63 -39.20
C ALA I 109 -4.17 10.44 -39.84
N TYR I 110 -5.08 10.70 -40.78
CA TYR I 110 -5.92 9.65 -41.38
C TYR I 110 -5.31 8.92 -42.56
N SER I 111 -4.18 9.39 -43.08
CA SER I 111 -3.55 8.73 -44.23
C SER I 111 -2.05 8.56 -44.01
N SER I 112 -1.66 8.34 -42.75
CA SER I 112 -0.28 8.04 -42.42
C SER I 112 0.12 6.67 -42.98
N THR I 113 1.39 6.50 -43.30
CA THR I 113 1.93 5.20 -43.72
C THR I 113 2.96 4.60 -42.75
N ARG I 114 3.30 5.35 -41.69
CA ARG I 114 4.24 4.92 -40.64
C ARG I 114 3.76 5.54 -39.34
N PRO I 115 4.16 4.98 -38.20
CA PRO I 115 3.89 5.70 -36.96
C PRO I 115 4.54 7.08 -36.97
N VAL I 116 3.82 8.07 -36.45
CA VAL I 116 4.33 9.41 -36.30
C VAL I 116 5.54 9.38 -35.36
N GLN I 117 6.58 10.13 -35.69
CA GLN I 117 7.74 10.25 -34.82
C GLN I 117 7.67 11.53 -34.03
N VAL I 118 7.90 11.42 -32.72
CA VAL I 118 7.76 12.54 -31.80
C VAL I 118 9.10 13.25 -31.72
N LEU I 119 9.10 14.55 -31.92
CA LEU I 119 10.35 15.34 -31.98
C LEU I 119 10.51 16.35 -30.85
N SER I 120 9.55 16.43 -29.94
CA SER I 120 9.58 17.37 -28.83
C SER I 120 9.14 16.68 -27.53
N PRO I 121 9.53 17.24 -26.37
CA PRO I 121 9.13 16.67 -25.09
C PRO I 121 7.61 16.68 -24.88
N GLN I 122 7.11 15.64 -24.23
CA GLN I 122 5.68 15.47 -24.00
C GLN I 122 5.28 16.22 -22.73
N ILE I 123 5.27 17.54 -22.84
CA ILE I 123 5.01 18.43 -21.73
C ILE I 123 4.00 19.46 -22.20
N ALA I 124 2.96 19.68 -21.41
CA ALA I 124 1.93 20.69 -21.70
C ALA I 124 1.98 21.84 -20.69
N VAL I 125 1.30 22.93 -21.04
CA VAL I 125 1.16 24.09 -20.17
C VAL I 125 -0.31 24.16 -19.78
N VAL I 126 -0.57 24.16 -18.47
CA VAL I 126 -1.93 24.26 -17.93
C VAL I 126 -2.08 25.64 -17.29
N THR I 127 -3.21 26.29 -17.57
CA THR I 127 -3.49 27.64 -17.08
C THR I 127 -4.69 27.60 -16.13
N HIS I 128 -4.74 28.57 -15.21
CA HIS I 128 -5.70 28.58 -14.08
C HIS I 128 -7.19 28.50 -14.45
N ASP I 129 -7.52 28.98 -15.65
CA ASP I 129 -8.89 28.83 -16.18
C ASP I 129 -9.23 27.41 -16.66
N GLY I 130 -8.28 26.47 -16.53
CA GLY I 130 -8.50 25.09 -16.94
C GLY I 130 -8.11 24.81 -18.38
N SER I 131 -7.49 25.78 -19.03
CA SER I 131 -7.08 25.62 -20.42
C SER I 131 -5.71 24.94 -20.48
N VAL I 132 -5.55 24.12 -21.50
CA VAL I 132 -4.31 23.40 -21.74
C VAL I 132 -3.78 23.77 -23.12
N MET I 133 -2.47 23.96 -23.21
CA MET I 133 -1.77 24.10 -24.48
C MET I 133 -0.71 23.01 -24.60
N PHE I 134 -0.79 22.23 -25.67
CA PHE I 134 0.14 21.12 -25.93
C PHE I 134 0.55 21.20 -27.40
N ILE I 135 1.87 21.25 -27.64
CA ILE I 135 2.40 21.53 -28.97
C ILE I 135 3.45 20.50 -29.39
N PRO I 136 2.99 19.28 -29.74
CA PRO I 136 3.90 18.23 -30.21
C PRO I 136 4.50 18.50 -31.59
N ALA I 137 5.82 18.41 -31.68
CA ALA I 137 6.52 18.41 -32.96
C ALA I 137 6.57 16.98 -33.46
N GLN I 138 6.30 16.80 -34.74
CA GLN I 138 6.11 15.48 -35.33
C GLN I 138 6.75 15.38 -36.71
N ARG I 139 7.21 14.19 -37.04
CA ARG I 139 7.50 13.83 -38.43
C ARG I 139 6.51 12.79 -38.87
N LEU I 140 5.83 13.08 -39.98
CA LEU I 140 4.76 12.25 -40.52
C LEU I 140 5.07 11.82 -41.95
N SER I 141 4.96 10.52 -42.24
CA SER I 141 4.89 10.00 -43.61
C SER I 141 3.44 9.74 -43.94
N PHE I 142 2.98 10.32 -45.05
CA PHE I 142 1.58 10.16 -45.46
C PHE I 142 1.45 9.98 -46.98
N MET I 143 0.27 9.57 -47.40
CA MET I 143 -0.03 9.21 -48.77
C MET I 143 -0.14 10.47 -49.63
N CYS I 144 0.72 10.57 -50.64
CA CYS I 144 0.82 11.75 -51.48
C CYS I 144 1.62 11.41 -52.74
N ASP I 145 1.05 11.72 -53.90
CA ASP I 145 1.68 11.49 -55.18
C ASP I 145 2.45 12.77 -55.55
N PRO I 146 3.80 12.70 -55.56
CA PRO I 146 4.61 13.88 -55.87
C PRO I 146 4.93 14.09 -57.36
N THR I 147 4.32 13.31 -58.25
CA THR I 147 4.56 13.48 -59.69
C THR I 147 4.19 14.89 -60.14
N GLY I 148 5.17 15.61 -60.72
CA GLY I 148 4.99 17.00 -61.14
C GLY I 148 5.50 18.04 -60.17
N VAL I 149 6.11 17.58 -59.08
CA VAL I 149 6.66 18.49 -58.07
C VAL I 149 7.79 19.34 -58.68
N ASP I 150 8.50 18.79 -59.66
CA ASP I 150 9.58 19.51 -60.37
C ASP I 150 9.10 20.47 -61.47
N SER I 151 7.80 20.76 -61.51
CA SER I 151 7.25 21.73 -62.44
C SER I 151 6.92 23.02 -61.73
N GLU I 152 6.57 24.00 -62.53
CA GLU I 152 6.20 25.34 -62.05
C GLU I 152 4.90 25.31 -61.24
N GLU I 153 3.97 24.45 -61.66
CA GLU I 153 2.66 24.34 -61.02
C GLU I 153 2.72 23.57 -59.70
N GLY I 154 3.74 22.71 -59.56
CA GLY I 154 3.90 21.88 -58.37
C GLY I 154 2.81 20.84 -58.22
N VAL I 155 2.66 20.35 -56.98
CA VAL I 155 1.65 19.34 -56.65
C VAL I 155 0.91 19.75 -55.38
N THR I 156 -0.25 19.17 -55.20
CA THR I 156 -1.07 19.42 -54.04
C THR I 156 -1.23 18.11 -53.32
N CYS I 157 -1.07 18.17 -52.00
CA CYS I 157 -1.38 17.04 -51.14
C CYS I 157 -2.21 17.45 -49.94
N ALA I 158 -2.84 16.44 -49.33
CA ALA I 158 -3.78 16.65 -48.25
C ALA I 158 -3.74 15.50 -47.25
N VAL I 159 -3.90 15.85 -45.98
CA VAL I 159 -4.02 14.86 -44.93
C VAL I 159 -4.98 15.41 -43.86
N LYS I 160 -5.91 14.54 -43.43
CA LYS I 160 -6.89 14.88 -42.41
C LYS I 160 -6.38 14.51 -41.02
N PHE I 161 -6.54 15.41 -40.07
CA PHE I 161 -6.20 15.17 -38.67
C PHE I 161 -7.48 15.23 -37.83
N GLY I 162 -7.72 14.20 -37.04
CA GLY I 162 -8.90 14.18 -36.18
C GLY I 162 -8.81 13.10 -35.15
N SER I 163 -9.75 13.11 -34.22
CA SER I 163 -9.86 12.04 -33.26
C SER I 163 -10.10 10.76 -34.02
N TRP I 164 -9.42 9.70 -33.60
CA TRP I 164 -9.66 8.36 -34.15
C TRP I 164 -10.95 7.74 -33.60
N VAL I 165 -11.25 7.99 -32.32
CA VAL I 165 -12.30 7.24 -31.63
C VAL I 165 -13.50 8.06 -31.14
N TYR I 166 -13.40 9.38 -31.11
CA TYR I 166 -14.48 10.23 -30.62
C TYR I 166 -15.19 10.91 -31.78
N SER I 167 -16.51 10.76 -31.83
CA SER I 167 -17.33 11.42 -32.84
C SER I 167 -17.45 12.90 -32.53
N GLY I 168 -18.11 13.62 -33.44
CA GLY I 168 -18.45 15.03 -33.24
C GLY I 168 -19.32 15.33 -32.04
N PHE I 169 -20.03 14.34 -31.50
CA PHE I 169 -20.78 14.50 -30.26
C PHE I 169 -19.92 14.59 -29.00
N GLU I 170 -18.67 14.14 -29.06
CA GLU I 170 -17.75 14.23 -27.92
C GLU I 170 -16.61 15.19 -28.14
N ILE I 171 -16.03 15.18 -29.35
CA ILE I 171 -14.95 16.10 -29.70
C ILE I 171 -15.30 16.85 -30.98
N ASP I 172 -15.38 18.16 -30.86
CA ASP I 172 -15.43 19.06 -32.00
C ASP I 172 -14.05 19.68 -32.16
N LEU I 173 -13.75 20.11 -33.38
CA LEU I 173 -12.49 20.77 -33.68
C LEU I 173 -12.77 22.12 -34.28
N LYS I 174 -11.83 23.03 -34.07
CA LYS I 174 -11.83 24.28 -34.81
C LYS I 174 -10.39 24.71 -35.07
N THR I 175 -10.24 25.66 -35.98
CA THR I 175 -8.99 26.38 -36.18
C THR I 175 -9.23 27.85 -35.84
N ASP I 176 -8.18 28.56 -35.45
CA ASP I 176 -8.26 30.01 -35.26
C ASP I 176 -8.07 30.74 -36.58
N THR I 177 -7.33 30.13 -37.50
CA THR I 177 -7.16 30.65 -38.85
C THR I 177 -7.08 29.46 -39.79
N ASP I 178 -7.48 29.65 -41.04
CA ASP I 178 -7.33 28.62 -42.07
C ASP I 178 -5.95 28.65 -42.76
N GLN I 179 -5.10 29.62 -42.40
CA GLN I 179 -3.76 29.72 -42.94
C GLN I 179 -2.78 28.99 -42.03
N VAL I 180 -2.09 28.00 -42.59
CA VAL I 180 -1.02 27.29 -41.89
C VAL I 180 0.11 28.29 -41.64
N ASP I 181 0.75 28.20 -40.48
CA ASP I 181 1.86 29.10 -40.15
C ASP I 181 3.12 28.61 -40.89
N LEU I 182 3.62 29.45 -41.78
CA LEU I 182 4.81 29.17 -42.58
C LEU I 182 6.03 30.00 -42.19
N SER I 183 5.93 30.74 -41.08
CA SER I 183 6.97 31.70 -40.72
C SER I 183 8.26 31.05 -40.18
N SER I 184 8.20 29.76 -39.83
CA SER I 184 9.38 28.97 -39.47
C SER I 184 9.73 27.91 -40.53
N TYR I 185 9.19 28.03 -41.74
CA TYR I 185 9.48 27.01 -42.78
C TYR I 185 10.95 27.12 -43.16
N TYR I 186 11.62 25.97 -43.21
CA TYR I 186 13.04 25.89 -43.52
C TYR I 186 13.38 26.52 -44.89
N ALA I 187 14.18 27.59 -44.86
CA ALA I 187 14.47 28.38 -46.05
C ALA I 187 15.28 27.62 -47.10
N SER I 188 16.07 26.63 -46.70
CA SER I 188 16.84 25.82 -47.66
C SER I 188 16.26 24.43 -47.91
N SER I 189 14.97 24.25 -47.65
CA SER I 189 14.29 23.00 -48.00
C SER I 189 14.42 22.74 -49.49
N LYS I 190 14.40 21.47 -49.87
CA LYS I 190 14.28 21.13 -51.29
C LYS I 190 12.97 21.60 -51.92
N TYR I 191 11.95 21.80 -51.10
CA TYR I 191 10.62 22.18 -51.60
C TYR I 191 10.21 23.53 -51.07
N GLU I 192 9.57 24.32 -51.91
CA GLU I 192 8.99 25.56 -51.49
C GLU I 192 7.48 25.40 -51.45
N ILE I 193 6.85 26.10 -50.52
CA ILE I 193 5.42 26.03 -50.29
C ILE I 193 4.74 27.12 -51.08
N LEU I 194 3.77 26.74 -51.90
CA LEU I 194 2.97 27.68 -52.65
C LEU I 194 1.75 28.09 -51.86
N SER I 195 1.12 27.15 -51.19
CA SER I 195 0.04 27.46 -50.25
C SER I 195 -0.12 26.33 -49.24
N ALA I 196 -0.68 26.68 -48.09
CA ALA I 196 -0.92 25.72 -47.02
C ALA I 196 -2.08 26.17 -46.18
N THR I 197 -3.15 25.37 -46.18
CA THR I 197 -4.37 25.69 -45.48
C THR I 197 -4.76 24.55 -44.53
N GLN I 198 -5.55 24.92 -43.53
CA GLN I 198 -6.02 24.01 -42.50
C GLN I 198 -7.52 24.29 -42.27
N THR I 199 -8.37 23.34 -42.59
CA THR I 199 -9.81 23.61 -42.66
C THR I 199 -10.63 22.50 -42.00
N ARG I 200 -11.52 22.90 -41.10
CA ARG I 200 -12.46 21.98 -40.46
C ARG I 200 -13.35 21.29 -41.50
N GLN I 201 -13.55 19.98 -41.34
CA GLN I 201 -14.45 19.19 -42.15
C GLN I 201 -15.21 18.19 -41.30
N VAL I 202 -16.34 17.73 -41.85
CA VAL I 202 -17.12 16.64 -41.29
C VAL I 202 -17.00 15.42 -42.21
N GLN I 203 -16.85 14.24 -41.63
CA GLN I 203 -16.75 12.98 -42.36
C GLN I 203 -17.55 11.89 -41.69
N HIS I 204 -17.90 10.87 -42.47
CA HIS I 204 -18.61 9.69 -41.99
C HIS I 204 -17.81 8.46 -42.35
N TYR I 205 -17.90 7.41 -41.54
CA TYR I 205 -17.13 6.18 -41.70
C TYR I 205 -18.07 4.99 -41.62
N SER I 206 -17.71 3.89 -42.26
CA SER I 206 -18.54 2.68 -42.34
C SER I 206 -18.93 2.10 -40.99
N CYS I 207 -18.04 2.18 -40.01
CA CYS I 207 -18.25 1.60 -38.68
C CYS I 207 -19.44 2.18 -37.88
N CYS I 208 -19.83 3.41 -38.20
CA CYS I 208 -20.42 4.33 -37.23
C CYS I 208 -21.40 5.26 -37.96
N PRO I 209 -22.61 5.51 -37.40
CA PRO I 209 -23.50 6.48 -38.05
C PRO I 209 -23.19 7.97 -37.75
N GLU I 210 -22.38 8.26 -36.74
CA GLU I 210 -22.19 9.64 -36.26
C GLU I 210 -21.13 10.38 -37.08
N PRO I 211 -21.27 11.70 -37.23
CA PRO I 211 -20.22 12.49 -37.91
C PRO I 211 -18.95 12.54 -37.05
N TYR I 212 -17.80 12.50 -37.72
CA TYR I 212 -16.50 12.68 -37.11
C TYR I 212 -15.92 13.95 -37.71
N ILE I 213 -15.18 14.70 -36.89
CA ILE I 213 -14.65 15.99 -37.32
C ILE I 213 -13.16 15.85 -37.56
N ASP I 214 -12.67 16.52 -38.60
CA ASP I 214 -11.24 16.60 -38.84
C ASP I 214 -10.86 17.99 -39.29
N VAL I 215 -9.56 18.26 -39.23
CA VAL I 215 -8.95 19.41 -39.87
C VAL I 215 -8.11 18.89 -41.02
N ASN I 216 -8.43 19.39 -42.22
CA ASN I 216 -7.79 18.96 -43.45
C ASN I 216 -6.65 19.91 -43.77
N LEU I 217 -5.42 19.37 -43.75
CA LEU I 217 -4.21 20.12 -44.04
C LEU I 217 -3.91 19.93 -45.51
N VAL I 218 -3.98 21.02 -46.28
CA VAL I 218 -3.80 20.98 -47.73
C VAL I 218 -2.57 21.80 -48.08
N VAL I 219 -1.57 21.16 -48.68
CA VAL I 219 -0.31 21.81 -48.97
C VAL I 219 0.00 21.69 -50.45
N LYS I 220 0.26 22.83 -51.07
CA LYS I 220 0.71 22.89 -52.45
C LYS I 220 2.18 23.30 -52.44
N PHE I 221 3.01 22.52 -53.12
CA PHE I 221 4.46 22.72 -53.10
C PHE I 221 5.13 22.30 -54.40
N ARG I 222 6.36 22.76 -54.55
CA ARG I 222 7.18 22.37 -55.71
C ARG I 222 8.63 22.44 -55.34
N GLU I 223 9.48 21.84 -56.19
CA GLU I 223 10.92 21.90 -55.97
C GLU I 223 11.38 23.34 -56.05
N ARG I 224 12.27 23.72 -55.13
CA ARG I 224 12.72 25.11 -55.04
C ARG I 224 13.59 25.46 -56.26
N ARG I 225 13.37 26.65 -56.80
CA ARG I 225 14.15 27.18 -57.94
C ARG I 225 15.63 27.40 -57.61
N GLN J 20 -18.42 14.16 -16.21
CA GLN J 20 -17.25 13.40 -15.77
C GLN J 20 -17.66 12.38 -14.68
N ALA J 21 -18.42 12.88 -13.70
CA ALA J 21 -18.67 12.16 -12.43
C ALA J 21 -19.25 10.77 -12.60
N ASN J 22 -20.30 10.67 -13.41
CA ASN J 22 -20.94 9.38 -13.63
C ASN J 22 -20.03 8.41 -14.38
N LEU J 23 -19.29 8.91 -15.38
CA LEU J 23 -18.37 8.06 -16.13
C LEU J 23 -17.23 7.55 -15.24
N MET J 24 -16.68 8.44 -14.41
CA MET J 24 -15.62 8.06 -13.47
C MET J 24 -16.09 6.95 -12.55
N ARG J 25 -17.33 7.08 -12.11
CA ARG J 25 -17.94 6.09 -11.24
C ARG J 25 -18.14 4.77 -11.98
N LEU J 26 -18.63 4.83 -13.22
CA LEU J 26 -18.81 3.64 -14.05
C LEU J 26 -17.48 2.91 -14.29
N LYS J 27 -16.45 3.66 -14.63
CA LYS J 27 -15.16 3.05 -14.94
C LYS J 27 -14.56 2.39 -13.69
N SER J 28 -14.65 3.08 -12.55
CA SER J 28 -14.22 2.51 -11.28
C SER J 28 -14.95 1.20 -10.93
N ASP J 29 -16.27 1.18 -11.13
CA ASP J 29 -17.05 -0.02 -10.89
C ASP J 29 -16.71 -1.17 -11.86
N LEU J 30 -16.52 -0.88 -13.14
CA LEU J 30 -16.17 -1.92 -14.11
C LEU J 30 -14.75 -2.48 -13.94
N PHE J 31 -13.80 -1.62 -13.61
CA PHE J 31 -12.37 -1.99 -13.69
C PHE J 31 -11.61 -2.13 -12.38
N ASN J 32 -12.01 -1.44 -11.32
CA ASN J 32 -11.24 -1.44 -10.06
C ASN J 32 -11.75 -2.39 -8.99
N ARG J 33 -12.84 -3.11 -9.23
CA ARG J 33 -13.42 -4.03 -8.24
C ARG J 33 -13.05 -5.49 -8.45
N SER J 34 -13.23 -6.00 -9.68
CA SER J 34 -12.95 -7.40 -9.98
C SER J 34 -11.55 -7.56 -10.54
N PRO J 35 -11.02 -8.81 -10.57
CA PRO J 35 -9.82 -9.03 -11.40
C PRO J 35 -10.19 -8.87 -12.88
N MET J 36 -9.17 -8.65 -13.72
CA MET J 36 -9.45 -8.47 -15.15
C MET J 36 -10.02 -9.77 -15.71
N TYR J 37 -10.85 -9.63 -16.73
CA TYR J 37 -11.38 -10.77 -17.48
C TYR J 37 -10.15 -11.58 -17.94
N PRO J 38 -10.11 -12.88 -17.64
CA PRO J 38 -8.97 -13.73 -17.95
C PRO J 38 -8.97 -14.32 -19.38
N GLY J 39 -9.88 -13.86 -20.23
CA GLY J 39 -9.96 -14.32 -21.60
C GLY J 39 -10.95 -15.46 -21.72
N PRO J 40 -11.29 -15.84 -22.94
CA PRO J 40 -12.28 -16.89 -23.14
C PRO J 40 -11.76 -18.28 -22.81
N THR J 41 -12.72 -19.18 -22.59
CA THR J 41 -12.45 -20.57 -22.25
C THR J 41 -13.40 -21.45 -23.03
N LYS J 42 -13.15 -22.75 -23.01
CA LYS J 42 -14.03 -23.74 -23.63
C LYS J 42 -15.46 -23.65 -23.07
N ASP J 43 -15.60 -23.32 -21.79
CA ASP J 43 -16.91 -23.12 -21.11
C ASP J 43 -17.57 -21.77 -21.39
N ASP J 44 -16.75 -20.75 -21.67
CA ASP J 44 -17.24 -19.39 -21.97
C ASP J 44 -16.58 -18.87 -23.27
N PRO J 45 -16.92 -19.47 -24.42
CA PRO J 45 -16.27 -19.06 -25.67
C PRO J 45 -16.77 -17.72 -26.15
N LEU J 46 -16.04 -17.17 -27.11
CA LEU J 46 -16.26 -15.80 -27.57
C LEU J 46 -16.20 -15.79 -29.09
N THR J 47 -17.08 -15.03 -29.72
CA THR J 47 -17.03 -14.82 -31.16
C THR J 47 -16.58 -13.38 -31.45
N VAL J 48 -15.51 -13.25 -32.23
CA VAL J 48 -15.00 -11.95 -32.67
C VAL J 48 -15.39 -11.72 -34.13
N THR J 49 -16.02 -10.59 -34.40
CA THR J 49 -16.35 -10.20 -35.75
C THR J 49 -15.22 -9.32 -36.28
N LEU J 50 -14.66 -9.69 -37.45
CA LEU J 50 -13.60 -8.93 -38.11
C LEU J 50 -14.05 -8.37 -39.44
N GLY J 51 -13.54 -7.19 -39.77
CA GLY J 51 -13.73 -6.61 -41.09
C GLY J 51 -12.58 -5.66 -41.43
N PHE J 52 -12.15 -5.68 -42.69
CA PHE J 52 -11.00 -4.90 -43.12
C PHE J 52 -11.40 -3.74 -44.00
N THR J 53 -10.74 -2.62 -43.79
CA THR J 53 -10.84 -1.46 -44.66
C THR J 53 -9.44 -1.20 -45.21
N LEU J 54 -9.25 -1.49 -46.50
CA LEU J 54 -7.95 -1.40 -47.13
C LEU J 54 -7.72 0.03 -47.64
N GLN J 55 -6.66 0.66 -47.16
CA GLN J 55 -6.32 2.04 -47.51
C GLN J 55 -5.27 2.15 -48.60
N ASP J 56 -4.26 1.29 -48.59
CA ASP J 56 -3.17 1.42 -49.56
C ASP J 56 -2.32 0.18 -49.62
N ILE J 57 -1.95 -0.22 -50.84
CA ILE J 57 -0.81 -1.11 -51.04
C ILE J 57 0.34 -0.13 -51.27
N VAL J 58 1.19 0.00 -50.27
CA VAL J 58 2.17 1.06 -50.21
C VAL J 58 3.40 0.68 -51.00
N LYS J 59 3.86 -0.55 -50.82
CA LYS J 59 4.97 -1.03 -51.63
C LYS J 59 5.08 -2.53 -51.77
N VAL J 60 5.79 -2.90 -52.82
CA VAL J 60 6.07 -4.30 -53.14
C VAL J 60 7.58 -4.41 -53.25
N ASP J 61 8.12 -5.51 -52.77
CA ASP J 61 9.56 -5.76 -52.85
C ASP J 61 9.72 -7.07 -53.59
N SER J 62 10.00 -6.96 -54.89
CA SER J 62 10.15 -8.12 -55.74
C SER J 62 11.44 -8.88 -55.47
N SER J 63 12.39 -8.32 -54.76
CA SER J 63 13.60 -9.08 -54.41
C SER J 63 13.42 -10.00 -53.19
N THR J 64 12.42 -9.72 -52.34
CA THR J 64 12.16 -10.52 -51.12
C THR J 64 10.78 -11.15 -51.04
N ASN J 65 9.92 -10.86 -52.03
CA ASN J 65 8.53 -11.26 -52.04
C ASN J 65 7.80 -10.87 -50.74
N GLU J 66 7.90 -9.58 -50.42
CA GLU J 66 7.19 -8.94 -49.33
C GLU J 66 6.36 -7.80 -49.92
N VAL J 67 5.12 -7.67 -49.44
CA VAL J 67 4.27 -6.54 -49.78
C VAL J 67 3.78 -5.87 -48.51
N ASP J 68 3.63 -4.55 -48.58
CA ASP J 68 3.20 -3.72 -47.46
C ASP J 68 1.81 -3.12 -47.69
N LEU J 69 0.89 -3.41 -46.76
CA LEU J 69 -0.48 -2.89 -46.76
C LEU J 69 -0.69 -1.93 -45.60
N VAL J 70 -1.49 -0.92 -45.83
CA VAL J 70 -2.04 -0.08 -44.77
C VAL J 70 -3.53 -0.29 -44.79
N TYR J 71 -4.08 -0.63 -43.63
CA TYR J 71 -5.50 -0.90 -43.48
C TYR J 71 -5.92 -0.62 -42.05
N TYR J 72 -7.23 -0.61 -41.83
CA TYR J 72 -7.74 -0.76 -40.49
C TYR J 72 -8.70 -1.92 -40.36
N GLU J 73 -8.61 -2.54 -39.18
CA GLU J 73 -9.24 -3.80 -38.88
C GLU J 73 -10.27 -3.58 -37.76
N GLN J 74 -11.55 -3.64 -38.13
CA GLN J 74 -12.61 -3.50 -37.16
C GLN J 74 -12.80 -4.83 -36.44
N GLN J 75 -12.68 -4.77 -35.11
CA GLN J 75 -12.88 -5.94 -34.25
C GLN J 75 -14.06 -5.68 -33.33
N ARG J 76 -14.94 -6.67 -33.19
CA ARG J 76 -16.12 -6.54 -32.31
C ARG J 76 -16.31 -7.85 -31.53
N TRP J 77 -16.53 -7.71 -30.23
CA TRP J 77 -16.91 -8.83 -29.37
C TRP J 77 -17.76 -8.31 -28.20
N LYS J 78 -18.27 -9.23 -27.37
CA LYS J 78 -19.21 -8.90 -26.31
C LYS J 78 -18.88 -9.71 -25.06
N LEU J 79 -18.78 -9.03 -23.92
CA LEU J 79 -18.54 -9.68 -22.61
C LEU J 79 -19.61 -9.26 -21.60
N ASN J 80 -20.12 -10.23 -20.85
CA ASN J 80 -21.08 -9.96 -19.77
C ASN J 80 -20.44 -9.10 -18.68
N SER J 81 -19.15 -9.30 -18.40
CA SER J 81 -18.45 -8.48 -17.40
C SER J 81 -18.29 -6.99 -17.73
N LEU J 82 -18.66 -6.56 -18.94
CA LEU J 82 -18.64 -5.13 -19.30
C LEU J 82 -20.04 -4.53 -19.41
N MET J 83 -21.04 -5.25 -18.95
CA MET J 83 -22.43 -4.74 -18.97
C MET J 83 -22.67 -3.77 -17.80
N TRP J 84 -23.51 -2.78 -18.06
CA TRP J 84 -24.06 -1.94 -17.00
C TRP J 84 -25.43 -1.46 -17.38
N ASP J 85 -26.15 -0.99 -16.36
CA ASP J 85 -27.47 -0.38 -16.51
C ASP J 85 -27.27 1.13 -16.65
N PRO J 86 -27.59 1.72 -17.82
CA PRO J 86 -27.40 3.17 -17.97
C PRO J 86 -28.14 4.06 -16.94
N ASN J 87 -29.27 3.59 -16.42
CA ASN J 87 -30.05 4.31 -15.40
C ASN J 87 -29.23 4.62 -14.16
N GLU J 88 -28.42 3.65 -13.74
CA GLU J 88 -27.53 3.81 -12.58
C GLU J 88 -26.28 4.67 -12.80
N TYR J 89 -26.06 5.15 -14.03
CA TYR J 89 -24.84 5.89 -14.38
C TYR J 89 -25.13 7.05 -15.30
N GLY J 90 -26.16 7.81 -14.94
CA GLY J 90 -26.51 9.05 -15.65
C GLY J 90 -26.83 8.92 -17.11
N ASN J 91 -27.47 7.79 -17.47
CA ASN J 91 -27.82 7.46 -18.88
C ASN J 91 -26.62 7.31 -19.83
N ILE J 92 -25.44 6.99 -19.30
CA ILE J 92 -24.28 6.67 -20.14
C ILE J 92 -24.56 5.35 -20.85
N THR J 93 -24.57 5.39 -22.18
CA THR J 93 -24.73 4.18 -23.01
C THR J 93 -23.42 3.62 -23.58
N ASP J 94 -22.37 4.44 -23.65
CA ASP J 94 -21.04 3.96 -24.07
C ASP J 94 -19.92 4.87 -23.58
N PHE J 95 -18.69 4.39 -23.71
CA PHE J 95 -17.53 5.20 -23.38
C PHE J 95 -16.27 4.71 -24.09
N ARG J 96 -15.29 5.60 -24.21
CA ARG J 96 -13.99 5.32 -24.77
C ARG J 96 -13.05 5.01 -23.64
N THR J 97 -12.22 4.00 -23.84
CA THR J 97 -11.21 3.68 -22.86
C THR J 97 -9.99 3.06 -23.52
N SER J 98 -8.84 3.25 -22.89
CA SER J 98 -7.60 2.63 -23.31
C SER J 98 -7.79 1.12 -23.44
N ALA J 99 -7.26 0.56 -24.53
CA ALA J 99 -7.32 -0.88 -24.77
C ALA J 99 -6.57 -1.70 -23.71
N ALA J 100 -5.62 -1.06 -23.01
CA ALA J 100 -4.96 -1.70 -21.86
C ALA J 100 -5.88 -1.94 -20.65
N ASP J 101 -6.99 -1.21 -20.56
CA ASP J 101 -7.99 -1.41 -19.47
C ASP J 101 -8.83 -2.68 -19.65
N ILE J 102 -8.86 -3.23 -20.86
CA ILE J 102 -9.72 -4.36 -21.16
C ILE J 102 -8.94 -5.50 -21.81
N TRP J 103 -9.52 -6.68 -21.79
CA TRP J 103 -9.01 -7.76 -22.59
C TRP J 103 -9.29 -7.44 -24.05
N THR J 104 -8.34 -7.75 -24.91
CA THR J 104 -8.54 -7.68 -26.37
C THR J 104 -8.05 -8.96 -27.02
N PRO J 105 -8.67 -9.36 -28.14
CA PRO J 105 -8.26 -10.60 -28.80
C PRO J 105 -6.90 -10.45 -29.48
N ASP J 106 -6.15 -11.54 -29.48
CA ASP J 106 -4.78 -11.58 -30.01
C ASP J 106 -4.75 -11.88 -31.53
N ILE J 107 -5.44 -11.07 -32.30
CA ILE J 107 -5.60 -11.32 -33.74
C ILE J 107 -4.27 -11.02 -34.43
N THR J 108 -3.76 -12.01 -35.15
CA THR J 108 -2.40 -12.01 -35.67
C THR J 108 -2.40 -12.38 -37.13
N ALA J 109 -1.61 -11.69 -37.94
CA ALA J 109 -1.37 -12.08 -39.33
C ALA J 109 -0.43 -13.30 -39.34
N TYR J 110 -0.78 -14.33 -40.11
CA TYR J 110 -0.04 -15.59 -40.09
C TYR J 110 1.18 -15.66 -41.02
N SER J 111 1.35 -14.67 -41.88
CA SER J 111 2.48 -14.68 -42.81
C SER J 111 3.16 -13.30 -42.85
N SER J 112 3.17 -12.62 -41.71
CA SER J 112 3.90 -11.37 -41.57
C SER J 112 5.40 -11.63 -41.65
N THR J 113 6.14 -10.63 -42.13
CA THR J 113 7.62 -10.70 -42.14
C THR J 113 8.31 -9.67 -41.24
N ARG J 114 7.51 -8.78 -40.63
CA ARG J 114 7.99 -7.74 -39.72
C ARG J 114 6.90 -7.54 -38.66
N PRO J 115 7.26 -7.00 -37.50
CA PRO J 115 6.19 -6.62 -36.58
C PRO J 115 5.25 -5.59 -37.23
N VAL J 116 3.97 -5.75 -36.96
CA VAL J 116 2.96 -4.83 -37.42
C VAL J 116 3.23 -3.45 -36.80
N GLN J 117 3.07 -2.40 -37.59
CA GLN J 117 3.21 -1.03 -37.08
C GLN J 117 1.84 -0.45 -36.80
N VAL J 118 1.68 0.15 -35.63
CA VAL J 118 0.40 0.65 -35.16
C VAL J 118 0.28 2.09 -35.60
N LEU J 119 -0.82 2.42 -36.27
CA LEU J 119 -1.01 3.77 -36.85
C LEU J 119 -2.14 4.58 -36.21
N SER J 120 -2.83 4.02 -35.22
CA SER J 120 -3.93 4.70 -34.56
C SER J 120 -3.85 4.50 -33.04
N PRO J 121 -4.49 5.38 -32.26
CA PRO J 121 -4.49 5.25 -30.79
C PRO J 121 -5.15 3.96 -30.33
N GLN J 122 -4.60 3.37 -29.27
CA GLN J 122 -5.07 2.09 -28.74
C GLN J 122 -6.21 2.35 -27.76
N ILE J 123 -7.35 2.71 -28.33
CA ILE J 123 -8.53 3.12 -27.57
C ILE J 123 -9.70 2.39 -28.19
N ALA J 124 -10.52 1.78 -27.34
CA ALA J 124 -11.74 1.08 -27.74
C ALA J 124 -12.99 1.80 -27.25
N VAL J 125 -14.13 1.44 -27.83
CA VAL J 125 -15.43 1.95 -27.42
C VAL J 125 -16.19 0.79 -26.81
N VAL J 126 -16.63 0.99 -25.56
CA VAL J 126 -17.40 -0.04 -24.84
C VAL J 126 -18.83 0.47 -24.70
N THR J 127 -19.78 -0.41 -24.97
CA THR J 127 -21.22 -0.08 -24.95
C THR J 127 -21.91 -0.86 -23.83
N HIS J 128 -23.02 -0.31 -23.32
CA HIS J 128 -23.70 -0.81 -22.09
C HIS J 128 -24.13 -2.28 -22.12
N ASP J 129 -24.38 -2.80 -23.31
CA ASP J 129 -24.65 -4.25 -23.48
C ASP J 129 -23.42 -5.14 -23.34
N GLY J 130 -22.26 -4.56 -23.08
CA GLY J 130 -21.03 -5.31 -22.91
C GLY J 130 -20.25 -5.51 -24.21
N SER J 131 -20.70 -4.86 -25.28
CA SER J 131 -20.04 -4.98 -26.58
C SER J 131 -18.88 -4.00 -26.67
N VAL J 132 -17.82 -4.44 -27.35
CA VAL J 132 -16.64 -3.63 -27.55
C VAL J 132 -16.39 -3.48 -29.05
N MET J 133 -16.00 -2.28 -29.46
CA MET J 133 -15.50 -2.02 -30.79
C MET J 133 -14.08 -1.45 -30.72
N PHE J 134 -13.16 -2.12 -31.40
CA PHE J 134 -11.74 -1.71 -31.43
C PHE J 134 -11.27 -1.78 -32.88
N ILE J 135 -10.72 -0.66 -33.38
CA ILE J 135 -10.40 -0.52 -34.80
C ILE J 135 -8.96 -0.04 -35.02
N PRO J 136 -7.99 -0.94 -34.79
CA PRO J 136 -6.57 -0.59 -35.00
C PRO J 136 -6.20 -0.40 -36.49
N ALA J 137 -5.58 0.74 -36.79
CA ALA J 137 -4.96 0.95 -38.09
C ALA J 137 -3.55 0.40 -38.03
N GLN J 138 -3.16 -0.31 -39.09
CA GLN J 138 -1.92 -1.06 -39.11
C GLN J 138 -1.21 -0.95 -40.45
N ARG J 139 0.11 -1.01 -40.41
CA ARG J 139 0.91 -1.30 -41.60
C ARG J 139 1.55 -2.66 -41.42
N LEU J 140 1.31 -3.53 -42.40
CA LEU J 140 1.74 -4.93 -42.38
C LEU J 140 2.62 -5.24 -43.58
N SER J 141 3.79 -5.85 -43.34
CA SER J 141 4.59 -6.51 -44.38
C SER J 141 4.32 -7.99 -44.31
N PHE J 142 3.93 -8.58 -45.43
CA PHE J 142 3.61 -10.01 -45.48
C PHE J 142 4.13 -10.66 -46.76
N MET J 143 4.13 -11.99 -46.75
CA MET J 143 4.69 -12.81 -47.82
C MET J 143 3.77 -12.78 -49.04
N CYS J 144 4.31 -12.29 -50.16
CA CYS J 144 3.54 -12.11 -51.37
C CYS J 144 4.51 -11.90 -52.55
N ASP J 145 4.33 -12.70 -53.60
CA ASP J 145 5.14 -12.62 -54.80
C ASP J 145 4.44 -11.65 -55.78
N PRO J 146 5.04 -10.47 -56.01
CA PRO J 146 4.45 -9.47 -56.89
C PRO J 146 4.79 -9.61 -58.38
N THR J 147 5.47 -10.68 -58.79
CA THR J 147 5.80 -10.90 -60.19
C THR J 147 4.51 -10.93 -61.04
N GLY J 148 4.43 -10.03 -62.02
CA GLY J 148 3.25 -9.90 -62.88
C GLY J 148 2.30 -8.79 -62.48
N VAL J 149 2.66 -8.03 -61.45
CA VAL J 149 1.82 -6.93 -60.98
C VAL J 149 1.68 -5.86 -62.06
N ASP J 150 2.72 -5.72 -62.90
CA ASP J 150 2.71 -4.76 -64.02
C ASP J 150 1.96 -5.25 -65.29
N SER J 151 1.21 -6.33 -65.18
CA SER J 151 0.41 -6.85 -66.26
C SER J 151 -1.06 -6.53 -66.04
N GLU J 152 -1.84 -6.80 -67.07
CA GLU J 152 -3.29 -6.57 -67.04
C GLU J 152 -3.98 -7.48 -66.03
N GLU J 153 -3.50 -8.71 -65.90
CA GLU J 153 -4.10 -9.71 -65.02
C GLU J 153 -3.76 -9.46 -63.56
N GLY J 154 -2.64 -8.76 -63.31
CA GLY J 154 -2.19 -8.47 -61.96
C GLY J 154 -1.75 -9.71 -61.21
N VAL J 155 -1.73 -9.60 -59.88
CA VAL J 155 -1.34 -10.71 -59.00
C VAL J 155 -2.34 -10.82 -57.87
N THR J 156 -2.35 -12.00 -57.26
CA THR J 156 -3.23 -12.28 -56.16
C THR J 156 -2.34 -12.60 -54.97
N CYS J 157 -2.69 -12.02 -53.83
CA CYS J 157 -2.06 -12.34 -52.57
C CYS J 157 -3.05 -12.58 -51.47
N ALA J 158 -2.59 -13.25 -50.43
CA ALA J 158 -3.46 -13.69 -49.34
C ALA J 158 -2.71 -13.71 -48.01
N VAL J 159 -3.42 -13.33 -46.97
CA VAL J 159 -2.89 -13.40 -45.61
C VAL J 159 -4.04 -13.75 -44.67
N LYS J 160 -3.77 -14.71 -43.78
CA LYS J 160 -4.73 -15.15 -42.78
C LYS J 160 -4.57 -14.38 -41.47
N PHE J 161 -5.69 -13.93 -40.91
CA PHE J 161 -5.72 -13.26 -39.61
C PHE J 161 -6.51 -14.11 -38.63
N GLY J 162 -5.92 -14.41 -37.48
CA GLY J 162 -6.60 -15.20 -36.47
C GLY J 162 -5.89 -15.13 -35.14
N SER J 163 -6.53 -15.67 -34.12
CA SER J 163 -5.89 -15.81 -32.83
C SER J 163 -4.65 -16.67 -33.01
N TRP J 164 -3.56 -16.26 -32.38
CA TRP J 164 -2.34 -17.06 -32.35
C TRP J 164 -2.46 -18.25 -31.37
N VAL J 165 -3.14 -18.04 -30.25
CA VAL J 165 -3.09 -19.00 -29.13
C VAL J 165 -4.41 -19.66 -28.75
N TYR J 166 -5.54 -19.13 -29.23
CA TYR J 166 -6.85 -19.68 -28.87
C TYR J 166 -7.42 -20.47 -30.04
N SER J 167 -7.80 -21.72 -29.78
CA SER J 167 -8.44 -22.56 -30.78
C SER J 167 -9.87 -22.11 -31.02
N GLY J 168 -10.52 -22.77 -31.98
CA GLY J 168 -11.94 -22.57 -32.25
C GLY J 168 -12.88 -22.87 -31.09
N PHE J 169 -12.43 -23.65 -30.11
CA PHE J 169 -13.22 -23.88 -28.89
C PHE J 169 -13.29 -22.68 -27.94
N GLU J 170 -12.36 -21.72 -28.08
CA GLU J 170 -12.38 -20.51 -27.24
C GLU J 170 -12.69 -19.25 -28.02
N ILE J 171 -12.12 -19.12 -29.22
CA ILE J 171 -12.42 -17.97 -30.09
C ILE J 171 -12.88 -18.45 -31.46
N ASP J 172 -14.09 -18.07 -31.82
CA ASP J 172 -14.60 -18.20 -33.16
C ASP J 172 -14.54 -16.82 -33.80
N LEU J 173 -14.49 -16.80 -35.13
CA LEU J 173 -14.48 -15.56 -35.89
C LEU J 173 -15.61 -15.58 -36.87
N LYS J 174 -16.09 -14.38 -37.21
CA LYS J 174 -16.98 -14.22 -38.34
C LYS J 174 -16.70 -12.88 -39.01
N THR J 175 -17.24 -12.74 -40.22
CA THR J 175 -17.31 -11.46 -40.91
C THR J 175 -18.79 -11.12 -41.10
N ASP J 176 -19.09 -9.84 -41.22
CA ASP J 176 -20.44 -9.38 -41.57
C ASP J 176 -20.65 -9.42 -43.08
N THR J 177 -19.56 -9.23 -43.83
CA THR J 177 -19.60 -9.36 -45.28
C THR J 177 -18.26 -9.95 -45.71
N ASP J 178 -18.25 -10.64 -46.85
CA ASP J 178 -17.02 -11.15 -47.44
C ASP J 178 -16.31 -10.13 -48.33
N GLN J 179 -16.91 -8.95 -48.53
CA GLN J 179 -16.31 -7.90 -49.32
C GLN J 179 -15.52 -6.95 -48.43
N VAL J 180 -14.22 -6.82 -48.71
CA VAL J 180 -13.38 -5.85 -48.02
C VAL J 180 -13.86 -4.45 -48.39
N ASP J 181 -13.83 -3.54 -47.42
CA ASP J 181 -14.25 -2.17 -47.67
C ASP J 181 -13.12 -1.43 -48.40
N LEU J 182 -13.41 -1.00 -49.63
CA LEU J 182 -12.47 -0.28 -50.48
C LEU J 182 -12.83 1.19 -50.68
N SER J 183 -13.79 1.70 -49.92
CA SER J 183 -14.31 3.05 -50.15
C SER J 183 -13.37 4.16 -49.67
N SER J 184 -12.38 3.82 -48.86
CA SER J 184 -11.30 4.75 -48.49
C SER J 184 -9.95 4.37 -49.13
N TYR J 185 -9.94 3.54 -50.16
CA TYR J 185 -8.68 3.14 -50.80
C TYR J 185 -8.08 4.36 -51.48
N TYR J 186 -6.79 4.59 -51.25
CA TYR J 186 -6.07 5.74 -51.79
C TYR J 186 -6.12 5.80 -53.32
N ALA J 187 -6.74 6.85 -53.85
CA ALA J 187 -7.02 6.97 -55.28
C ALA J 187 -5.76 7.12 -56.13
N SER J 188 -4.68 7.65 -55.55
CA SER J 188 -3.41 7.79 -56.28
C SER J 188 -2.35 6.77 -55.88
N SER J 189 -2.77 5.64 -55.32
CA SER J 189 -1.86 4.54 -55.03
C SER J 189 -1.17 4.09 -56.32
N LYS J 190 0.04 3.55 -56.19
CA LYS J 190 0.69 2.90 -57.32
C LYS J 190 -0.07 1.67 -57.81
N TYR J 191 -0.89 1.06 -56.94
CA TYR J 191 -1.59 -0.16 -57.26
C TYR J 191 -3.09 0.06 -57.19
N GLU J 192 -3.80 -0.55 -58.15
CA GLU J 192 -5.24 -0.55 -58.11
C GLU J 192 -5.71 -1.95 -57.70
N ILE J 193 -6.83 -1.97 -56.99
CA ILE J 193 -7.39 -3.21 -56.47
C ILE J 193 -8.42 -3.73 -57.45
N LEU J 194 -8.25 -4.97 -57.87
CA LEU J 194 -9.20 -5.63 -58.74
C LEU J 194 -10.27 -6.35 -57.94
N SER J 195 -9.87 -7.00 -56.84
CA SER J 195 -10.82 -7.55 -55.90
C SER J 195 -10.19 -7.72 -54.54
N ALA J 196 -11.04 -7.75 -53.52
CA ALA J 196 -10.58 -7.91 -52.14
C ALA J 196 -11.67 -8.54 -51.30
N THR J 197 -11.39 -9.75 -50.81
CA THR J 197 -12.34 -10.51 -50.04
C THR J 197 -11.76 -10.92 -48.69
N GLN J 198 -12.66 -11.18 -47.76
CA GLN J 198 -12.33 -11.57 -46.38
C GLN J 198 -13.24 -12.72 -46.00
N THR J 199 -12.69 -13.90 -45.76
CA THR J 199 -13.48 -15.12 -45.64
C THR J 199 -13.02 -15.99 -44.46
N ARG J 200 -13.96 -16.38 -43.62
CA ARG J 200 -13.71 -17.30 -42.51
C ARG J 200 -13.19 -18.63 -43.04
N GLN J 201 -12.17 -19.17 -42.37
CA GLN J 201 -11.62 -20.49 -42.64
C GLN J 201 -11.28 -21.21 -41.35
N VAL J 202 -11.19 -22.54 -41.46
CA VAL J 202 -10.70 -23.41 -40.41
C VAL J 202 -9.34 -23.98 -40.84
N GLN J 203 -8.38 -24.02 -39.91
CA GLN J 203 -7.04 -24.56 -40.15
C GLN J 203 -6.60 -25.42 -38.98
N HIS J 204 -5.65 -26.29 -39.27
CA HIS J 204 -5.02 -27.16 -38.27
C HIS J 204 -3.52 -26.93 -38.33
N TYR J 205 -2.86 -27.10 -37.19
CA TYR J 205 -1.42 -26.85 -37.04
C TYR J 205 -0.79 -28.05 -36.36
N SER J 206 0.48 -28.29 -36.64
CA SER J 206 1.23 -29.44 -36.08
C SER J 206 1.23 -29.51 -34.56
N CYS J 207 1.27 -28.36 -33.90
CA CYS J 207 1.36 -28.30 -32.43
C CYS J 207 0.17 -28.92 -31.66
N CYS J 208 -0.99 -28.98 -32.30
CA CYS J 208 -2.29 -28.92 -31.64
C CYS J 208 -3.31 -29.76 -32.43
N PRO J 209 -4.14 -30.58 -31.76
CA PRO J 209 -5.19 -31.29 -32.52
C PRO J 209 -6.46 -30.46 -32.86
N GLU J 210 -6.65 -29.31 -32.20
CA GLU J 210 -7.90 -28.56 -32.30
C GLU J 210 -7.90 -27.63 -33.53
N PRO J 211 -9.09 -27.38 -34.12
CA PRO J 211 -9.17 -26.42 -35.23
C PRO J 211 -8.95 -24.99 -34.71
N TYR J 212 -8.26 -24.19 -35.53
CA TYR J 212 -8.07 -22.77 -35.29
C TYR J 212 -8.80 -22.05 -36.41
N ILE J 213 -9.37 -20.89 -36.08
CA ILE J 213 -10.17 -20.15 -37.04
C ILE J 213 -9.39 -18.93 -37.49
N ASP J 214 -9.50 -18.61 -38.77
CA ASP J 214 -8.93 -17.38 -39.30
C ASP J 214 -9.88 -16.75 -40.30
N VAL J 215 -9.61 -15.47 -40.60
CA VAL J 215 -10.21 -14.77 -41.72
C VAL J 215 -9.10 -14.55 -42.75
N ASN J 216 -9.35 -15.06 -43.96
CA ASN J 216 -8.39 -15.02 -45.05
C ASN J 216 -8.67 -13.80 -45.91
N LEU J 217 -7.72 -12.87 -45.94
CA LEU J 217 -7.80 -11.65 -46.72
C LEU J 217 -7.12 -11.93 -48.04
N VAL J 218 -7.89 -11.89 -49.12
CA VAL J 218 -7.40 -12.20 -50.47
C VAL J 218 -7.53 -10.96 -51.34
N VAL J 219 -6.40 -10.46 -51.83
CA VAL J 219 -6.39 -9.22 -52.59
C VAL J 219 -5.76 -9.46 -53.95
N LYS J 220 -6.47 -9.07 -54.99
CA LYS J 220 -5.97 -9.08 -56.34
C LYS J 220 -5.73 -7.64 -56.77
N PHE J 221 -4.53 -7.36 -57.25
CA PHE J 221 -4.13 -6.00 -57.60
C PHE J 221 -3.14 -5.95 -58.75
N ARG J 222 -3.00 -4.76 -59.31
CA ARG J 222 -2.02 -4.53 -60.37
C ARG J 222 -1.59 -3.08 -60.36
N GLU J 223 -0.52 -2.78 -61.06
CA GLU J 223 -0.05 -1.40 -61.18
C GLU J 223 -1.12 -0.56 -61.88
N ARG J 224 -1.35 0.64 -61.36
CA ARG J 224 -2.41 1.51 -61.88
C ARG J 224 -2.04 1.99 -63.30
N ARG J 225 -3.04 1.98 -64.18
CA ARG J 225 -2.90 2.47 -65.58
C ARG J 225 -2.63 3.98 -65.64
#